data_7LXA
# 
_entry.id   7LXA 
# 
_audit_conform.dict_name       mmcif_pdbx.dic 
_audit_conform.dict_version    5.380 
_audit_conform.dict_location   http://mmcif.pdb.org/dictionaries/ascii/mmcif_pdbx.dic 
# 
loop_
_database_2.database_id 
_database_2.database_code 
_database_2.pdbx_database_accession 
_database_2.pdbx_DOI 
PDB   7LXA         pdb_00007lxa 10.2210/pdb7lxa/pdb 
WWPDB D_1000254732 ?            ?                   
# 
_pdbx_database_status.status_code                     REL 
_pdbx_database_status.status_code_sf                  REL 
_pdbx_database_status.status_code_mr                  ? 
_pdbx_database_status.entry_id                        7LXA 
_pdbx_database_status.recvd_initial_deposition_date   2021-03-03 
_pdbx_database_status.SG_entry                        N 
_pdbx_database_status.deposit_site                    RCSB 
_pdbx_database_status.process_site                    RCSB 
_pdbx_database_status.status_code_cs                  ? 
_pdbx_database_status.status_code_nmr_data            ? 
_pdbx_database_status.methods_development_category    ? 
_pdbx_database_status.pdb_format_compatible           Y 
# 
loop_
_audit_author.name 
_audit_author.pdbx_ordinal 
_audit_author.identifier_ORCID 
'Kamenik, A.S.'  1 ? 
'Singh, I.'      2 ? 
'Lak, P.'        3 ? 
'Balius, T.E.'   4 ? 
'Liedl, K.R.'    5 ? 
'Shoichet, B.K.' 6 ? 
# 
_citation.abstract                  ? 
_citation.abstract_id_CAS           ? 
_citation.book_id_ISBN              ? 
_citation.book_publisher            ? 
_citation.book_publisher_city       ? 
_citation.book_title                ? 
_citation.coordinate_linkage        ? 
_citation.country                   US 
_citation.database_id_Medline       ? 
_citation.details                   ? 
_citation.id                        primary 
_citation.journal_abbrev            Proc.Natl.Acad.Sci.USA 
_citation.journal_id_ASTM           PNASA6 
_citation.journal_id_CSD            0040 
_citation.journal_id_ISSN           1091-6490 
_citation.journal_full              ? 
_citation.journal_issue             ? 
_citation.journal_volume            118 
_citation.language                  ? 
_citation.page_first                ? 
_citation.page_last                 ? 
_citation.title                     'Energy penalties enhance flexible receptor docking in a model cavity.' 
_citation.year                      2021 
_citation.database_id_CSD           ? 
_citation.pdbx_database_id_DOI      10.1073/pnas.2106195118 
_citation.pdbx_database_id_PubMed   34475217 
_citation.pdbx_database_id_patent   ? 
_citation.unpublished_flag          ? 
# 
loop_
_citation_author.citation_id 
_citation_author.name 
_citation_author.ordinal 
_citation_author.identifier_ORCID 
primary 'Kamenik, A.S.'  1 0000-0001-8657-0036 
primary 'Singh, I.'      2 ?                   
primary 'Lak, P.'        3 ?                   
primary 'Balius, T.E.'   4 0000-0002-6811-4667 
primary 'Liedl, K.R.'    5 ?                   
primary 'Shoichet, B.K.' 6 0000-0002-6098-7367 
# 
_cell.angle_alpha                  90.000 
_cell.angle_alpha_esd              ? 
_cell.angle_beta                   90.000 
_cell.angle_beta_esd               ? 
_cell.angle_gamma                  120.000 
_cell.angle_gamma_esd              ? 
_cell.entry_id                     7LXA 
_cell.details                      ? 
_cell.formula_units_Z              ? 
_cell.length_a                     60.154 
_cell.length_a_esd                 ? 
_cell.length_b                     60.154 
_cell.length_b_esd                 ? 
_cell.length_c                     96.293 
_cell.length_c_esd                 ? 
_cell.volume                       ? 
_cell.volume_esd                   ? 
_cell.Z_PDB                        6 
_cell.reciprocal_angle_alpha       ? 
_cell.reciprocal_angle_beta        ? 
_cell.reciprocal_angle_gamma       ? 
_cell.reciprocal_angle_alpha_esd   ? 
_cell.reciprocal_angle_beta_esd    ? 
_cell.reciprocal_angle_gamma_esd   ? 
_cell.reciprocal_length_a          ? 
_cell.reciprocal_length_b          ? 
_cell.reciprocal_length_c          ? 
_cell.reciprocal_length_a_esd      ? 
_cell.reciprocal_length_b_esd      ? 
_cell.reciprocal_length_c_esd      ? 
_cell.pdbx_unique_axis             ? 
# 
_symmetry.entry_id                         7LXA 
_symmetry.cell_setting                     ? 
_symmetry.Int_Tables_number                154 
_symmetry.space_group_name_Hall            ? 
_symmetry.space_group_name_H-M             'P 32 2 1' 
_symmetry.pdbx_full_space_group_name_H-M   ? 
# 
loop_
_entity.id 
_entity.type 
_entity.src_method 
_entity.pdbx_description 
_entity.formula_weight 
_entity.pdbx_number_of_molecules 
_entity.pdbx_ec 
_entity.pdbx_mutation 
_entity.pdbx_fragment 
_entity.details 
1 polymer     man Lysozyme                                 19691.541 1   3.2.1.17 L99A ? ? 
2 non-polymer syn '(2-methylprop-2-en-1-yl)benzene'        132.202   1   ?        ?    ? ? 
3 non-polymer syn BETA-MERCAPTOETHANOL                     78.133    1   ?        ?    ? ? 
4 non-polymer nat 2-AMINO-2-HYDROXYMETHYL-PROPANE-1,3-DIOL 122.143   1   ?        ?    ? ? 
5 water       nat water                                    18.015    112 ?        ?    ? ? 
# 
_entity_name_com.entity_id   1 
_entity_name_com.name        'Lysis protein,Endolysin,Muramidase' 
# 
_entity_poly.entity_id                      1 
_entity_poly.type                           'polypeptide(L)' 
_entity_poly.nstd_linkage                   no 
_entity_poly.nstd_monomer                   no 
_entity_poly.pdbx_seq_one_letter_code       
;MNIFEMLRIDEGLRLKIYKDTEGYYTIGIGHLLTKSPSLNAAKSELDKAIGRNCNGVITKDEAEKLFNQDVDAAVRGILR
NAKLKPVYDSLDAVRRCAAINMVFQMGETGVAGFTNSLRMLQQKRWDEAAVNLAKSRWYNQTPNRAKRVITTFRTGTWDA
YKNLLEHHHHHH
;
_entity_poly.pdbx_seq_one_letter_code_can   
;MNIFEMLRIDEGLRLKIYKDTEGYYTIGIGHLLTKSPSLNAAKSELDKAIGRNCNGVITKDEAEKLFNQDVDAAVRGILR
NAKLKPVYDSLDAVRRCAAINMVFQMGETGVAGFTNSLRMLQQKRWDEAAVNLAKSRWYNQTPNRAKRVITTFRTGTWDA
YKNLLEHHHHHH
;
_entity_poly.pdbx_strand_id                 A 
_entity_poly.pdbx_target_identifier         ? 
# 
loop_
_entity_poly_seq.entity_id 
_entity_poly_seq.num 
_entity_poly_seq.mon_id 
_entity_poly_seq.hetero 
1 1   MET n 
1 2   ASN n 
1 3   ILE n 
1 4   PHE n 
1 5   GLU n 
1 6   MET n 
1 7   LEU n 
1 8   ARG n 
1 9   ILE n 
1 10  ASP n 
1 11  GLU n 
1 12  GLY n 
1 13  LEU n 
1 14  ARG n 
1 15  LEU n 
1 16  LYS n 
1 17  ILE n 
1 18  TYR n 
1 19  LYS n 
1 20  ASP n 
1 21  THR n 
1 22  GLU n 
1 23  GLY n 
1 24  TYR n 
1 25  TYR n 
1 26  THR n 
1 27  ILE n 
1 28  GLY n 
1 29  ILE n 
1 30  GLY n 
1 31  HIS n 
1 32  LEU n 
1 33  LEU n 
1 34  THR n 
1 35  LYS n 
1 36  SER n 
1 37  PRO n 
1 38  SER n 
1 39  LEU n 
1 40  ASN n 
1 41  ALA n 
1 42  ALA n 
1 43  LYS n 
1 44  SER n 
1 45  GLU n 
1 46  LEU n 
1 47  ASP n 
1 48  LYS n 
1 49  ALA n 
1 50  ILE n 
1 51  GLY n 
1 52  ARG n 
1 53  ASN n 
1 54  CYS n 
1 55  ASN n 
1 56  GLY n 
1 57  VAL n 
1 58  ILE n 
1 59  THR n 
1 60  LYS n 
1 61  ASP n 
1 62  GLU n 
1 63  ALA n 
1 64  GLU n 
1 65  LYS n 
1 66  LEU n 
1 67  PHE n 
1 68  ASN n 
1 69  GLN n 
1 70  ASP n 
1 71  VAL n 
1 72  ASP n 
1 73  ALA n 
1 74  ALA n 
1 75  VAL n 
1 76  ARG n 
1 77  GLY n 
1 78  ILE n 
1 79  LEU n 
1 80  ARG n 
1 81  ASN n 
1 82  ALA n 
1 83  LYS n 
1 84  LEU n 
1 85  LYS n 
1 86  PRO n 
1 87  VAL n 
1 88  TYR n 
1 89  ASP n 
1 90  SER n 
1 91  LEU n 
1 92  ASP n 
1 93  ALA n 
1 94  VAL n 
1 95  ARG n 
1 96  ARG n 
1 97  CYS n 
1 98  ALA n 
1 99  ALA n 
1 100 ILE n 
1 101 ASN n 
1 102 MET n 
1 103 VAL n 
1 104 PHE n 
1 105 GLN n 
1 106 MET n 
1 107 GLY n 
1 108 GLU n 
1 109 THR n 
1 110 GLY n 
1 111 VAL n 
1 112 ALA n 
1 113 GLY n 
1 114 PHE n 
1 115 THR n 
1 116 ASN n 
1 117 SER n 
1 118 LEU n 
1 119 ARG n 
1 120 MET n 
1 121 LEU n 
1 122 GLN n 
1 123 GLN n 
1 124 LYS n 
1 125 ARG n 
1 126 TRP n 
1 127 ASP n 
1 128 GLU n 
1 129 ALA n 
1 130 ALA n 
1 131 VAL n 
1 132 ASN n 
1 133 LEU n 
1 134 ALA n 
1 135 LYS n 
1 136 SER n 
1 137 ARG n 
1 138 TRP n 
1 139 TYR n 
1 140 ASN n 
1 141 GLN n 
1 142 THR n 
1 143 PRO n 
1 144 ASN n 
1 145 ARG n 
1 146 ALA n 
1 147 LYS n 
1 148 ARG n 
1 149 VAL n 
1 150 ILE n 
1 151 THR n 
1 152 THR n 
1 153 PHE n 
1 154 ARG n 
1 155 THR n 
1 156 GLY n 
1 157 THR n 
1 158 TRP n 
1 159 ASP n 
1 160 ALA n 
1 161 TYR n 
1 162 LYS n 
1 163 ASN n 
1 164 LEU n 
1 165 LEU n 
1 166 GLU n 
1 167 HIS n 
1 168 HIS n 
1 169 HIS n 
1 170 HIS n 
1 171 HIS n 
1 172 HIS n 
# 
_entity_src_gen.entity_id                          1 
_entity_src_gen.pdbx_src_id                        1 
_entity_src_gen.pdbx_alt_source_flag               sample 
_entity_src_gen.pdbx_seq_type                      'Biological sequence' 
_entity_src_gen.pdbx_beg_seq_num                   1 
_entity_src_gen.pdbx_end_seq_num                   172 
_entity_src_gen.gene_src_common_name               'Bacteriophage T4' 
_entity_src_gen.gene_src_genus                     ? 
_entity_src_gen.pdbx_gene_src_gene                 'e, T4Tp126' 
_entity_src_gen.gene_src_species                   ? 
_entity_src_gen.gene_src_strain                    ? 
_entity_src_gen.gene_src_tissue                    ? 
_entity_src_gen.gene_src_tissue_fraction           ? 
_entity_src_gen.gene_src_details                   ? 
_entity_src_gen.pdbx_gene_src_fragment             ? 
_entity_src_gen.pdbx_gene_src_scientific_name      'Enterobacteria phage T4' 
_entity_src_gen.pdbx_gene_src_ncbi_taxonomy_id     10665 
_entity_src_gen.pdbx_gene_src_variant              ? 
_entity_src_gen.pdbx_gene_src_cell_line            ? 
_entity_src_gen.pdbx_gene_src_atcc                 ? 
_entity_src_gen.pdbx_gene_src_organ                ? 
_entity_src_gen.pdbx_gene_src_organelle            ? 
_entity_src_gen.pdbx_gene_src_cell                 ? 
_entity_src_gen.pdbx_gene_src_cellular_location    ? 
_entity_src_gen.host_org_common_name               ? 
_entity_src_gen.pdbx_host_org_scientific_name      
;Escherichia coli 'BL21-Gold(DE3)pLysS AG'
;
_entity_src_gen.pdbx_host_org_ncbi_taxonomy_id     866768 
_entity_src_gen.host_org_genus                     ? 
_entity_src_gen.pdbx_host_org_gene                 ? 
_entity_src_gen.pdbx_host_org_organ                ? 
_entity_src_gen.host_org_species                   ? 
_entity_src_gen.pdbx_host_org_tissue               ? 
_entity_src_gen.pdbx_host_org_tissue_fraction      ? 
_entity_src_gen.pdbx_host_org_strain               ? 
_entity_src_gen.pdbx_host_org_variant              ? 
_entity_src_gen.pdbx_host_org_cell_line            ? 
_entity_src_gen.pdbx_host_org_atcc                 ? 
_entity_src_gen.pdbx_host_org_culture_collection   ? 
_entity_src_gen.pdbx_host_org_cell                 ? 
_entity_src_gen.pdbx_host_org_organelle            ? 
_entity_src_gen.pdbx_host_org_cellular_location    ? 
_entity_src_gen.pdbx_host_org_vector_type          ? 
_entity_src_gen.pdbx_host_org_vector               ? 
_entity_src_gen.host_org_details                   ? 
_entity_src_gen.expression_system_id               ? 
_entity_src_gen.plasmid_name                       ? 
_entity_src_gen.plasmid_details                    ? 
_entity_src_gen.pdbx_description                   ? 
# 
_struct_ref.id                         1 
_struct_ref.db_name                    UNP 
_struct_ref.db_code                    D9IEF7_BPT4 
_struct_ref.pdbx_db_accession          D9IEF7 
_struct_ref.pdbx_db_isoform            ? 
_struct_ref.entity_id                  1 
_struct_ref.pdbx_seq_one_letter_code   
;MNIFEMLRIDEGLRLKIYKDTEGYYTIGIGHLLTKSPSLNAAKSELDKAIGRNCNGVITKDEAEKLFNQDVDAAVRGILR
NAKLKPVYDSLDAVRRCALINMVFQMGETGVAGFTNSLRMLQQKRWDEAAVNLAKSRWYNQTPNRAKRVITTFRTGTWDA
YKNL
;
_struct_ref.pdbx_align_begin           1 
# 
_struct_ref_seq.align_id                      1 
_struct_ref_seq.ref_id                        1 
_struct_ref_seq.pdbx_PDB_id_code              7LXA 
_struct_ref_seq.pdbx_strand_id                A 
_struct_ref_seq.seq_align_beg                 1 
_struct_ref_seq.pdbx_seq_align_beg_ins_code   ? 
_struct_ref_seq.seq_align_end                 164 
_struct_ref_seq.pdbx_seq_align_end_ins_code   ? 
_struct_ref_seq.pdbx_db_accession             D9IEF7 
_struct_ref_seq.db_align_beg                  1 
_struct_ref_seq.pdbx_db_align_beg_ins_code    ? 
_struct_ref_seq.db_align_end                  164 
_struct_ref_seq.pdbx_db_align_end_ins_code    ? 
_struct_ref_seq.pdbx_auth_seq_align_beg       1 
_struct_ref_seq.pdbx_auth_seq_align_end       164 
# 
loop_
_struct_ref_seq_dif.align_id 
_struct_ref_seq_dif.pdbx_pdb_id_code 
_struct_ref_seq_dif.mon_id 
_struct_ref_seq_dif.pdbx_pdb_strand_id 
_struct_ref_seq_dif.seq_num 
_struct_ref_seq_dif.pdbx_pdb_ins_code 
_struct_ref_seq_dif.pdbx_seq_db_name 
_struct_ref_seq_dif.pdbx_seq_db_accession_code 
_struct_ref_seq_dif.db_mon_id 
_struct_ref_seq_dif.pdbx_seq_db_seq_num 
_struct_ref_seq_dif.details 
_struct_ref_seq_dif.pdbx_auth_seq_num 
_struct_ref_seq_dif.pdbx_ordinal 
1 7LXA ALA A 99  ? UNP D9IEF7 LEU 99 'engineered mutation' 99  1 
1 7LXA LEU A 165 ? UNP D9IEF7 ?   ?  'expression tag'      165 2 
1 7LXA GLU A 166 ? UNP D9IEF7 ?   ?  'expression tag'      166 3 
1 7LXA HIS A 167 ? UNP D9IEF7 ?   ?  'expression tag'      167 4 
1 7LXA HIS A 168 ? UNP D9IEF7 ?   ?  'expression tag'      168 5 
1 7LXA HIS A 169 ? UNP D9IEF7 ?   ?  'expression tag'      169 6 
1 7LXA HIS A 170 ? UNP D9IEF7 ?   ?  'expression tag'      170 7 
1 7LXA HIS A 171 ? UNP D9IEF7 ?   ?  'expression tag'      171 8 
1 7LXA HIS A 172 ? UNP D9IEF7 ?   ?  'expression tag'      172 9 
# 
loop_
_chem_comp.id 
_chem_comp.type 
_chem_comp.mon_nstd_flag 
_chem_comp.name 
_chem_comp.pdbx_synonyms 
_chem_comp.formula 
_chem_comp.formula_weight 
ALA 'L-peptide linking' y ALANINE                                  ?             'C3 H7 N O2'     89.093  
ARG 'L-peptide linking' y ARGININE                                 ?             'C6 H15 N4 O2 1' 175.209 
ASN 'L-peptide linking' y ASPARAGINE                               ?             'C4 H8 N2 O3'    132.118 
ASP 'L-peptide linking' y 'ASPARTIC ACID'                          ?             'C4 H7 N O4'     133.103 
BME non-polymer         . BETA-MERCAPTOETHANOL                     ?             'C2 H6 O S'      78.133  
CYS 'L-peptide linking' y CYSTEINE                                 ?             'C3 H7 N O2 S'   121.158 
GLN 'L-peptide linking' y GLUTAMINE                                ?             'C5 H10 N2 O3'   146.144 
GLU 'L-peptide linking' y 'GLUTAMIC ACID'                          ?             'C5 H9 N O4'     147.129 
GLY 'peptide linking'   y GLYCINE                                  ?             'C2 H5 N O2'     75.067  
HIS 'L-peptide linking' y HISTIDINE                                ?             'C6 H10 N3 O2 1' 156.162 
HOH non-polymer         . WATER                                    ?             'H2 O'           18.015  
ILE 'L-peptide linking' y ISOLEUCINE                               ?             'C6 H13 N O2'    131.173 
LEU 'L-peptide linking' y LEUCINE                                  ?             'C6 H13 N O2'    131.173 
LYS 'L-peptide linking' y LYSINE                                   ?             'C6 H15 N2 O2 1' 147.195 
MET 'L-peptide linking' y METHIONINE                               ?             'C5 H11 N O2 S'  149.211 
PHE 'L-peptide linking' y PHENYLALANINE                            ?             'C9 H11 N O2'    165.189 
PRO 'L-peptide linking' y PROLINE                                  ?             'C5 H9 N O2'     115.130 
SER 'L-peptide linking' y SERINE                                   ?             'C3 H7 N O3'     105.093 
THR 'L-peptide linking' y THREONINE                                ?             'C4 H9 N O3'     119.119 
TRP 'L-peptide linking' y TRYPTOPHAN                               ?             'C11 H12 N2 O2'  204.225 
TRS non-polymer         . 2-AMINO-2-HYDROXYMETHYL-PROPANE-1,3-DIOL 'TRIS BUFFER' 'C4 H12 N O3 1'  122.143 
TYR 'L-peptide linking' y TYROSINE                                 ?             'C9 H11 N O3'    181.189 
VAL 'L-peptide linking' y VALINE                                   ?             'C5 H11 N O2'    117.146 
YGS non-polymer         . '(2-methylprop-2-en-1-yl)benzene'        ?             'C10 H12'        132.202 
# 
_exptl.absorpt_coefficient_mu     ? 
_exptl.absorpt_correction_T_max   ? 
_exptl.absorpt_correction_T_min   ? 
_exptl.absorpt_correction_type    ? 
_exptl.absorpt_process_details    ? 
_exptl.entry_id                   7LXA 
_exptl.crystals_number            1 
_exptl.details                    ? 
_exptl.method                     'X-RAY DIFFRACTION' 
_exptl.method_details             ? 
# 
_exptl_crystal.colour                      ? 
_exptl_crystal.density_diffrn              ? 
_exptl_crystal.density_Matthews            2.55 
_exptl_crystal.density_method              ? 
_exptl_crystal.density_percent_sol         51.84 
_exptl_crystal.description                 ? 
_exptl_crystal.F_000                       ? 
_exptl_crystal.id                          1 
_exptl_crystal.preparation                 ? 
_exptl_crystal.size_max                    ? 
_exptl_crystal.size_mid                    ? 
_exptl_crystal.size_min                    ? 
_exptl_crystal.size_rad                    ? 
_exptl_crystal.colour_lustre               ? 
_exptl_crystal.colour_modifier             ? 
_exptl_crystal.colour_primary              ? 
_exptl_crystal.density_meas                ? 
_exptl_crystal.density_meas_esd            ? 
_exptl_crystal.density_meas_gt             ? 
_exptl_crystal.density_meas_lt             ? 
_exptl_crystal.density_meas_temp           ? 
_exptl_crystal.density_meas_temp_esd       ? 
_exptl_crystal.density_meas_temp_gt        ? 
_exptl_crystal.density_meas_temp_lt        ? 
_exptl_crystal.pdbx_crystal_image_url      ? 
_exptl_crystal.pdbx_crystal_image_format   ? 
_exptl_crystal.pdbx_mosaicity              ? 
_exptl_crystal.pdbx_mosaicity_esd          ? 
# 
_exptl_crystal_grow.apparatus       ? 
_exptl_crystal_grow.atmosphere      ? 
_exptl_crystal_grow.crystal_id      1 
_exptl_crystal_grow.details         ? 
_exptl_crystal_grow.method          'VAPOR DIFFUSION, HANGING DROP' 
_exptl_crystal_grow.method_ref      ? 
_exptl_crystal_grow.pH              8 
_exptl_crystal_grow.pressure        ? 
_exptl_crystal_grow.pressure_esd    ? 
_exptl_crystal_grow.seeding         ? 
_exptl_crystal_grow.seeding_ref     ? 
_exptl_crystal_grow.temp            294 
_exptl_crystal_grow.temp_details    ? 
_exptl_crystal_grow.temp_esd        ? 
_exptl_crystal_grow.time            ? 
_exptl_crystal_grow.pdbx_details    'Isopropanol, PEG 4000, Tris-Cl pH 8.0, Beta-mercaptoethanol,  2-hyrdoxyethyl disulfide' 
_exptl_crystal_grow.pdbx_pH_range   ? 
# 
_diffrn.ambient_environment              ? 
_diffrn.ambient_temp                     100 
_diffrn.ambient_temp_details             ? 
_diffrn.ambient_temp_esd                 ? 
_diffrn.crystal_id                       1 
_diffrn.crystal_support                  ? 
_diffrn.crystal_treatment                ? 
_diffrn.details                          ? 
_diffrn.id                               1 
_diffrn.ambient_pressure                 ? 
_diffrn.ambient_pressure_esd             ? 
_diffrn.ambient_pressure_gt              ? 
_diffrn.ambient_pressure_lt              ? 
_diffrn.ambient_temp_gt                  ? 
_diffrn.ambient_temp_lt                  ? 
_diffrn.pdbx_serial_crystal_experiment   N 
# 
_diffrn_detector.details                      ? 
_diffrn_detector.detector                     PIXEL 
_diffrn_detector.diffrn_id                    1 
_diffrn_detector.type                         'DECTRIS PILATUS3 S 6M' 
_diffrn_detector.area_resol_mean              ? 
_diffrn_detector.dtime                        ? 
_diffrn_detector.pdbx_frames_total            ? 
_diffrn_detector.pdbx_collection_time_total   ? 
_diffrn_detector.pdbx_collection_date         2020-11-24 
_diffrn_detector.pdbx_frequency               ? 
# 
_diffrn_radiation.collimation                      ? 
_diffrn_radiation.diffrn_id                        1 
_diffrn_radiation.filter_edge                      ? 
_diffrn_radiation.inhomogeneity                    ? 
_diffrn_radiation.monochromator                    M 
_diffrn_radiation.polarisn_norm                    ? 
_diffrn_radiation.polarisn_ratio                   ? 
_diffrn_radiation.probe                            ? 
_diffrn_radiation.type                             ? 
_diffrn_radiation.xray_symbol                      ? 
_diffrn_radiation.wavelength_id                    1 
_diffrn_radiation.pdbx_monochromatic_or_laue_m_l   M 
_diffrn_radiation.pdbx_wavelength_list             ? 
_diffrn_radiation.pdbx_wavelength                  ? 
_diffrn_radiation.pdbx_diffrn_protocol             'SINGLE WAVELENGTH' 
_diffrn_radiation.pdbx_analyzer                    ? 
_diffrn_radiation.pdbx_scattering_type             x-ray 
# 
_diffrn_radiation_wavelength.id           1 
_diffrn_radiation_wavelength.wavelength   0.95386 
_diffrn_radiation_wavelength.wt           1.0 
# 
_diffrn_source.current                     ? 
_diffrn_source.details                     ? 
_diffrn_source.diffrn_id                   1 
_diffrn_source.power                       ? 
_diffrn_source.size                        ? 
_diffrn_source.source                      SYNCHROTRON 
_diffrn_source.target                      ? 
_diffrn_source.type                        'ALS BEAMLINE 8.3.1' 
_diffrn_source.voltage                     ? 
_diffrn_source.take-off_angle              ? 
_diffrn_source.pdbx_wavelength_list        0.95386 
_diffrn_source.pdbx_wavelength             ? 
_diffrn_source.pdbx_synchrotron_beamline   8.3.1 
_diffrn_source.pdbx_synchrotron_site       ALS 
# 
_reflns.B_iso_Wilson_estimate                          14.190 
_reflns.entry_id                                       7LXA 
_reflns.data_reduction_details                         ? 
_reflns.data_reduction_method                          ? 
_reflns.d_resolution_high                              1.070 
_reflns.d_resolution_low                               52.100 
_reflns.details                                        ? 
_reflns.limit_h_max                                    ? 
_reflns.limit_h_min                                    ? 
_reflns.limit_k_max                                    ? 
_reflns.limit_k_min                                    ? 
_reflns.limit_l_max                                    ? 
_reflns.limit_l_min                                    ? 
_reflns.number_all                                     ? 
_reflns.number_obs                                     89360 
_reflns.observed_criterion                             ? 
_reflns.observed_criterion_F_max                       ? 
_reflns.observed_criterion_F_min                       ? 
_reflns.observed_criterion_I_max                       ? 
_reflns.observed_criterion_I_min                       ? 
_reflns.observed_criterion_sigma_F                     ? 
_reflns.observed_criterion_sigma_I                     ? 
_reflns.percent_possible_obs                           99.900 
_reflns.R_free_details                                 ? 
_reflns.Rmerge_F_all                                   ? 
_reflns.Rmerge_F_obs                                   ? 
_reflns.Friedel_coverage                               ? 
_reflns.number_gt                                      ? 
_reflns.threshold_expression                           ? 
_reflns.pdbx_redundancy                                18.400 
_reflns.pdbx_Rmerge_I_obs                              0.068 
_reflns.pdbx_Rmerge_I_all                              ? 
_reflns.pdbx_Rsym_value                                ? 
_reflns.pdbx_netI_over_av_sigmaI                       ? 
_reflns.pdbx_netI_over_sigmaI                          15.100 
_reflns.pdbx_res_netI_over_av_sigmaI_2                 ? 
_reflns.pdbx_res_netI_over_sigmaI_2                    ? 
_reflns.pdbx_chi_squared                               ? 
_reflns.pdbx_scaling_rejects                           46 
_reflns.pdbx_d_res_high_opt                            ? 
_reflns.pdbx_d_res_low_opt                             ? 
_reflns.pdbx_d_res_opt_method                          ? 
_reflns.phase_calculation_details                      ? 
_reflns.pdbx_Rrim_I_all                                0.070 
_reflns.pdbx_Rpim_I_all                                0.016 
_reflns.pdbx_d_opt                                     ? 
_reflns.pdbx_number_measured_all                       1641804 
_reflns.pdbx_diffrn_id                                 1 
_reflns.pdbx_ordinal                                   1 
_reflns.pdbx_CC_half                                   1.000 
_reflns.pdbx_CC_star                                   ? 
_reflns.pdbx_R_split                                   ? 
_reflns.pdbx_aniso_diffraction_limit_axis_1_ortho[1]   ? 
_reflns.pdbx_aniso_diffraction_limit_axis_1_ortho[2]   ? 
_reflns.pdbx_aniso_diffraction_limit_axis_1_ortho[3]   ? 
_reflns.pdbx_aniso_diffraction_limit_axis_2_ortho[1]   ? 
_reflns.pdbx_aniso_diffraction_limit_axis_2_ortho[2]   ? 
_reflns.pdbx_aniso_diffraction_limit_axis_2_ortho[3]   ? 
_reflns.pdbx_aniso_diffraction_limit_axis_3_ortho[1]   ? 
_reflns.pdbx_aniso_diffraction_limit_axis_3_ortho[2]   ? 
_reflns.pdbx_aniso_diffraction_limit_axis_3_ortho[3]   ? 
_reflns.pdbx_aniso_diffraction_limit_1                 ? 
_reflns.pdbx_aniso_diffraction_limit_2                 ? 
_reflns.pdbx_aniso_diffraction_limit_3                 ? 
_reflns.pdbx_aniso_B_tensor_eigenvector_1_ortho[1]     ? 
_reflns.pdbx_aniso_B_tensor_eigenvector_1_ortho[2]     ? 
_reflns.pdbx_aniso_B_tensor_eigenvector_1_ortho[3]     ? 
_reflns.pdbx_aniso_B_tensor_eigenvector_2_ortho[1]     ? 
_reflns.pdbx_aniso_B_tensor_eigenvector_2_ortho[2]     ? 
_reflns.pdbx_aniso_B_tensor_eigenvector_2_ortho[3]     ? 
_reflns.pdbx_aniso_B_tensor_eigenvector_3_ortho[1]     ? 
_reflns.pdbx_aniso_B_tensor_eigenvector_3_ortho[2]     ? 
_reflns.pdbx_aniso_B_tensor_eigenvector_3_ortho[3]     ? 
_reflns.pdbx_aniso_B_tensor_eigenvalue_1               ? 
_reflns.pdbx_aniso_B_tensor_eigenvalue_2               ? 
_reflns.pdbx_aniso_B_tensor_eigenvalue_3               ? 
_reflns.pdbx_orthogonalization_convention              ? 
_reflns.pdbx_percent_possible_ellipsoidal              ? 
_reflns.pdbx_percent_possible_spherical                ? 
_reflns.pdbx_percent_possible_ellipsoidal_anomalous    ? 
_reflns.pdbx_percent_possible_spherical_anomalous      ? 
_reflns.pdbx_redundancy_anomalous                      ? 
_reflns.pdbx_CC_half_anomalous                         ? 
_reflns.pdbx_absDiff_over_sigma_anomalous              ? 
_reflns.pdbx_percent_possible_anomalous                ? 
_reflns.pdbx_observed_signal_threshold                 ? 
_reflns.pdbx_signal_type                               ? 
_reflns.pdbx_signal_details                            ? 
_reflns.pdbx_signal_software_id                        ? 
# 
loop_
_reflns_shell.d_res_high 
_reflns_shell.d_res_low 
_reflns_shell.meanI_over_sigI_all 
_reflns_shell.meanI_over_sigI_obs 
_reflns_shell.number_measured_all 
_reflns_shell.number_measured_obs 
_reflns_shell.number_possible 
_reflns_shell.number_unique_all 
_reflns_shell.number_unique_obs 
_reflns_shell.percent_possible_all 
_reflns_shell.percent_possible_obs 
_reflns_shell.Rmerge_F_all 
_reflns_shell.Rmerge_F_obs 
_reflns_shell.Rmerge_I_all 
_reflns_shell.Rmerge_I_obs 
_reflns_shell.meanI_over_sigI_gt 
_reflns_shell.meanI_over_uI_all 
_reflns_shell.meanI_over_uI_gt 
_reflns_shell.number_measured_gt 
_reflns_shell.number_unique_gt 
_reflns_shell.percent_possible_gt 
_reflns_shell.Rmerge_F_gt 
_reflns_shell.Rmerge_I_gt 
_reflns_shell.pdbx_redundancy 
_reflns_shell.pdbx_Rsym_value 
_reflns_shell.pdbx_chi_squared 
_reflns_shell.pdbx_netI_over_sigmaI_all 
_reflns_shell.pdbx_netI_over_sigmaI_obs 
_reflns_shell.pdbx_Rrim_I_all 
_reflns_shell.pdbx_Rpim_I_all 
_reflns_shell.pdbx_rejects 
_reflns_shell.pdbx_ordinal 
_reflns_shell.pdbx_diffrn_id 
_reflns_shell.pdbx_CC_half 
_reflns_shell.pdbx_CC_star 
_reflns_shell.pdbx_R_split 
_reflns_shell.pdbx_percent_possible_ellipsoidal 
_reflns_shell.pdbx_percent_possible_spherical 
_reflns_shell.pdbx_percent_possible_ellipsoidal_anomalous 
_reflns_shell.pdbx_percent_possible_spherical_anomalous 
_reflns_shell.pdbx_redundancy_anomalous 
_reflns_shell.pdbx_CC_half_anomalous 
_reflns_shell.pdbx_absDiff_over_sigma_anomalous 
_reflns_shell.pdbx_percent_possible_anomalous 
1.070 1.090  ? ? 51273 ? ? ? 4303 98.200 ? ? ? ? 3.314 ? ? ? ? ? ? ? ? 11.900 ? ? ? 0.800  3.465 0.985 ? 1 1 0.346 ? ? ? ? ? ? ? ? 
? ? 
5.860 52.100 ? ? 11680 ? ? ? 643  99.600 ? ? ? ? 0.037 ? ? ? ? ? ? ? ? 18.200 ? ? ? 58.100 0.038 0.009 ? 2 1 0.999 ? ? ? ? ? ? ? ? 
? ? 
# 
_refine.aniso_B[1][1]                            ? 
_refine.aniso_B[1][2]                            ? 
_refine.aniso_B[1][3]                            ? 
_refine.aniso_B[2][2]                            ? 
_refine.aniso_B[2][3]                            ? 
_refine.aniso_B[3][3]                            ? 
_refine.B_iso_max                                35.470 
_refine.B_iso_mean                               17.0114 
_refine.B_iso_min                                10.310 
_refine.correlation_coeff_Fo_to_Fc               ? 
_refine.correlation_coeff_Fo_to_Fc_free          ? 
_refine.details                                  ? 
_refine.diff_density_max                         ? 
_refine.diff_density_max_esd                     ? 
_refine.diff_density_min                         ? 
_refine.diff_density_min_esd                     ? 
_refine.diff_density_rms                         ? 
_refine.diff_density_rms_esd                     ? 
_refine.entry_id                                 7LXA 
_refine.pdbx_refine_id                           'X-RAY DIFFRACTION' 
_refine.ls_abs_structure_details                 ? 
_refine.ls_abs_structure_Flack                   ? 
_refine.ls_abs_structure_Flack_esd               ? 
_refine.ls_abs_structure_Rogers                  ? 
_refine.ls_abs_structure_Rogers_esd              ? 
_refine.ls_d_res_high                            1.0700 
_refine.ls_d_res_low                             52.0950 
_refine.ls_extinction_coef                       ? 
_refine.ls_extinction_coef_esd                   ? 
_refine.ls_extinction_expression                 ? 
_refine.ls_extinction_method                     ? 
_refine.ls_goodness_of_fit_all                   ? 
_refine.ls_goodness_of_fit_all_esd               ? 
_refine.ls_goodness_of_fit_obs                   ? 
_refine.ls_goodness_of_fit_obs_esd               ? 
_refine.ls_hydrogen_treatment                    ? 
_refine.ls_matrix_type                           ? 
_refine.ls_number_constraints                    ? 
_refine.ls_number_parameters                     ? 
_refine.ls_number_reflns_all                     ? 
_refine.ls_number_reflns_obs                     89186 
_refine.ls_number_reflns_R_free                  4517 
_refine.ls_number_reflns_R_work                  84669 
_refine.ls_number_restraints                     ? 
_refine.ls_percent_reflns_obs                    99.7500 
_refine.ls_percent_reflns_R_free                 5.0600 
_refine.ls_R_factor_all                          ? 
_refine.ls_R_factor_obs                          0.2055 
_refine.ls_R_factor_R_free                       0.2110 
_refine.ls_R_factor_R_free_error                 ? 
_refine.ls_R_factor_R_free_error_details         ? 
_refine.ls_R_factor_R_work                       0.2052 
_refine.ls_R_Fsqd_factor_obs                     ? 
_refine.ls_R_I_factor_obs                        ? 
_refine.ls_redundancy_reflns_all                 ? 
_refine.ls_redundancy_reflns_obs                 ? 
_refine.ls_restrained_S_all                      ? 
_refine.ls_restrained_S_obs                      ? 
_refine.ls_shift_over_esd_max                    ? 
_refine.ls_shift_over_esd_mean                   ? 
_refine.ls_structure_factor_coef                 ? 
_refine.ls_weighting_details                     ? 
_refine.ls_weighting_scheme                      ? 
_refine.ls_wR_factor_all                         ? 
_refine.ls_wR_factor_obs                         ? 
_refine.ls_wR_factor_R_free                      ? 
_refine.ls_wR_factor_R_work                      ? 
_refine.occupancy_max                            ? 
_refine.occupancy_min                            ? 
_refine.solvent_model_details                    'FLAT BULK SOLVENT MODEL' 
_refine.solvent_model_param_bsol                 ? 
_refine.solvent_model_param_ksol                 ? 
_refine.pdbx_R_complete                          ? 
_refine.ls_R_factor_gt                           ? 
_refine.ls_goodness_of_fit_gt                    ? 
_refine.ls_goodness_of_fit_ref                   ? 
_refine.ls_shift_over_su_max                     ? 
_refine.ls_shift_over_su_max_lt                  ? 
_refine.ls_shift_over_su_mean                    ? 
_refine.ls_shift_over_su_mean_lt                 ? 
_refine.pdbx_ls_sigma_I                          ? 
_refine.pdbx_ls_sigma_F                          1.330 
_refine.pdbx_ls_sigma_Fsqd                       ? 
_refine.pdbx_data_cutoff_high_absF               ? 
_refine.pdbx_data_cutoff_high_rms_absF           ? 
_refine.pdbx_data_cutoff_low_absF                ? 
_refine.pdbx_isotropic_thermal_model             ? 
_refine.pdbx_ls_cross_valid_method               THROUGHOUT 
_refine.pdbx_method_to_determine_struct          'MOLECULAR REPLACEMENT' 
_refine.pdbx_starting_model                      4W57 
_refine.pdbx_stereochemistry_target_values       ML 
_refine.pdbx_R_Free_selection_details            ? 
_refine.pdbx_stereochem_target_val_spec_case     ? 
_refine.pdbx_overall_ESU_R                       ? 
_refine.pdbx_overall_ESU_R_Free                  ? 
_refine.pdbx_solvent_vdw_probe_radii             1.1100 
_refine.pdbx_solvent_ion_probe_radii             ? 
_refine.pdbx_solvent_shrinkage_radii             0.9000 
_refine.pdbx_real_space_R                        ? 
_refine.pdbx_density_correlation                 ? 
_refine.pdbx_pd_number_of_powder_patterns        ? 
_refine.pdbx_pd_number_of_points                 ? 
_refine.pdbx_pd_meas_number_of_points            ? 
_refine.pdbx_pd_proc_ls_prof_R_factor            ? 
_refine.pdbx_pd_proc_ls_prof_wR_factor           ? 
_refine.pdbx_pd_Marquardt_correlation_coeff      ? 
_refine.pdbx_pd_Fsqrd_R_factor                   ? 
_refine.pdbx_pd_ls_matrix_band_width             ? 
_refine.pdbx_overall_phase_error                 22.6200 
_refine.pdbx_overall_SU_R_free_Cruickshank_DPI   ? 
_refine.pdbx_overall_SU_R_free_Blow_DPI          ? 
_refine.pdbx_overall_SU_R_Blow_DPI               ? 
_refine.pdbx_TLS_residual_ADP_flag               ? 
_refine.pdbx_diffrn_id                           1 
_refine.overall_SU_B                             ? 
_refine.overall_SU_ML                            0.1200 
_refine.overall_SU_R_Cruickshank_DPI             ? 
_refine.overall_SU_R_free                        ? 
_refine.overall_FOM_free_R_set                   ? 
_refine.overall_FOM_work_R_set                   ? 
_refine.pdbx_average_fsc_overall                 ? 
_refine.pdbx_average_fsc_work                    ? 
_refine.pdbx_average_fsc_free                    ? 
# 
_refine_hist.pdbx_refine_id                   'X-RAY DIFFRACTION' 
_refine_hist.cycle_id                         final 
_refine_hist.details                          ? 
_refine_hist.d_res_high                       1.0700 
_refine_hist.d_res_low                        52.0950 
_refine_hist.number_atoms_solvent             112 
_refine_hist.number_atoms_total               1386 
_refine_hist.number_reflns_all                ? 
_refine_hist.number_reflns_obs                ? 
_refine_hist.number_reflns_R_free             ? 
_refine_hist.number_reflns_R_work             ? 
_refine_hist.R_factor_all                     ? 
_refine_hist.R_factor_obs                     ? 
_refine_hist.R_factor_R_free                  ? 
_refine_hist.R_factor_R_work                  ? 
_refine_hist.pdbx_number_residues_total       160 
_refine_hist.pdbx_B_iso_mean_ligand           20.59 
_refine_hist.pdbx_B_iso_mean_solvent          24.00 
_refine_hist.pdbx_number_atoms_protein        1252 
_refine_hist.pdbx_number_atoms_nucleic_acid   0 
_refine_hist.pdbx_number_atoms_ligand         22 
_refine_hist.pdbx_number_atoms_lipid          ? 
_refine_hist.pdbx_number_atoms_carb           ? 
_refine_hist.pdbx_pseudo_atom_details         ? 
# 
loop_
_refine_ls_restr.pdbx_refine_id 
_refine_ls_restr.criterion 
_refine_ls_restr.dev_ideal 
_refine_ls_restr.dev_ideal_target 
_refine_ls_restr.number 
_refine_ls_restr.rejects 
_refine_ls_restr.type 
_refine_ls_restr.weight 
_refine_ls_restr.pdbx_restraint_function 
'X-RAY DIFFRACTION' ? 0.004 ? 1349 ? f_bond_d           ? ? 
'X-RAY DIFFRACTION' ? 0.769 ? 1817 ? f_angle_d          ? ? 
'X-RAY DIFFRACTION' ? 0.060 ? 200  ? f_chiral_restr     ? ? 
'X-RAY DIFFRACTION' ? 0.005 ? 233  ? f_plane_restr      ? ? 
'X-RAY DIFFRACTION' ? 2.101 ? 1109 ? f_dihedral_angle_d ? ? 
# 
loop_
_refine_ls_shell.pdbx_refine_id 
_refine_ls_shell.d_res_high 
_refine_ls_shell.d_res_low 
_refine_ls_shell.number_reflns_all 
_refine_ls_shell.number_reflns_obs 
_refine_ls_shell.number_reflns_R_free 
_refine_ls_shell.number_reflns_R_work 
_refine_ls_shell.percent_reflns_obs 
_refine_ls_shell.percent_reflns_R_free 
_refine_ls_shell.R_factor_all 
_refine_ls_shell.R_factor_obs 
_refine_ls_shell.R_factor_R_free 
_refine_ls_shell.R_factor_R_free_error 
_refine_ls_shell.R_factor_R_work 
_refine_ls_shell.redundancy_reflns_all 
_refine_ls_shell.redundancy_reflns_obs 
_refine_ls_shell.wR_factor_all 
_refine_ls_shell.wR_factor_obs 
_refine_ls_shell.wR_factor_R_free 
_refine_ls_shell.wR_factor_R_work 
_refine_ls_shell.pdbx_R_complete 
_refine_ls_shell.pdbx_total_number_of_bins_used 
_refine_ls_shell.pdbx_phase_error 
_refine_ls_shell.pdbx_fsc_work 
_refine_ls_shell.pdbx_fsc_free 
'X-RAY DIFFRACTION' 1.0700 1.0822  . . 139 2704 96.0000  . . . 0.3580 0.0000 0.3692 . . . . . . . . . . . 
'X-RAY DIFFRACTION' 1.0822 1.0949  . . 145 2761 99.0000  . . . 0.3216 0.0000 0.3417 . . . . . . . . . . . 
'X-RAY DIFFRACTION' 1.0949 1.1082  . . 167 2776 100.0000 . . . 0.3343 0.0000 0.3099 . . . . . . . . . . . 
'X-RAY DIFFRACTION' 1.1082 1.1223  . . 165 2738 100.0000 . . . 0.2751 0.0000 0.2883 . . . . . . . . . . . 
'X-RAY DIFFRACTION' 1.1223 1.1370  . . 187 2806 100.0000 . . . 0.2826 0.0000 0.2769 . . . . . . . . . . . 
'X-RAY DIFFRACTION' 1.1370 1.1526  . . 165 2737 100.0000 . . . 0.2817 0.0000 0.2641 . . . . . . . . . . . 
'X-RAY DIFFRACTION' 1.1526 1.1691  . . 140 2820 100.0000 . . . 0.2536 0.0000 0.2545 . . . . . . . . . . . 
'X-RAY DIFFRACTION' 1.1691 1.1865  . . 159 2771 100.0000 . . . 0.2782 0.0000 0.2435 . . . . . . . . . . . 
'X-RAY DIFFRACTION' 1.1865 1.2051  . . 148 2824 100.0000 . . . 0.2216 0.0000 0.2283 . . . . . . . . . . . 
'X-RAY DIFFRACTION' 1.2051 1.2248  . . 109 2855 100.0000 . . . 0.2169 0.0000 0.2354 . . . . . . . . . . . 
'X-RAY DIFFRACTION' 1.2248 1.2460  . . 155 2778 100.0000 . . . 0.2306 0.0000 0.2245 . . . . . . . . . . . 
'X-RAY DIFFRACTION' 1.2460 1.2686  . . 171 2779 100.0000 . . . 0.2302 0.0000 0.2145 . . . . . . . . . . . 
'X-RAY DIFFRACTION' 1.2686 1.2930  . . 117 2836 100.0000 . . . 0.2216 0.0000 0.2107 . . . . . . . . . . . 
'X-RAY DIFFRACTION' 1.2930 1.3194  . . 176 2803 100.0000 . . . 0.2212 0.0000 0.2155 . . . . . . . . . . . 
'X-RAY DIFFRACTION' 1.3194 1.3481  . . 130 2796 100.0000 . . . 0.2158 0.0000 0.2022 . . . . . . . . . . . 
'X-RAY DIFFRACTION' 1.3481 1.3795  . . 168 2793 100.0000 . . . 0.2289 0.0000 0.2035 . . . . . . . . . . . 
'X-RAY DIFFRACTION' 1.3795 1.4140  . . 162 2791 100.0000 . . . 0.2244 0.0000 0.2034 . . . . . . . . . . . 
'X-RAY DIFFRACTION' 1.4140 1.4522  . . 145 2837 100.0000 . . . 0.2345 0.0000 0.1998 . . . . . . . . . . . 
'X-RAY DIFFRACTION' 1.4522 1.4949  . . 137 2834 100.0000 . . . 0.2097 0.0000 0.1933 . . . . . . . . . . . 
'X-RAY DIFFRACTION' 1.4949 1.5432  . . 127 2879 100.0000 . . . 0.1883 0.0000 0.1922 . . . . . . . . . . . 
'X-RAY DIFFRACTION' 1.5432 1.5984  . . 139 2804 100.0000 . . . 0.1988 0.0000 0.1871 . . . . . . . . . . . 
'X-RAY DIFFRACTION' 1.5984 1.6624  . . 155 2825 100.0000 . . . 0.2043 0.0000 0.1924 . . . . . . . . . . . 
'X-RAY DIFFRACTION' 1.6624 1.7380  . . 128 2856 100.0000 . . . 0.1898 0.0000 0.1922 . . . . . . . . . . . 
'X-RAY DIFFRACTION' 1.7380 1.8297  . . 161 2847 100.0000 . . . 0.2039 0.0000 0.1929 . . . . . . . . . . . 
'X-RAY DIFFRACTION' 1.8297 1.9443  . . 144 2850 100.0000 . . . 0.1891 0.0000 0.1977 . . . . . . . . . . . 
'X-RAY DIFFRACTION' 1.9443 2.0944  . . 141 2854 100.0000 . . . 0.1860 0.0000 0.1951 . . . . . . . . . . . 
'X-RAY DIFFRACTION' 2.0944 2.3052  . . 177 2858 100.0000 . . . 0.1926 0.0000 0.1907 . . . . . . . . . . . 
'X-RAY DIFFRACTION' 2.3052 2.6387  . . 154 2888 100.0000 . . . 0.2228 0.0000 0.2077 . . . . . . . . . . . 
'X-RAY DIFFRACTION' 2.6387 3.3245  . . 144 2937 100.0000 . . . 0.2172 0.0000 0.2063 . . . . . . . . . . . 
'X-RAY DIFFRACTION' 3.3245 52.0950 . . 162 3032 100.0000 . . . 0.2011 0.0000 0.2002 . . . . . . . . . . . 
# 
_struct.entry_id                     7LXA 
_struct.title                        'T4 lysozyme mutant L99A' 
_struct.pdbx_model_details           ? 
_struct.pdbx_formula_weight          ? 
_struct.pdbx_formula_weight_method   ? 
_struct.pdbx_model_type_details      ? 
_struct.pdbx_CASP_flag               N 
# 
_struct_keywords.entry_id        7LXA 
_struct_keywords.text            'mutant, lysozyme, small molecule, L99A, complex, PROTEIN BINDING, HYDROLASE' 
_struct_keywords.pdbx_keywords   'PROTEIN BINDING,HYDROLASE' 
# 
loop_
_struct_asym.id 
_struct_asym.pdbx_blank_PDB_chainid_flag 
_struct_asym.pdbx_modified 
_struct_asym.entity_id 
_struct_asym.details 
A N N 1 ? 
B N N 2 ? 
C N N 3 ? 
D N N 4 ? 
E N N 5 ? 
# 
loop_
_struct_conf.conf_type_id 
_struct_conf.id 
_struct_conf.pdbx_PDB_helix_id 
_struct_conf.beg_label_comp_id 
_struct_conf.beg_label_asym_id 
_struct_conf.beg_label_seq_id 
_struct_conf.pdbx_beg_PDB_ins_code 
_struct_conf.end_label_comp_id 
_struct_conf.end_label_asym_id 
_struct_conf.end_label_seq_id 
_struct_conf.pdbx_end_PDB_ins_code 
_struct_conf.beg_auth_comp_id 
_struct_conf.beg_auth_asym_id 
_struct_conf.beg_auth_seq_id 
_struct_conf.end_auth_comp_id 
_struct_conf.end_auth_asym_id 
_struct_conf.end_auth_seq_id 
_struct_conf.pdbx_PDB_helix_class 
_struct_conf.details 
_struct_conf.pdbx_PDB_helix_length 
HELX_P HELX_P1 AA1 ASN A 2   ? GLY A 12  ? ASN A 2   GLY A 12  1 ? 11 
HELX_P HELX_P2 AA2 SER A 38  ? GLY A 51  ? SER A 38  GLY A 51  1 ? 14 
HELX_P HELX_P3 AA3 THR A 59  ? ARG A 80  ? THR A 59  ARG A 80  1 ? 22 
HELX_P HELX_P4 AA4 LYS A 83  ? LEU A 91  ? LYS A 83  LEU A 91  1 ? 9  
HELX_P HELX_P5 AA5 ASP A 92  ? GLY A 107 ? ASP A 92  GLY A 107 1 ? 16 
HELX_P HELX_P6 AA6 PHE A 114 ? GLN A 123 ? PHE A 114 GLN A 123 1 ? 10 
HELX_P HELX_P7 AA7 ARG A 125 ? LYS A 135 ? ARG A 125 LYS A 135 1 ? 11 
HELX_P HELX_P8 AA8 SER A 136 ? THR A 142 ? SER A 136 THR A 142 1 ? 7  
HELX_P HELX_P9 AA9 THR A 142 ? GLY A 156 ? THR A 142 GLY A 156 1 ? 15 
# 
_struct_conf_type.id          HELX_P 
_struct_conf_type.criteria    ? 
_struct_conf_type.reference   ? 
# 
_struct_sheet.id               AA1 
_struct_sheet.type             ? 
_struct_sheet.number_strands   3 
_struct_sheet.details          ? 
# 
loop_
_struct_sheet_order.sheet_id 
_struct_sheet_order.range_id_1 
_struct_sheet_order.range_id_2 
_struct_sheet_order.offset 
_struct_sheet_order.sense 
AA1 1 2 ? anti-parallel 
AA1 2 3 ? anti-parallel 
# 
loop_
_struct_sheet_range.sheet_id 
_struct_sheet_range.id 
_struct_sheet_range.beg_label_comp_id 
_struct_sheet_range.beg_label_asym_id 
_struct_sheet_range.beg_label_seq_id 
_struct_sheet_range.pdbx_beg_PDB_ins_code 
_struct_sheet_range.end_label_comp_id 
_struct_sheet_range.end_label_asym_id 
_struct_sheet_range.end_label_seq_id 
_struct_sheet_range.pdbx_end_PDB_ins_code 
_struct_sheet_range.beg_auth_comp_id 
_struct_sheet_range.beg_auth_asym_id 
_struct_sheet_range.beg_auth_seq_id 
_struct_sheet_range.end_auth_comp_id 
_struct_sheet_range.end_auth_asym_id 
_struct_sheet_range.end_auth_seq_id 
AA1 1 ARG A 14 ? LYS A 19 ? ARG A 14 LYS A 19 
AA1 2 TYR A 25 ? GLY A 28 ? TYR A 25 GLY A 28 
AA1 3 HIS A 31 ? THR A 34 ? HIS A 31 THR A 34 
# 
loop_
_pdbx_struct_sheet_hbond.sheet_id 
_pdbx_struct_sheet_hbond.range_id_1 
_pdbx_struct_sheet_hbond.range_id_2 
_pdbx_struct_sheet_hbond.range_1_label_atom_id 
_pdbx_struct_sheet_hbond.range_1_label_comp_id 
_pdbx_struct_sheet_hbond.range_1_label_asym_id 
_pdbx_struct_sheet_hbond.range_1_label_seq_id 
_pdbx_struct_sheet_hbond.range_1_PDB_ins_code 
_pdbx_struct_sheet_hbond.range_1_auth_atom_id 
_pdbx_struct_sheet_hbond.range_1_auth_comp_id 
_pdbx_struct_sheet_hbond.range_1_auth_asym_id 
_pdbx_struct_sheet_hbond.range_1_auth_seq_id 
_pdbx_struct_sheet_hbond.range_2_label_atom_id 
_pdbx_struct_sheet_hbond.range_2_label_comp_id 
_pdbx_struct_sheet_hbond.range_2_label_asym_id 
_pdbx_struct_sheet_hbond.range_2_label_seq_id 
_pdbx_struct_sheet_hbond.range_2_PDB_ins_code 
_pdbx_struct_sheet_hbond.range_2_auth_atom_id 
_pdbx_struct_sheet_hbond.range_2_auth_comp_id 
_pdbx_struct_sheet_hbond.range_2_auth_asym_id 
_pdbx_struct_sheet_hbond.range_2_auth_seq_id 
AA1 1 2 N TYR A 18 ? N TYR A 18 O THR A 26 ? O THR A 26 
AA1 2 3 N TYR A 25 ? N TYR A 25 O LEU A 33 ? O LEU A 33 
# 
_atom_sites.entry_id                    7LXA 
_atom_sites.Cartn_transf_matrix[1][1]   ? 
_atom_sites.Cartn_transf_matrix[1][2]   ? 
_atom_sites.Cartn_transf_matrix[1][3]   ? 
_atom_sites.Cartn_transf_matrix[2][1]   ? 
_atom_sites.Cartn_transf_matrix[2][2]   ? 
_atom_sites.Cartn_transf_matrix[2][3]   ? 
_atom_sites.Cartn_transf_matrix[3][1]   ? 
_atom_sites.Cartn_transf_matrix[3][2]   ? 
_atom_sites.Cartn_transf_matrix[3][3]   ? 
_atom_sites.Cartn_transf_vector[1]      ? 
_atom_sites.Cartn_transf_vector[2]      ? 
_atom_sites.Cartn_transf_vector[3]      ? 
_atom_sites.fract_transf_matrix[1][1]   0.00034247 
_atom_sites.fract_transf_matrix[1][2]   0.01196546 
_atom_sites.fract_transf_matrix[1][3]   -0.01500632 
_atom_sites.fract_transf_matrix[2][1]   0.01643044 
_atom_sites.fract_transf_matrix[2][2]   0.00850111 
_atom_sites.fract_transf_matrix[2][3]   -0.00512429 
_atom_sites.fract_transf_matrix[3][1]   0.00215618 
_atom_sites.fract_transf_matrix[3][2]   -0.00796675 
_atom_sites.fract_transf_matrix[3][3]   -0.00630317 
_atom_sites.fract_transf_vector[1]      0.313952 
_atom_sites.fract_transf_vector[2]      -0.461640 
_atom_sites.fract_transf_vector[3]      0.064864 
_atom_sites.solution_primary            ? 
_atom_sites.solution_secondary          ? 
_atom_sites.solution_hydrogens          ? 
_atom_sites.special_details             ? 
# 
loop_
_atom_type.symbol 
C 
N 
O 
S 
# 
loop_
_atom_site.group_PDB 
_atom_site.id 
_atom_site.type_symbol 
_atom_site.label_atom_id 
_atom_site.label_alt_id 
_atom_site.label_comp_id 
_atom_site.label_asym_id 
_atom_site.label_entity_id 
_atom_site.label_seq_id 
_atom_site.pdbx_PDB_ins_code 
_atom_site.Cartn_x 
_atom_site.Cartn_y 
_atom_site.Cartn_z 
_atom_site.occupancy 
_atom_site.B_iso_or_equiv 
_atom_site.pdbx_formal_charge 
_atom_site.auth_seq_id 
_atom_site.auth_comp_id 
_atom_site.auth_asym_id 
_atom_site.auth_atom_id 
_atom_site.pdbx_PDB_model_num 
ATOM   1    N N   . ASN A 1 2   ? -13.749 -1.186  -2.585  1.00 14.74 ? 2   ASN A N   1 
ATOM   2    C CA  . ASN A 1 2   ? -13.050 0.045   -2.898  1.00 13.67 ? 2   ASN A CA  1 
ATOM   3    C C   . ASN A 1 2   ? -11.673 -0.012  -2.243  1.00 12.01 ? 2   ASN A C   1 
ATOM   4    O O   . ASN A 1 2   ? -11.367 -0.953  -1.500  1.00 12.17 ? 2   ASN A O   1 
ATOM   5    C CB  . ASN A 1 2   ? -13.865 1.263   -2.435  1.00 13.73 ? 2   ASN A CB  1 
ATOM   6    C CG  . ASN A 1 2   ? -14.120 1.255   -0.943  1.00 13.27 ? 2   ASN A CG  1 
ATOM   7    O OD1 . ASN A 1 2   ? -13.184 1.269   -0.146  1.00 13.64 ? 2   ASN A OD1 1 
ATOM   8    N ND2 . ASN A 1 2   ? -15.392 1.223   -0.556  1.00 14.13 ? 2   ASN A ND2 1 
ATOM   9    N N   . ILE A 1 3   ? -10.848 1.001   -2.511  1.00 12.05 ? 3   ILE A N   1 
ATOM   10   C CA  . ILE A 1 3   ? -9.460  0.969   -2.057  1.00 11.84 ? 3   ILE A CA  1 
ATOM   11   C C   . ILE A 1 3   ? -9.376  0.912   -0.536  1.00 11.49 ? 3   ILE A C   1 
ATOM   12   O O   . ILE A 1 3   ? -8.457  0.302   0.026   1.00 11.94 ? 3   ILE A O   1 
ATOM   13   C CB  . ILE A 1 3   ? -8.672  2.158   -2.647  1.00 12.18 ? 3   ILE A CB  1 
ATOM   14   C CG1 . ILE A 1 3   ? -7.198  2.093   -2.249  1.00 12.58 ? 3   ILE A CG1 1 
ATOM   15   C CG2 . ILE A 1 3   ? -9.277  3.498   -2.228  1.00 13.30 ? 3   ILE A CG2 1 
ATOM   16   C CD1 . ILE A 1 3   ? -6.498  0.807   -2.630  1.00 12.34 ? 3   ILE A CD1 1 
ATOM   17   N N   . PHE A 1 4   ? -10.302 1.579   0.160   1.00 11.70 ? 4   PHE A N   1 
ATOM   18   C CA  . PHE A 1 4   ? -10.266 1.565   1.620   1.00 11.77 ? 4   PHE A CA  1 
ATOM   19   C C   . PHE A 1 4   ? -10.551 0.174   2.168   1.00 12.31 ? 4   PHE A C   1 
ATOM   20   O O   . PHE A 1 4   ? -9.835  -0.311  3.049   1.00 12.59 ? 4   PHE A O   1 
ATOM   21   C CB  . PHE A 1 4   ? -11.221 2.609   2.197   1.00 12.79 ? 4   PHE A CB  1 
ATOM   22   C CG  . PHE A 1 4   ? -10.816 4.003   1.867   1.00 12.90 ? 4   PHE A CG  1 
ATOM   23   C CD1 . PHE A 1 4   ? -9.892  4.673   2.642   1.00 16.64 ? 4   PHE A CD1 1 
ATOM   24   C CD2 . PHE A 1 4   ? -11.311 4.623   0.744   1.00 14.19 ? 4   PHE A CD2 1 
ATOM   25   C CE1 . PHE A 1 4   ? -9.502  5.962   2.311   1.00 18.39 ? 4   PHE A CE1 1 
ATOM   26   C CE2 . PHE A 1 4   ? -10.923 5.899   0.411   1.00 18.32 ? 4   PHE A CE2 1 
ATOM   27   C CZ  . PHE A 1 4   ? -10.020 6.565   1.193   1.00 17.47 ? 4   PHE A CZ  1 
ATOM   28   N N   . GLU A 1 5   ? -11.603 -0.482  1.672   1.00 12.48 ? 5   GLU A N   1 
ATOM   29   C CA  . GLU A 1 5   ? -11.885 -1.841  2.133   1.00 12.96 ? 5   GLU A CA  1 
ATOM   30   C C   . GLU A 1 5   ? -10.744 -2.785  1.786   1.00 12.09 ? 5   GLU A C   1 
ATOM   31   O O   . GLU A 1 5   ? -10.369 -3.641  2.595   1.00 13.02 ? 5   GLU A O   1 
ATOM   32   C CB  . GLU A 1 5   ? -13.194 -2.356  1.531   1.00 14.06 ? 5   GLU A CB  1 
ATOM   33   C CG  . GLU A 1 5   ? -14.414 -1.602  2.009   1.00 15.50 ? 5   GLU A CG  1 
ATOM   34   C CD  . GLU A 1 5   ? -15.716 -2.229  1.560   1.00 17.54 ? 5   GLU A CD  1 
ATOM   35   O OE1 . GLU A 1 5   ? -15.709 -3.395  1.107   1.00 21.38 ? 5   GLU A OE1 1 
ATOM   36   O OE2 . GLU A 1 5   ? -16.759 -1.550  1.660   1.00 21.26 ? 5   GLU A OE2 1 
ATOM   37   N N   . MET A 1 6   ? -10.176 -2.632  0.587   1.00 11.75 ? 6   MET A N   1 
ATOM   38   C CA  . MET A 1 6   ? -9.109  -3.517  0.127   1.00 11.63 ? 6   MET A CA  1 
ATOM   39   C C   . MET A 1 6   ? -7.884  -3.398  1.023   1.00 11.45 ? 6   MET A C   1 
ATOM   40   O O   . MET A 1 6   ? -7.358  -4.400  1.527   1.00 11.82 ? 6   MET A O   1 
ATOM   41   C CB  . MET A 1 6   ? -8.757  -3.137  -1.307  1.00 11.79 ? 6   MET A CB  1 
ATOM   42   C CG  . MET A 1 6   ? -7.688  -3.994  -1.931  1.00 11.76 ? 6   MET A CG  1 
ATOM   43   S SD  . MET A 1 6   ? -7.028  -3.157  -3.386  1.00 11.92 ? 6   MET A SD  1 
ATOM   44   C CE  . MET A 1 6   ? -6.481  -4.538  -4.398  1.00 13.02 ? 6   MET A CE  1 
ATOM   45   N N   . LEU A 1 7   ? -7.434  -2.166  1.268   1.00 11.43 ? 7   LEU A N   1 
ATOM   46   C CA  . LEU A 1 7   ? -6.252  -1.976  2.102   1.00 12.00 ? 7   LEU A CA  1 
ATOM   47   C C   . LEU A 1 7   ? -6.534  -2.290  3.565   1.00 12.37 ? 7   LEU A C   1 
ATOM   48   O O   . LEU A 1 7   ? -5.635  -2.738  4.281   1.00 13.04 ? 7   LEU A O   1 
ATOM   49   C CB  . LEU A 1 7   ? -5.694  -0.562  1.936   1.00 11.94 ? 7   LEU A CB  1 
ATOM   50   C CG  . LEU A 1 7   ? -4.776  -0.380  0.725   1.00 11.72 ? 7   LEU A CG  1 
ATOM   51   C CD1 . LEU A 1 7   ? -4.538  1.092   0.458   1.00 12.54 ? 7   LEU A CD1 1 
ATOM   52   C CD2 . LEU A 1 7   ? -3.450  -1.109  0.930   1.00 11.99 ? 7   LEU A CD2 1 
ATOM   53   N N   . ARG A 1 8   ? -7.760  -2.073  4.035   1.00 12.74 ? 8   ARG A N   1 
ATOM   54   C CA  . ARG A 1 8   ? -8.084  -2.474  5.400   1.00 14.66 ? 8   ARG A CA  1 
ATOM   55   C C   . ARG A 1 8   ? -7.938  -3.981  5.569   1.00 14.32 ? 8   ARG A C   1 
ATOM   56   O O   . ARG A 1 8   ? -7.440  -4.457  6.597   1.00 15.65 ? 8   ARG A O   1 
ATOM   57   C CB  . ARG A 1 8   ? -9.496  -2.009  5.749   1.00 15.45 ? 8   ARG A CB  1 
ATOM   58   C CG  . ARG A 1 8   ? -10.013 -2.479  7.096   1.00 17.91 ? 8   ARG A CG  1 
ATOM   59   C CD  . ARG A 1 8   ? -9.170  -1.977  8.252   1.00 18.02 ? 8   ARG A CD  1 
ATOM   60   N NE  . ARG A 1 8   ? -9.783  -2.372  9.515   1.00 21.08 ? 8   ARG A NE  1 
ATOM   61   C CZ  . ARG A 1 8   ? -9.620  -3.565  10.072  1.00 22.43 ? 8   ARG A CZ  1 
ATOM   62   N NH1 . ARG A 1 8   ? -8.858  -4.470  9.480   1.00 22.46 ? 8   ARG A NH1 1 
ATOM   63   N NH2 . ARG A 1 8   ? -10.221 -3.853  11.220  1.00 26.40 ? 8   ARG A NH2 1 
ATOM   64   N N   . ILE A 1 9   ? -8.338  -4.752  4.555   1.00 14.17 ? 9   ILE A N   1 
ATOM   65   C CA  . ILE A 1 9   ? -8.128  -6.198  4.591   1.00 15.61 ? 9   ILE A CA  1 
ATOM   66   C C   . ILE A 1 9   ? -6.639  -6.525  4.610   1.00 14.18 ? 9   ILE A C   1 
ATOM   67   O O   . ILE A 1 9   ? -6.179  -7.366  5.390   1.00 15.92 ? 9   ILE A O   1 
ATOM   68   C CB  . ILE A 1 9   ? -8.842  -6.875  3.406   1.00 16.45 ? 9   ILE A CB  1 
ATOM   69   C CG1 . ILE A 1 9   ? -10.356 -6.851  3.617   1.00 17.93 ? 9   ILE A CG1 1 
ATOM   70   C CG2 . ILE A 1 9   ? -8.325  -8.307  3.176   1.00 16.42 ? 9   ILE A CG2 1 
ATOM   71   C CD1 . ILE A 1 9   ? -11.147 -7.101  2.347   1.00 17.12 ? 9   ILE A CD1 1 
ATOM   72   N N   . ASP A 1 10  ? -5.865  -5.880  3.735   1.00 12.80 ? 10  ASP A N   1 
ATOM   73   C CA  . ASP A 1 10  ? -4.457  -6.226  3.600   1.00 12.33 ? 10  ASP A CA  1 
ATOM   74   C C   . ASP A 1 10  ? -3.628  -5.766  4.790   1.00 12.47 ? 10  ASP A C   1 
ATOM   75   O O   . ASP A 1 10  ? -2.629  -6.411  5.129   1.00 14.13 ? 10  ASP A O   1 
ATOM   76   C CB  . ASP A 1 10  ? -3.902  -5.631  2.312   1.00 12.76 ? 10  ASP A CB  1 
ATOM   77   C CG  . ASP A 1 10  ? -4.337  -6.401  1.083   1.00 12.42 ? 10  ASP A CG  1 
ATOM   78   O OD1 . ASP A 1 10  ? -4.610  -7.623  1.206   1.00 12.47 ? 10  ASP A OD1 1 
ATOM   79   O OD2 . ASP A 1 10  ? -4.392  -5.795  -0.014  1.00 13.00 ? 10  ASP A OD2 1 
ATOM   80   N N   . GLU A 1 11  ? -4.004  -4.656  5.425   1.00 12.04 ? 11  GLU A N   1 
ATOM   81   C CA  . GLU A 1 11  ? -3.184  -4.080  6.487   1.00 12.77 ? 11  GLU A CA  1 
ATOM   82   C C   . GLU A 1 11  ? -3.674  -4.386  7.895   1.00 12.93 ? 11  GLU A C   1 
ATOM   83   O O   . GLU A 1 11  ? -2.881  -4.282  8.839   1.00 15.33 ? 11  GLU A O   1 
ATOM   84   C CB  . GLU A 1 11  ? -3.086  -2.555  6.339   1.00 12.75 ? 11  GLU A CB  1 
ATOM   85   C CG  . GLU A 1 11  ? -2.501  -2.092  5.008   1.00 13.65 ? 11  GLU A CG  1 
ATOM   86   C CD  . GLU A 1 11  ? -1.013  -2.365  4.867   1.00 13.39 ? 11  GLU A CD  1 
ATOM   87   O OE1 . GLU A 1 11  ? -0.333  -2.642  5.884   1.00 14.57 ? 11  GLU A OE1 1 
ATOM   88   O OE2 . GLU A 1 11  ? -0.515  -2.323  3.718   1.00 14.71 ? 11  GLU A OE2 1 
ATOM   89   N N   . GLY A 1 12  ? -4.933  -4.727  8.065   1.00 13.19 ? 12  GLY A N   1 
ATOM   90   C CA  . GLY A 1 12  ? -5.474  -4.883  9.404   1.00 14.73 ? 12  GLY A CA  1 
ATOM   91   C C   . GLY A 1 12  ? -5.629  -3.546  10.122  1.00 13.95 ? 12  GLY A C   1 
ATOM   92   O O   . GLY A 1 12  ? -5.519  -2.464  9.545   1.00 14.69 ? 12  GLY A O   1 
ATOM   93   N N   . LEU A 1 13  ? -5.886  -3.648  11.424  1.00 14.34 ? 13  LEU A N   1 
ATOM   94   C CA  . LEU A 1 13  ? -6.013  -2.479  12.286  1.00 14.92 ? 13  LEU A CA  1 
ATOM   95   C C   . LEU A 1 13  ? -5.415  -2.818  13.638  1.00 16.01 ? 13  LEU A C   1 
ATOM   96   O O   . LEU A 1 13  ? -5.867  -3.759  14.297  1.00 17.79 ? 13  LEU A O   1 
ATOM   97   C CB  . LEU A 1 13  ? -7.480  -2.078  12.454  1.00 16.84 ? 13  LEU A CB  1 
ATOM   98   C CG  . LEU A 1 13  ? -7.751  -1.003  13.507  1.00 18.21 ? 13  LEU A CG  1 
ATOM   99   C CD1 . LEU A 1 13  ? -7.126  0.315   13.096  1.00 18.13 ? 13  LEU A CD1 1 
ATOM   100  C CD2 . LEU A 1 13  ? -9.244  -0.843  13.746  1.00 20.88 ? 13  LEU A CD2 1 
ATOM   101  N N   . ARG A 1 14  ? -4.398  -2.062  14.044  1.00 14.56 ? 14  ARG A N   1 
ATOM   102  C CA  . ARG A 1 14  ? -3.792  -2.203  15.362  1.00 16.79 ? 14  ARG A CA  1 
ATOM   103  C C   . ARG A 1 14  ? -3.619  -0.818  15.965  1.00 14.44 ? 14  ARG A C   1 
ATOM   104  O O   . ARG A 1 14  ? -3.112  0.091   15.304  1.00 16.25 ? 14  ARG A O   1 
ATOM   105  C CB  . ARG A 1 14  ? -2.457  -2.948  15.267  1.00 18.12 ? 14  ARG A CB  1 
ATOM   106  C CG  . ARG A 1 14  ? -2.631  -4.377  14.756  1.00 20.43 ? 14  ARG A CG  1 
ATOM   107  C CD  . ARG A 1 14  ? -1.327  -5.143  14.613  1.00 22.12 ? 14  ARG A CD  1 
ATOM   108  N NE  . ARG A 1 14  ? -0.791  -5.560  15.904  1.00 28.21 ? 14  ARG A NE  1 
ATOM   109  C CZ  . ARG A 1 14  ? 0.321   -6.271  16.052  1.00 27.33 ? 14  ARG A CZ  1 
ATOM   110  N NH1 . ARG A 1 14  ? 1.010   -6.655  14.985  1.00 23.86 ? 14  ARG A NH1 1 
ATOM   111  N NH2 . ARG A 1 14  ? 0.742   -6.601  17.265  1.00 29.93 ? 14  ARG A NH2 1 
ATOM   112  N N   . LEU A 1 15  ? -4.052  -0.649  17.213  1.00 14.31 ? 15  LEU A N   1 
ATOM   113  C CA  . LEU A 1 15  ? -4.088  0.667   17.833  1.00 15.29 ? 15  LEU A CA  1 
ATOM   114  C C   . LEU A 1 15  ? -2.836  0.993   18.632  1.00 15.76 ? 15  LEU A C   1 
ATOM   115  O O   . LEU A 1 15  ? -2.697  2.131   19.093  1.00 16.74 ? 15  LEU A O   1 
ATOM   116  C CB  . LEU A 1 15  ? -5.325  0.787   18.726  1.00 17.51 ? 15  LEU A CB  1 
ATOM   117  C CG  . LEU A 1 15  ? -6.656  0.683   17.981  1.00 18.18 ? 15  LEU A CG  1 
ATOM   118  C CD1 . LEU A 1 15  ? -7.812  0.936   18.939  1.00 21.21 ? 15  LEU A CD1 1 
ATOM   119  C CD2 . LEU A 1 15  ? -6.718  1.636   16.796  1.00 19.19 ? 15  LEU A CD2 1 
ATOM   120  N N   . LYS A 1 16  ? -1.933  0.039   18.812  1.00 15.80 ? 16  LYS A N   1 
ATOM   121  C CA  . LYS A 1 16  ? -0.661  0.271   19.474  1.00 16.30 ? 16  LYS A CA  1 
ATOM   122  C C   . LYS A 1 16  ? 0.460   0.041   18.469  1.00 13.52 ? 16  LYS A C   1 
ATOM   123  O O   . LYS A 1 16  ? 0.319   -0.749  17.529  1.00 14.64 ? 16  LYS A O   1 
ATOM   124  C CB  . LYS A 1 16  ? -0.526  -0.650  20.704  1.00 18.64 ? 16  LYS A CB  1 
ATOM   125  C CG  . LYS A 1 16  ? 0.700   -0.416  21.590  1.00 24.60 ? 16  LYS A CG  1 
ATOM   126  C CD  . LYS A 1 16  ? 1.858   -1.297  21.200  1.00 26.84 ? 16  LYS A CD  1 
ATOM   127  C CE  . LYS A 1 16  ? 3.158   -0.902  21.869  1.00 28.77 ? 16  LYS A CE  1 
ATOM   128  N NZ  . LYS A 1 16  ? 4.288   -0.955  20.898  1.00 28.11 ? 16  LYS A NZ  1 
ATOM   129  N N   . ILE A 1 17  ? 1.580   0.735   18.669  1.00 14.11 ? 17  ILE A N   1 
ATOM   130  C CA  . ILE A 1 17  ? 2.725   0.585   17.777  1.00 13.61 ? 17  ILE A CA  1 
ATOM   131  C C   . ILE A 1 17  ? 3.071   -0.885  17.631  1.00 13.36 ? 17  ILE A C   1 
ATOM   132  O O   . ILE A 1 17  ? 3.149   -1.627  18.615  1.00 15.85 ? 17  ILE A O   1 
ATOM   133  C CB  . ILE A 1 17  ? 3.926   1.391   18.301  1.00 14.92 ? 17  ILE A CB  1 
ATOM   134  C CG1 . ILE A 1 17  ? 3.651   2.896   18.196  1.00 14.44 ? 17  ILE A CG1 1 
ATOM   135  C CG2 . ILE A 1 17  ? 5.191   1.016   17.536  1.00 15.88 ? 17  ILE A CG2 1 
ATOM   136  C CD1 . ILE A 1 17  ? 4.774   3.770   18.730  1.00 16.27 ? 17  ILE A CD1 1 
ATOM   137  N N   . TYR A 1 18  ? 3.281   -1.313  16.391  1.00 13.07 ? 18  TYR A N   1 
ATOM   138  C CA  . TYR A 1 18  ? 3.679   -2.673  16.068  1.00 14.62 ? 18  TYR A CA  1 
ATOM   139  C C   . TYR A 1 18  ? 4.779   -2.615  15.023  1.00 14.15 ? 18  TYR A C   1 
ATOM   140  O O   . TYR A 1 18  ? 5.108   -1.549  14.499  1.00 15.50 ? 18  TYR A O   1 
ATOM   141  C CB  . TYR A 1 18  ? 2.488   -3.515  15.576  1.00 16.10 ? 18  TYR A CB  1 
ATOM   142  C CG  . TYR A 1 18  ? 1.821   -3.061  14.284  1.00 14.66 ? 18  TYR A CG  1 
ATOM   143  C CD1 . TYR A 1 18  ? 0.865   -2.058  14.287  1.00 16.12 ? 18  TYR A CD1 1 
ATOM   144  C CD2 . TYR A 1 18  ? 2.096   -3.689  13.070  1.00 15.47 ? 18  TYR A CD2 1 
ATOM   145  C CE1 . TYR A 1 18  ? 0.231   -1.662  13.119  1.00 14.62 ? 18  TYR A CE1 1 
ATOM   146  C CE2 . TYR A 1 18  ? 1.465   -3.288  11.898  1.00 15.55 ? 18  TYR A CE2 1 
ATOM   147  C CZ  . TYR A 1 18  ? 0.532   -2.277  11.930  1.00 15.96 ? 18  TYR A CZ  1 
ATOM   148  O OH  . TYR A 1 18  ? -0.125  -1.863  10.784  1.00 15.84 ? 18  TYR A OH  1 
ATOM   149  N N   . LYS A 1 19  ? 5.356   -3.771  14.713  1.00 15.50 ? 19  LYS A N   1 
ATOM   150  C CA  . LYS A 1 19  ? 6.344   -3.870  13.649  1.00 16.08 ? 19  LYS A CA  1 
ATOM   151  C C   . LYS A 1 19  ? 5.704   -4.491  12.419  1.00 15.75 ? 19  LYS A C   1 
ATOM   152  O O   . LYS A 1 19  ? 4.975   -5.486  12.527  1.00 17.00 ? 19  LYS A O   1 
ATOM   153  C CB  . LYS A 1 19  ? 7.543   -4.704  14.088  1.00 16.63 ? 19  LYS A CB  1 
ATOM   154  C CG  . LYS A 1 19  ? 8.441   -3.976  15.063  1.00 17.68 ? 19  LYS A CG  1 
ATOM   155  C CD  . LYS A 1 19  ? 9.679   -4.792  15.340  1.00 18.36 ? 19  LYS A CD  1 
ATOM   156  C CE  . LYS A 1 19  ? 10.549  -4.124  16.378  1.00 19.61 ? 19  LYS A CE  1 
ATOM   157  N NZ  . LYS A 1 19  ? 11.694  -5.007  16.711  1.00 21.51 ? 19  LYS A NZ  1 
ATOM   158  N N   . ASP A 1 20  ? 5.964   -3.893  11.263  1.00 14.89 ? 20  ASP A N   1 
ATOM   159  C CA  . ASP A 1 20  ? 5.460   -4.428  10.007  1.00 14.70 ? 20  ASP A CA  1 
ATOM   160  C C   . ASP A 1 20  ? 6.281   -5.646  9.593   1.00 14.71 ? 20  ASP A C   1 
ATOM   161  O O   . ASP A 1 20  ? 7.148   -6.121  10.331  1.00 15.05 ? 20  ASP A O   1 
ATOM   162  C CB  . ASP A 1 20  ? 5.365   -3.337  8.940   1.00 14.97 ? 20  ASP A CB  1 
ATOM   163  C CG  . ASP A 1 20  ? 6.716   -2.923  8.368   1.00 14.18 ? 20  ASP A CG  1 
ATOM   164  O OD1 . ASP A 1 20  ? 7.773   -3.472  8.755   1.00 14.27 ? 20  ASP A OD1 1 
ATOM   165  O OD2 . ASP A 1 20  ? 6.721   -2.011  7.515   1.00 17.53 ? 20  ASP A OD2 1 
ATOM   166  N N   . THR A 1 21  ? 6.026   -6.150  8.386   1.00 14.35 ? 21  THR A N   1 
ATOM   167  C CA  . THR A 1 21  ? 6.708   -7.357  7.940   1.00 14.39 ? 21  THR A CA  1 
ATOM   168  C C   . THR A 1 21  ? 8.204   -7.151  7.747   1.00 13.89 ? 21  THR A C   1 
ATOM   169  O O   . THR A 1 21  ? 8.948   -8.142  7.716   1.00 16.46 ? 21  THR A O   1 
ATOM   170  C CB  . THR A 1 21  ? 6.079   -7.892  6.646   1.00 16.46 ? 21  THR A CB  1 
ATOM   171  O OG1 . THR A 1 21  ? 6.404   -7.024  5.556   1.00 21.30 ? 21  THR A OG1 1 
ATOM   172  C CG2 . THR A 1 21  ? 4.564   -7.981  6.762   1.00 20.77 ? 21  THR A CG2 1 
ATOM   173  N N   . GLU A 1 22  ? 8.658   -5.914  7.573   1.00 14.55 ? 22  GLU A N   1 
ATOM   174  C CA  . GLU A 1 22  ? 10.074  -5.613  7.452   1.00 14.95 ? 22  GLU A CA  1 
ATOM   175  C C   . GLU A 1 22  ? 10.709  -5.262  8.787   1.00 15.46 ? 22  GLU A C   1 
ATOM   176  O O   . GLU A 1 22  ? 11.906  -4.962  8.827   1.00 17.65 ? 22  GLU A O   1 
ATOM   177  C CB  . GLU A 1 22  ? 10.296  -4.469  6.458   1.00 16.50 ? 22  GLU A CB  1 
ATOM   178  C CG  . GLU A 1 22  ? 9.770   -4.763  5.052   1.00 18.83 ? 22  GLU A CG  1 
ATOM   179  C CD  . GLU A 1 22  ? 10.564  -5.838  4.328   1.00 19.58 ? 22  GLU A CD  1 
ATOM   180  O OE1 . GLU A 1 22  ? 11.717  -6.112  4.717   1.00 22.27 ? 22  GLU A OE1 1 
ATOM   181  O OE2 . GLU A 1 22  ? 10.020  -6.433  3.374   1.00 23.71 ? 22  GLU A OE2 1 
ATOM   182  N N   . GLY A 1 23  ? 9.945   -5.303  9.874   1.00 14.87 ? 23  GLY A N   1 
ATOM   183  C CA  . GLY A 1 23  ? 10.450  -4.966  11.186  1.00 16.61 ? 23  GLY A CA  1 
ATOM   184  C C   . GLY A 1 23  ? 10.384  -3.501  11.552  1.00 15.92 ? 23  GLY A C   1 
ATOM   185  O O   . GLY A 1 23  ? 11.006  -3.105  12.545  1.00 17.64 ? 23  GLY A O   1 
ATOM   186  N N   . TYR A 1 24  ? 9.641   -2.687  10.804  1.00 14.32 ? 24  TYR A N   1 
ATOM   187  C CA  . TYR A 1 24  ? 9.599   -1.245  11.011  1.00 14.65 ? 24  TYR A CA  1 
ATOM   188  C C   . TYR A 1 24  ? 8.395   -0.856  11.851  1.00 12.92 ? 24  TYR A C   1 
ATOM   189  O O   . TYR A 1 24  ? 7.290   -1.362  11.646  1.00 12.89 ? 24  TYR A O   1 
ATOM   190  C CB  . TYR A 1 24  ? 9.488   -0.515  9.676   1.00 15.35 ? 24  TYR A CB  1 
ATOM   191  C CG  . TYR A 1 24  ? 10.670  -0.711  8.756   1.00 17.34 ? 24  TYR A CG  1 
ATOM   192  C CD1 . TYR A 1 24  ? 11.964  -0.716  9.252   1.00 20.55 ? 24  TYR A CD1 1 
ATOM   193  C CD2 . TYR A 1 24  ? 10.489  -0.885  7.390   1.00 18.85 ? 24  TYR A CD2 1 
ATOM   194  C CE1 . TYR A 1 24  ? 13.052  -0.893  8.412   1.00 22.39 ? 24  TYR A CE1 1 
ATOM   195  C CE2 . TYR A 1 24  ? 11.570  -1.060  6.543   1.00 20.35 ? 24  TYR A CE2 1 
ATOM   196  C CZ  . TYR A 1 24  ? 12.845  -1.066  7.062   1.00 21.61 ? 24  TYR A CZ  1 
ATOM   197  O OH  . TYR A 1 24  ? 13.923  -1.238  6.224   1.00 27.05 ? 24  TYR A OH  1 
ATOM   198  N N   . TYR A 1 25  ? 8.599   0.098   12.758  1.00 14.10 ? 25  TYR A N   1 
ATOM   199  C CA  . TYR A 1 25  ? 7.514   0.569   13.608  1.00 13.06 ? 25  TYR A CA  1 
ATOM   200  C C   . TYR A 1 25  ? 6.397   1.211   12.791  1.00 12.15 ? 25  TYR A C   1 
ATOM   201  O O   . TYR A 1 25  ? 6.638   2.090   11.954  1.00 13.34 ? 25  TYR A O   1 
ATOM   202  C CB  . TYR A 1 25  ? 8.058   1.560   14.624  1.00 14.28 ? 25  TYR A CB  1 
ATOM   203  C CG  . TYR A 1 25  ? 8.955   0.913   15.650  1.00 14.53 ? 25  TYR A CG  1 
ATOM   204  C CD1 . TYR A 1 25  ? 8.479   -0.100  16.470  1.00 16.12 ? 25  TYR A CD1 1 
ATOM   205  C CD2 . TYR A 1 25  ? 10.279  1.304   15.788  1.00 17.32 ? 25  TYR A CD2 1 
ATOM   206  C CE1 . TYR A 1 25  ? 9.296   -0.695  17.415  1.00 17.50 ? 25  TYR A CE1 1 
ATOM   207  C CE2 . TYR A 1 25  ? 11.102  0.713   16.733  1.00 19.17 ? 25  TYR A CE2 1 
ATOM   208  C CZ  . TYR A 1 25  ? 10.601  -0.283  17.538  1.00 17.80 ? 25  TYR A CZ  1 
ATOM   209  O OH  . TYR A 1 25  ? 11.416  -0.879  18.475  1.00 23.60 ? 25  TYR A OH  1 
ATOM   210  N N   . THR A 1 26  ? 5.172   0.784   13.083  1.00 11.67 ? 26  THR A N   1 
ATOM   211  C CA  . THR A 1 26  ? 3.969   1.051   12.310  1.00 12.14 ? 26  THR A CA  1 
ATOM   212  C C   . THR A 1 26  ? 2.825   1.160   13.309  1.00 11.47 ? 26  THR A C   1 
ATOM   213  O O   . THR A 1 26  ? 2.941   0.701   14.447  1.00 12.50 ? 26  THR A O   1 
ATOM   214  C CB  . THR A 1 26  ? 3.757   -0.140  11.355  1.00 11.77 ? 26  THR A CB  1 
ATOM   215  O OG1 . THR A 1 26  ? 4.931   -0.303  10.559  1.00 13.14 ? 26  THR A OG1 1 
ATOM   216  C CG2 . THR A 1 26  ? 2.563   0.038   10.420  1.00 12.55 ? 26  THR A CG2 1 
ATOM   217  N N   . ILE A 1 27  ? 1.714   1.760   12.889  1.00 12.23 ? 27  ILE A N   1 
ATOM   218  C CA  . ILE A 1 27  ? 0.524   1.819   13.731  1.00 12.27 ? 27  ILE A CA  1 
ATOM   219  C C   . ILE A 1 27  ? -0.707  1.907   12.842  1.00 11.20 ? 27  ILE A C   1 
ATOM   220  O O   . ILE A 1 27  ? -0.624  2.248   11.660  1.00 11.61 ? 27  ILE A O   1 
ATOM   221  C CB  . ILE A 1 27  ? 0.587   3.001   14.727  1.00 12.47 ? 27  ILE A CB  1 
ATOM   222  C CG1 . ILE A 1 27  ? -0.388  2.798   15.902  1.00 13.51 ? 27  ILE A CG1 1 
ATOM   223  C CG2 . ILE A 1 27  ? 0.342   4.303   13.988  1.00 13.88 ? 27  ILE A CG2 1 
ATOM   224  C CD1 . ILE A 1 27  ? -0.112  3.680   17.097  1.00 14.39 ? 27  ILE A CD1 1 
ATOM   225  N N   . GLY A 1 28  ? -1.860  1.598   13.421  1.00 11.66 ? 28  GLY A N   1 
ATOM   226  C CA  . GLY A 1 28  ? -3.114  1.841   12.726  1.00 12.20 ? 28  GLY A CA  1 
ATOM   227  C C   . GLY A 1 28  ? -3.346  0.839   11.610  1.00 11.90 ? 28  GLY A C   1 
ATOM   228  O O   . GLY A 1 28  ? -3.192  -0.373  11.792  1.00 13.03 ? 28  GLY A O   1 
ATOM   229  N N   . ILE A 1 29  ? -3.746  1.355   10.451  1.00 11.98 ? 29  ILE A N   1 
ATOM   230  C CA  . ILE A 1 29  ? -3.971  0.575   9.241   1.00 11.75 ? 29  ILE A CA  1 
ATOM   231  C C   . ILE A 1 29  ? -2.720  0.698   8.379   1.00 11.13 ? 29  ILE A C   1 
ATOM   232  O O   . ILE A 1 29  ? -2.709  1.374   7.346   1.00 12.08 ? 29  ILE A O   1 
ATOM   233  C CB  . ILE A 1 29  ? -5.266  1.035   8.543   1.00 11.69 ? 29  ILE A CB  1 
ATOM   234  C CG1 . ILE A 1 29  ? -6.434  0.988   9.539   1.00 12.86 ? 29  ILE A CG1 1 
ATOM   235  C CG2 . ILE A 1 29  ? -5.584  0.167   7.354   1.00 12.97 ? 29  ILE A CG2 1 
ATOM   236  C CD1 . ILE A 1 29  ? -7.673  1.725   9.098   1.00 14.30 ? 29  ILE A CD1 1 
ATOM   237  N N   . GLY A 1 30  ? -1.637  0.087   8.847   1.00 11.44 ? 30  GLY A N   1 
ATOM   238  C CA  . GLY A 1 30  ? -0.399  0.084   8.099   1.00 12.31 ? 30  GLY A CA  1 
ATOM   239  C C   . GLY A 1 30  ? 0.275   1.428   7.936   1.00 11.37 ? 30  GLY A C   1 
ATOM   240  O O   . GLY A 1 30  ? 0.918   1.663   6.913   1.00 12.18 ? 30  GLY A O   1 
ATOM   241  N N   . HIS A 1 31  ? 0.168   2.317   8.920   1.00 11.23 ? 31  HIS A N   1 
ATOM   242  C CA  . HIS A 1 31  ? 0.855   3.602   8.842   1.00 11.84 ? 31  HIS A CA  1 
ATOM   243  C C   . HIS A 1 31  ? 2.297   3.457   9.323   1.00 11.85 ? 31  HIS A C   1 
ATOM   244  O O   . HIS A 1 31  ? 2.549   3.284   10.520  1.00 12.35 ? 31  HIS A O   1 
ATOM   245  C CB  . HIS A 1 31  ? 0.143   4.656   9.678   1.00 12.95 ? 31  HIS A CB  1 
ATOM   246  C CG  . HIS A 1 31  ? 0.824   5.979   9.605   1.00 11.98 ? 31  HIS A CG  1 
ATOM   247  N ND1 . HIS A 1 31  ? 0.617   6.848   8.557   1.00 13.38 ? 31  HIS A ND1 1 
ATOM   248  C CD2 . HIS A 1 31  ? 1.759   6.554   10.398  1.00 14.12 ? 31  HIS A CD2 1 
ATOM   249  C CE1 . HIS A 1 31  ? 1.384   7.913   8.717   1.00 14.12 ? 31  HIS A CE1 1 
ATOM   250  N NE2 . HIS A 1 31  ? 2.087   7.759   9.823   1.00 15.34 ? 31  HIS A NE2 1 
ATOM   251  N N   . LEU A 1 32  ? 3.254   3.569   8.405   1.00 12.67 ? 32  LEU A N   1 
ATOM   252  C CA  . LEU A 1 32  ? 4.661   3.500   8.781   1.00 13.05 ? 32  LEU A CA  1 
ATOM   253  C C   . LEU A 1 32  ? 5.049   4.725   9.600   1.00 13.07 ? 32  LEU A C   1 
ATOM   254  O O   . LEU A 1 32  ? 4.772   5.860   9.207   1.00 14.71 ? 32  LEU A O   1 
ATOM   255  C CB  . LEU A 1 32  ? 5.528   3.413   7.525   1.00 14.88 ? 32  LEU A CB  1 
ATOM   256  C CG  . LEU A 1 32  ? 7.040   3.568   7.724   1.00 17.15 ? 32  LEU A CG  1 
ATOM   257  C CD1 . LEU A 1 32  ? 7.608   2.373   8.477   1.00 18.13 ? 32  LEU A CD1 1 
ATOM   258  C CD2 . LEU A 1 32  ? 7.763   3.762   6.399   1.00 19.02 ? 32  LEU A CD2 1 
ATOM   259  N N   . LEU A 1 33  ? 5.696   4.496   10.743  1.00 13.32 ? 33  LEU A N   1 
ATOM   260  C CA  . LEU A 1 33  ? 6.161   5.602   11.570  1.00 13.43 ? 33  LEU A CA  1 
ATOM   261  C C   . LEU A 1 33  ? 7.616   5.951   11.288  1.00 14.79 ? 33  LEU A C   1 
ATOM   262  O O   . LEU A 1 33  ? 7.950   7.130   11.129  1.00 17.51 ? 33  LEU A O   1 
ATOM   263  C CB  . LEU A 1 33  ? 5.956   5.269   13.050  1.00 14.13 ? 33  LEU A CB  1 
ATOM   264  C CG  . LEU A 1 33  ? 4.495   5.242   13.491  1.00 14.19 ? 33  LEU A CG  1 
ATOM   265  C CD1 . LEU A 1 33  ? 4.377   4.611   14.864  1.00 14.22 ? 33  LEU A CD1 1 
ATOM   266  C CD2 . LEU A 1 33  ? 3.900   6.644   13.478  1.00 13.69 ? 33  LEU A CD2 1 
ATOM   267  N N   . THR A 1 34  ? 8.487   4.948   11.211  1.00 15.79 ? 34  THR A N   1 
ATOM   268  C CA  . THR A 1 34  ? 9.900   5.198   10.964  1.00 16.27 ? 34  THR A CA  1 
ATOM   269  C C   . THR A 1 34  ? 10.569  3.880   10.620  1.00 17.07 ? 34  THR A C   1 
ATOM   270  O O   . THR A 1 34  ? 10.110  2.815   11.034  1.00 17.51 ? 34  THR A O   1 
ATOM   271  C CB  . THR A 1 34  ? 10.585  5.816   12.194  1.00 17.87 ? 34  THR A CB  1 
ATOM   272  O OG1 . THR A 1 34  ? 11.958  6.091   11.893  1.00 20.64 ? 34  THR A OG1 1 
ATOM   273  C CG2 . THR A 1 34  ? 10.516  4.869   13.380  1.00 18.80 ? 34  THR A CG2 1 
ATOM   274  N N   . LYS A 1 35  ? 11.657  3.968   9.863   1.00 18.91 ? 35  LYS A N   1 
ATOM   275  C CA  . LYS A 1 35  ? 12.534  2.827   9.659   1.00 19.09 ? 35  LYS A CA  1 
ATOM   276  C C   . LYS A 1 35  ? 13.657  2.777   10.683  1.00 19.41 ? 35  LYS A C   1 
ATOM   277  O O   . LYS A 1 35  ? 14.457  1.834   10.664  1.00 22.18 ? 35  LYS A O   1 
ATOM   278  C CB  . LYS A 1 35  ? 13.087  2.826   8.231   1.00 22.25 ? 35  LYS A CB  1 
ATOM   279  C CG  . LYS A 1 35  ? 11.991  2.653   7.194   1.00 19.12 ? 35  LYS A CG  1 
ATOM   280  C CD  . LYS A 1 35  ? 12.527  2.630   5.774   1.00 22.23 ? 35  LYS A CD  1 
ATOM   281  C CE  . LYS A 1 35  ? 11.390  2.467   4.780   1.00 24.65 ? 35  LYS A CE  1 
ATOM   282  N NZ  . LYS A 1 35  ? 11.879  2.347   3.379   1.00 29.42 ? 35  LYS A NZ  1 
ATOM   283  N N   . SER A 1 36  ? 13.717  3.753   11.582  1.00 21.59 ? 36  SER A N   1 
ATOM   284  C CA  . SER A 1 36  ? 14.731  3.752   12.626  1.00 22.50 ? 36  SER A CA  1 
ATOM   285  C C   . SER A 1 36  ? 14.441  2.637   13.626  1.00 21.68 ? 36  SER A C   1 
ATOM   286  O O   . SER A 1 36  ? 13.277  2.363   13.936  1.00 20.03 ? 36  SER A O   1 
ATOM   287  C CB  . SER A 1 36  ? 14.721  5.094   13.358  1.00 22.94 ? 36  SER A CB  1 
ATOM   288  O OG  . SER A 1 36  ? 15.374  5.001   14.615  1.00 25.04 ? 36  SER A OG  1 
ATOM   289  N N   . PRO A 1 37  ? 15.475  1.977   14.159  1.00 21.98 ? 37  PRO A N   1 
ATOM   290  C CA  . PRO A 1 37  ? 15.241  0.955   15.189  1.00 22.02 ? 37  PRO A CA  1 
ATOM   291  C C   . PRO A 1 37  ? 14.843  1.522   16.542  1.00 21.07 ? 37  PRO A C   1 
ATOM   292  O O   . PRO A 1 37  ? 14.605  0.743   17.471  1.00 24.65 ? 37  PRO A O   1 
ATOM   293  C CB  . PRO A 1 37  ? 16.592  0.231   15.270  1.00 24.73 ? 37  PRO A CB  1 
ATOM   294  C CG  . PRO A 1 37  ? 17.582  1.265   14.859  1.00 27.57 ? 37  PRO A CG  1 
ATOM   295  C CD  . PRO A 1 37  ? 16.898  2.080   13.794  1.00 24.43 ? 37  PRO A CD  1 
ATOM   296  N N   . SER A 1 38  ? 14.741  2.841   16.684  1.00 21.97 ? 38  SER A N   1 
ATOM   297  C CA  . SER A 1 38  ? 14.452  3.467   17.966  1.00 21.17 ? 38  SER A CA  1 
ATOM   298  C C   . SER A 1 38  ? 12.947  3.607   18.153  1.00 19.65 ? 38  SER A C   1 
ATOM   299  O O   . SER A 1 38  ? 12.281  4.315   17.386  1.00 19.05 ? 38  SER A O   1 
ATOM   300  C CB  . SER A 1 38  ? 15.112  4.842   18.041  1.00 21.98 ? 38  SER A CB  1 
ATOM   301  O OG  . SER A 1 38  ? 14.581  5.597   19.116  1.00 22.51 ? 38  SER A OG  1 
ATOM   302  N N   . LEU A 1 39  ? 12.413  2.944   19.181  1.00 18.86 ? 39  LEU A N   1 
ATOM   303  C CA  . LEU A 1 39  ? 11.003  3.104   19.516  1.00 18.69 ? 39  LEU A CA  1 
ATOM   304  C C   . LEU A 1 39  ? 10.688  4.536   19.919  1.00 17.30 ? 39  LEU A C   1 
ATOM   305  O O   . LEU A 1 39  ? 9.584   5.027   19.657  1.00 17.45 ? 39  LEU A O   1 
ATOM   306  C CB  . LEU A 1 39  ? 10.616  2.141   20.640  1.00 19.06 ? 39  LEU A CB  1 
ATOM   307  C CG  . LEU A 1 39  ? 9.182   2.216   21.170  1.00 18.73 ? 39  LEU A CG  1 
ATOM   308  C CD1 . LEU A 1 39  ? 8.166   1.957   20.066  1.00 19.20 ? 39  LEU A CD1 1 
ATOM   309  C CD2 . LEU A 1 39  ? 8.984   1.245   22.327  1.00 22.37 ? 39  LEU A CD2 1 
ATOM   310  N N   . ASN A 1 40  ? 11.638  5.225   20.559  1.00 18.74 ? 40  ASN A N   1 
ATOM   311  C CA  . ASN A 1 40  ? 11.412  6.624   20.900  1.00 16.75 ? 40  ASN A CA  1 
ATOM   312  C C   . ASN A 1 40  ? 11.230  7.464   19.643  1.00 17.24 ? 40  ASN A C   1 
ATOM   313  O O   . ASN A 1 40  ? 10.371  8.354   19.604  1.00 16.74 ? 40  ASN A O   1 
ATOM   314  C CB  . ASN A 1 40  ? 12.566  7.157   21.749  1.00 21.28 ? 40  ASN A CB  1 
ATOM   315  C CG  . ASN A 1 40  ? 12.448  6.764   23.211  1.00 23.74 ? 40  ASN A CG  1 
ATOM   316  O OD1 . ASN A 1 40  ? 11.381  6.372   23.678  1.00 25.55 ? 40  ASN A OD1 1 
ATOM   317  N ND2 . ASN A 1 40  ? 13.551  6.878   23.944  1.00 29.95 ? 40  ASN A ND2 1 
ATOM   318  N N   . ALA A 1 41  ? 12.025  7.193   18.605  1.00 17.90 ? 41  ALA A N   1 
ATOM   319  C CA  . ALA A 1 41  ? 11.854  7.907   17.346  1.00 17.12 ? 41  ALA A CA  1 
ATOM   320  C C   . ALA A 1 41  ? 10.483  7.638   16.744  1.00 15.21 ? 41  ALA A C   1 
ATOM   321  O O   . ALA A 1 41  ? 9.842   8.554   16.214  1.00 15.53 ? 41  ALA A O   1 
ATOM   322  C CB  . ALA A 1 41  ? 12.961  7.533   16.363  1.00 19.60 ? 41  ALA A CB  1 
ATOM   323  N N   . ALA A 1 42  ? 10.011  6.390   16.827  1.00 15.30 ? 42  ALA A N   1 
ATOM   324  C CA  . ALA A 1 42  ? 8.678   6.067   16.332  1.00 14.97 ? 42  ALA A CA  1 
ATOM   325  C C   . ALA A 1 42  ? 7.605   6.799   17.122  1.00 14.08 ? 42  ALA A C   1 
ATOM   326  O O   . ALA A 1 42  ? 6.623   7.290   16.548  1.00 13.99 ? 42  ALA A O   1 
ATOM   327  C CB  . ALA A 1 42  ? 8.448   4.562   16.417  1.00 15.39 ? 42  ALA A CB  1 
ATOM   328  N N   . LYS A 1 43  ? 7.767   6.870   18.447  1.00 14.47 ? 43  LYS A N   1 
ATOM   329  C CA  . LYS A 1 43  ? 6.784   7.550   19.284  1.00 14.56 ? 43  LYS A CA  1 
ATOM   330  C C   . LYS A 1 43  ? 6.735   9.043   18.980  1.00 13.94 ? 43  LYS A C   1 
ATOM   331  O O   . LYS A 1 43  ? 5.658   9.649   18.984  1.00 14.46 ? 43  LYS A O   1 
ATOM   332  C CB  . LYS A 1 43  ? 7.097   7.300   20.763  1.00 16.52 ? 43  LYS A CB  1 
ATOM   333  C CG  . LYS A 1 43  ? 6.727   5.899   21.247  1.00 16.73 ? 43  LYS A CG  1 
ATOM   334  C CD  . LYS A 1 43  ? 7.161   5.661   22.685  1.00 20.40 ? 43  LYS A CD  1 
ATOM   335  C CE  . LYS A 1 43  ? 6.571   4.369   23.227  1.00 21.89 ? 43  LYS A CE  1 
ATOM   336  N NZ  . LYS A 1 43  ? 6.866   4.199   24.677  1.00 25.82 ? 43  LYS A NZ  1 
ATOM   337  N N   . SER A 1 44  ? 7.889   9.647   18.693  1.00 15.45 ? 44  SER A N   1 
ATOM   338  C CA  . SER A 1 44  ? 7.909   11.050  18.290  1.00 15.26 ? 44  SER A CA  1 
ATOM   339  C C   . SER A 1 44  ? 7.175   11.243  16.970  1.00 15.13 ? 44  SER A C   1 
ATOM   340  O O   . SER A 1 44  ? 6.371   12.171  16.823  1.00 15.61 ? 44  SER A O   1 
ATOM   341  C CB  . SER A 1 44  ? 9.351   11.541  18.171  1.00 18.68 ? 44  SER A CB  1 
ATOM   342  O OG  . SER A 1 44  ? 9.967   11.633  19.442  1.00 23.73 ? 44  SER A OG  1 
ATOM   343  N N   . GLU A 1 45  ? 7.440   10.372  15.994  1.00 14.41 ? 45  GLU A N   1 
ATOM   344  C CA  . GLU A 1 45  ? 6.712   10.461  14.733  1.00 14.42 ? 45  GLU A CA  1 
ATOM   345  C C   . GLU A 1 45  ? 5.215   10.321  14.956  1.00 13.45 ? 45  GLU A C   1 
ATOM   346  O O   . GLU A 1 45  ? 4.420   11.043  14.344  1.00 14.51 ? 45  GLU A O   1 
ATOM   347  C CB  . GLU A 1 45  ? 7.215   9.411   13.737  1.00 14.38 ? 45  GLU A CB  1 
ATOM   348  C CG  . GLU A 1 45  ? 8.628   9.660   13.254  1.00 15.02 ? 45  GLU A CG  1 
ATOM   349  C CD  . GLU A 1 45  ? 8.749   10.981  12.516  1.00 14.93 ? 45  GLU A CD  1 
ATOM   350  O OE1 . GLU A 1 45  ? 7.996   11.201  11.543  1.00 17.25 ? 45  GLU A OE1 1 
ATOM   351  O OE2 . GLU A 1 45  ? 9.577   11.824  12.928  1.00 17.73 ? 45  GLU A OE2 1 
ATOM   352  N N   . LEU A 1 46  ? 4.808   9.407   15.839  1.00 13.16 ? 46  LEU A N   1 
ATOM   353  C CA  . LEU A 1 46  ? 3.386   9.215   16.098  1.00 13.47 ? 46  LEU A CA  1 
ATOM   354  C C   . LEU A 1 46  ? 2.761   10.482  16.663  1.00 12.91 ? 46  LEU A C   1 
ATOM   355  O O   . LEU A 1 46  ? 1.705   10.929  16.201  1.00 13.57 ? 46  LEU A O   1 
ATOM   356  C CB  . LEU A 1 46  ? 3.183   8.049   17.061  1.00 13.52 ? 46  LEU A CB  1 
ATOM   357  C CG  . LEU A 1 46  ? 1.724   7.773   17.424  1.00 12.76 ? 46  LEU A CG  1 
ATOM   358  C CD1 . LEU A 1 46  ? 0.900   7.445   16.185  1.00 14.28 ? 46  LEU A CD1 1 
ATOM   359  C CD2 . LEU A 1 46  ? 1.627   6.648   18.436  1.00 14.94 ? 46  LEU A CD2 1 
ATOM   360  N N   . ASP A 1 47  ? 3.408   11.084  17.665  1.00 13.32 ? 47  ASP A N   1 
ATOM   361  C CA  . ASP A 1 47  ? 2.847   12.279  18.286  1.00 13.69 ? 47  ASP A CA  1 
ATOM   362  C C   . ASP A 1 47  ? 2.737   13.417  17.281  1.00 13.68 ? 47  ASP A C   1 
ATOM   363  O O   . ASP A 1 47  ? 1.748   14.160  17.277  1.00 14.73 ? 47  ASP A O   1 
ATOM   364  C CB  . ASP A 1 47  ? 3.701   12.694  19.485  1.00 15.60 ? 47  ASP A CB  1 
ATOM   365  C CG  . ASP A 1 47  ? 3.621   11.707  20.636  1.00 16.60 ? 47  ASP A CG  1 
ATOM   366  O OD1 . ASP A 1 47  ? 2.784   10.785  20.603  1.00 17.14 ? 47  ASP A OD1 1 
ATOM   367  O OD2 . ASP A 1 47  ? 4.391   11.881  21.610  1.00 19.44 ? 47  ASP A OD2 1 
ATOM   368  N N   . LYS A 1 48  ? 3.746   13.569  16.426  1.00 13.77 ? 48  LYS A N   1 
ATOM   369  C CA  . LYS A 1 48  ? 3.713   14.569  15.363  1.00 14.79 ? 48  LYS A CA  1 
ATOM   370  C C   . LYS A 1 48  ? 2.567   14.306  14.389  1.00 13.24 ? 48  LYS A C   1 
ATOM   371  O O   . LYS A 1 48  ? 1.868   15.238  13.967  1.00 13.37 ? 48  LYS A O   1 
ATOM   372  C CB  . LYS A 1 48  ? 5.061   14.550  14.633  1.00 15.80 ? 48  LYS A CB  1 
ATOM   373  C CG  . LYS A 1 48  ? 5.164   15.436  13.407  1.00 16.15 ? 48  LYS A CG  1 
ATOM   374  C CD  . LYS A 1 48  ? 6.616   15.640  12.992  1.00 16.09 ? 48  LYS A CD  1 
ATOM   375  C CE  . LYS A 1 48  ? 7.331   14.332  12.692  1.00 18.31 ? 48  LYS A CE  1 
ATOM   376  N NZ  . LYS A 1 48  ? 7.089   13.853  11.312  1.00 16.09 ? 48  LYS A NZ  1 
ATOM   377  N N   . ALA A 1 49  ? 2.346   13.037  14.034  1.00 12.85 ? 49  ALA A N   1 
ATOM   378  C CA  . ALA A 1 49  ? 1.298   12.696  13.076  1.00 13.14 ? 49  ALA A CA  1 
ATOM   379  C C   . ALA A 1 49  ? -0.094  12.944  13.646  1.00 12.67 ? 49  ALA A C   1 
ATOM   380  O O   . ALA A 1 49  ? -1.007  13.346  12.915  1.00 13.22 ? 49  ALA A O   1 
ATOM   381  C CB  . ALA A 1 49  ? 1.439   11.230  12.661  1.00 13.45 ? 49  ALA A CB  1 
ATOM   382  N N   . ILE A 1 50  ? -0.287  12.660  14.932  1.00 13.72 ? 50  ILE A N   1 
ATOM   383  C CA  . ILE A 1 50  ? -1.612  12.744  15.536  1.00 13.62 ? 50  ILE A CA  1 
ATOM   384  C C   . ILE A 1 50  ? -1.882  14.125  16.130  1.00 15.66 ? 50  ILE A C   1 
ATOM   385  O O   . ILE A 1 50  ? -3.040  14.542  16.227  1.00 16.94 ? 50  ILE A O   1 
ATOM   386  C CB  . ILE A 1 50  ? -1.765  11.643  16.600  1.00 14.33 ? 50  ILE A CB  1 
ATOM   387  C CG1 . ILE A 1 50  ? -1.518  10.270  15.985  1.00 15.63 ? 50  ILE A CG1 1 
ATOM   388  C CG2 . ILE A 1 50  ? -3.137  11.684  17.267  1.00 16.88 ? 50  ILE A CG2 1 
ATOM   389  C CD1 . ILE A 1 50  ? -2.571  9.867   14.981  1.00 18.35 ? 50  ILE A CD1 1 
ATOM   390  N N   . GLY A 1 51  ? -0.839  14.842  16.538  1.00 14.67 ? 51  GLY A N   1 
ATOM   391  C CA  . GLY A 1 51  ? -1.005  16.144  17.149  1.00 15.53 ? 51  GLY A CA  1 
ATOM   392  C C   . GLY A 1 51  ? -1.250  16.122  18.638  1.00 16.79 ? 51  GLY A C   1 
ATOM   393  O O   . GLY A 1 51  ? -1.810  17.087  19.173  1.00 18.61 ? 51  GLY A O   1 
ATOM   394  N N   . ARG A 1 52  ? -0.853  15.056  19.326  1.00 16.18 ? 52  ARG A N   1 
ATOM   395  C CA  . ARG A 1 52  ? -0.955  14.976  20.776  1.00 17.85 ? 52  ARG A CA  1 
ATOM   396  C C   . ARG A 1 52  ? 0.045   13.934  21.245  1.00 17.42 ? 52  ARG A C   1 
ATOM   397  O O   . ARG A 1 52  ? 0.606   13.183  20.446  1.00 16.47 ? 52  ARG A O   1 
ATOM   398  C CB  . ARG A 1 52  ? -2.375  14.615  21.220  1.00 18.08 ? 52  ARG A CB  1 
ATOM   399  C CG  . ARG A 1 52  ? -2.755  13.184  20.881  1.00 17.28 ? 52  ARG A CG  1 
ATOM   400  C CD  . ARG A 1 52  ? -4.189  12.828  21.280  1.00 18.36 ? 52  ARG A CD  1 
ATOM   401  N NE  . ARG A 1 52  ? -4.504  11.456  20.881  1.00 16.79 ? 52  ARG A NE  1 
ATOM   402  C CZ  . ARG A 1 52  ? -4.204  10.373  21.592  1.00 18.01 ? 52  ARG A CZ  1 
ATOM   403  N NH1 . ARG A 1 52  ? -3.594  10.484  22.768  1.00 19.85 ? 52  ARG A NH1 1 
ATOM   404  N NH2 . ARG A 1 52  ? -4.507  9.167   21.122  1.00 17.76 ? 52  ARG A NH2 1 
ATOM   405  N N   . ASN A 1 53  ? 0.271   13.904  22.555  1.00 16.66 ? 53  ASN A N   1 
ATOM   406  C CA  . ASN A 1 53  ? 1.171   12.928  23.159  1.00 16.70 ? 53  ASN A CA  1 
ATOM   407  C C   . ASN A 1 53  ? 0.417   11.614  23.301  1.00 16.96 ? 53  ASN A C   1 
ATOM   408  O O   . ASN A 1 53  ? -0.463  11.484  24.157  1.00 17.79 ? 53  ASN A O   1 
ATOM   409  C CB  . ASN A 1 53  ? 1.640   13.428  24.520  1.00 21.50 ? 53  ASN A CB  1 
ATOM   410  C CG  . ASN A 1 53  ? 2.547   14.626  24.411  1.00 28.99 ? 53  ASN A CG  1 
ATOM   411  O OD1 . ASN A 1 53  ? 3.417   14.683  23.542  1.00 31.47 ? 53  ASN A OD1 1 
ATOM   412  N ND2 . ASN A 1 53  ? 2.351   15.598  25.293  1.00 32.99 ? 53  ASN A ND2 1 
ATOM   413  N N   . CYS A 1 54  ? 0.750   10.640  22.454  1.00 16.05 ? 54  CYS A N   1 
ATOM   414  C CA  . CYS A 1 54  ? -0.017  9.405   22.359  1.00 16.13 ? 54  CYS A CA  1 
ATOM   415  C C   . CYS A 1 54  ? 0.544   8.267   23.190  1.00 16.13 ? 54  CYS A C   1 
ATOM   416  O O   . CYS A 1 54  ? -0.179  7.295   23.432  1.00 17.61 ? 54  CYS A O   1 
ATOM   417  C CB  . CYS A 1 54  ? -0.068  8.921   20.906  1.00 15.91 ? 54  CYS A CB  1 
ATOM   418  S SG  . CYS A 1 54  ? -0.936  10.030  19.816  1.00 16.36 ? 54  CYS A SG  1 
ATOM   419  N N   . ASN A 1 55  ? 1.819   8.323   23.561  1.00 17.66 ? 55  ASN A N   1 
ATOM   420  C CA  . ASN A 1 55  ? 2.449   7.230   24.301  1.00 20.93 ? 55  ASN A CA  1 
ATOM   421  C C   . ASN A 1 55  ? 2.373   5.904   23.537  1.00 19.88 ? 55  ASN A C   1 
ATOM   422  O O   . ASN A 1 55  ? 2.280   4.836   24.141  1.00 20.89 ? 55  ASN A O   1 
ATOM   423  C CB  . ASN A 1 55  ? 1.838   7.110   25.707  1.00 26.51 ? 55  ASN A CB  1 
ATOM   424  C CG  . ASN A 1 55  ? 2.660   6.247   26.648  1.00 26.75 ? 55  ASN A CG  1 
ATOM   425  O OD1 . ASN A 1 55  ? 3.879   6.145   26.518  1.00 32.08 ? 55  ASN A OD1 1 
ATOM   426  N ND2 . ASN A 1 55  ? 1.984   5.617   27.604  1.00 27.36 ? 55  ASN A ND2 1 
ATOM   427  N N   . GLY A 1 56  ? 2.378   5.952   22.202  1.00 16.53 ? 56  GLY A N   1 
ATOM   428  C CA  . GLY A 1 56  ? 2.360   4.740   21.404  1.00 15.31 ? 56  GLY A CA  1 
ATOM   429  C C   . GLY A 1 56  ? 1.003   4.119   21.152  1.00 15.69 ? 56  GLY A C   1 
ATOM   430  O O   . GLY A 1 56  ? 0.951   3.003   20.616  1.00 15.61 ? 56  GLY A O   1 
ATOM   431  N N   . VAL A 1 57  ? -0.092  4.799   21.489  1.00 15.73 ? 57  VAL A N   1 
ATOM   432  C CA  . VAL A 1 57  ? -1.434  4.242   21.357  1.00 16.54 ? 57  VAL A CA  1 
ATOM   433  C C   . VAL A 1 57  ? -2.355  5.298   20.760  1.00 14.44 ? 57  VAL A C   1 
ATOM   434  O O   . VAL A 1 57  ? -2.318  6.463   21.169  1.00 16.26 ? 57  VAL A O   1 
ATOM   435  C CB  . VAL A 1 57  ? -1.978  3.774   22.724  1.00 19.14 ? 57  VAL A CB  1 
ATOM   436  C CG1 . VAL A 1 57  ? -3.394  3.239   22.585  1.00 23.60 ? 57  VAL A CG1 1 
ATOM   437  C CG2 . VAL A 1 57  ? -1.062  2.733   23.358  1.00 22.89 ? 57  VAL A CG2 1 
ATOM   438  N N   . ILE A 1 58  ? -3.208  4.890   19.813  1.00 15.76 ? 58  ILE A N   1 
ATOM   439  C CA  . ILE A 1 58  ? -4.165  5.795   19.183  1.00 14.63 ? 58  ILE A CA  1 
ATOM   440  C C   . ILE A 1 58  ? -5.567  5.199   19.252  1.00 14.95 ? 58  ILE A C   1 
ATOM   441  O O   . ILE A 1 58  ? -5.762  4.035   19.602  1.00 16.58 ? 58  ILE A O   1 
ATOM   442  C CB  . ILE A 1 58  ? -3.784  6.148   17.729  1.00 13.91 ? 58  ILE A CB  1 
ATOM   443  C CG1 . ILE A 1 58  ? -3.749  4.897   16.845  1.00 13.53 ? 58  ILE A CG1 1 
ATOM   444  C CG2 . ILE A 1 58  ? -2.452  6.886   17.694  1.00 15.59 ? 58  ILE A CG2 1 
ATOM   445  C CD1 . ILE A 1 58  ? -3.514  5.210   15.375  1.00 14.52 ? 58  ILE A CD1 1 
ATOM   446  N N   . THR A 1 59  ? -6.555  6.021   18.908  1.00 16.44 ? 59  THR A N   1 
ATOM   447  C CA  . THR A 1 59  ? -7.933  5.567   18.811  1.00 17.19 ? 59  THR A CA  1 
ATOM   448  C C   . THR A 1 59  ? -8.234  5.081   17.395  1.00 16.98 ? 59  THR A C   1 
ATOM   449  O O   . THR A 1 59  ? -7.500  5.350   16.443  1.00 15.72 ? 59  THR A O   1 
ATOM   450  C CB  . THR A 1 59  ? -8.897  6.698   19.160  1.00 17.67 ? 59  THR A CB  1 
ATOM   451  O OG1 . THR A 1 59  ? -8.867  7.672   18.110  1.00 17.69 ? 59  THR A OG1 1 
ATOM   452  C CG2 . THR A 1 59  ? -8.521  7.358   20.486  1.00 19.49 ? 59  THR A CG2 1 
ATOM   453  N N   . LYS A 1 60  ? -9.353  4.369   17.260  1.00 17.69 ? 60  LYS A N   1 
ATOM   454  C CA  . LYS A 1 60  ? -9.770  3.910   15.939  1.00 17.65 ? 60  LYS A CA  1 
ATOM   455  C C   . LYS A 1 60  ? -10.022 5.081   14.998  1.00 16.68 ? 60  LYS A C   1 
ATOM   456  O O   . LYS A 1 60  ? -9.647  5.027   13.819  1.00 16.38 ? 60  LYS A O   1 
ATOM   457  C CB  . LYS A 1 60  ? -11.016 3.034   16.057  1.00 20.46 ? 60  LYS A CB  1 
ATOM   458  C CG  . LYS A 1 60  ? -11.469 2.427   14.740  1.00 22.41 ? 60  LYS A CG  1 
ATOM   459  C CD  . LYS A 1 60  ? -12.429 1.276   14.988  1.00 27.49 ? 60  LYS A CD  1 
ATOM   460  C CE  . LYS A 1 60  ? -12.904 0.645   13.690  1.00 30.74 ? 60  LYS A CE  1 
ATOM   461  N NZ  . LYS A 1 60  ? -13.884 1.512   12.976  1.00 33.57 ? 60  LYS A NZ  1 
ATOM   462  N N   . ASP A 1 61  ? -10.655 6.148   15.500  1.00 18.15 ? 61  ASP A N   1 
ATOM   463  C CA  . ASP A 1 61  ? -10.893 7.331   14.676  1.00 16.87 ? 61  ASP A CA  1 
ATOM   464  C C   . ASP A 1 61  ? -9.583  7.917   14.169  1.00 15.14 ? 61  ASP A C   1 
ATOM   465  O O   . ASP A 1 61  ? -9.481  8.314   13.002  1.00 16.06 ? 61  ASP A O   1 
ATOM   466  C CB  . ASP A 1 61  ? -11.637 8.390   15.487  1.00 19.11 ? 61  ASP A CB  1 
ATOM   467  C CG  . ASP A 1 61  ? -13.120 8.112   15.604  1.00 21.55 ? 61  ASP A CG  1 
ATOM   468  O OD1 . ASP A 1 61  ? -13.605 7.118   15.025  1.00 24.51 ? 61  ASP A OD1 1 
ATOM   469  O OD2 . ASP A 1 61  ? -13.799 8.895   16.305  1.00 25.18 ? 61  ASP A OD2 1 
ATOM   470  N N   . GLU A 1 62  ? -8.571  7.992   15.038  1.00 15.76 ? 62  GLU A N   1 
ATOM   471  C CA  . GLU A 1 62  ? -7.274  8.511   14.623  1.00 14.49 ? 62  GLU A CA  1 
ATOM   472  C C   . GLU A 1 62  ? -6.628  7.610   13.579  1.00 13.90 ? 62  GLU A C   1 
ATOM   473  O O   . GLU A 1 62  ? -6.054  8.098   12.600  1.00 13.87 ? 62  GLU A O   1 
ATOM   474  C CB  . GLU A 1 62  ? -6.371  8.680   15.843  1.00 14.12 ? 62  GLU A CB  1 
ATOM   475  C CG  . GLU A 1 62  ? -6.824  9.824   16.745  1.00 15.56 ? 62  GLU A CG  1 
ATOM   476  C CD  . GLU A 1 62  ? -6.179  9.833   18.121  1.00 15.61 ? 62  GLU A CD  1 
ATOM   477  O OE1 . GLU A 1 62  ? -5.632  8.804   18.557  1.00 16.15 ? 62  GLU A OE1 1 
ATOM   478  O OE2 . GLU A 1 62  ? -6.248  10.891  18.794  1.00 17.72 ? 62  GLU A OE2 1 
ATOM   479  N N   . ALA A 1 63  ? -6.711  6.294   13.780  1.00 13.81 ? 63  ALA A N   1 
ATOM   480  C CA  . ALA A 1 63  ? -6.180  5.356   12.795  1.00 13.58 ? 63  ALA A CA  1 
ATOM   481  C C   . ALA A 1 63  ? -6.862  5.535   11.444  1.00 13.76 ? 63  ALA A C   1 
ATOM   482  O O   . ALA A 1 63  ? -6.207  5.498   10.394  1.00 13.16 ? 63  ALA A O   1 
ATOM   483  C CB  . ALA A 1 63  ? -6.357  3.926   13.302  1.00 15.18 ? 63  ALA A CB  1 
ATOM   484  N N   . GLU A 1 64  ? -8.180  5.715   11.449  1.00 14.48 ? 64  GLU A N   1 
ATOM   485  C CA  . GLU A 1 64  ? -8.909  5.880   10.201  1.00 13.93 ? 64  GLU A CA  1 
ATOM   486  C C   . GLU A 1 64  ? -8.567  7.193   9.512   1.00 13.63 ? 64  GLU A C   1 
ATOM   487  O O   . GLU A 1 64  ? -8.520  7.249   8.278   1.00 13.53 ? 64  GLU A O   1 
ATOM   488  C CB  . GLU A 1 64  ? -10.408 5.715   10.442  1.00 16.36 ? 64  GLU A CB  1 
ATOM   489  C CG  . GLU A 1 64  ? -10.752 4.256   10.655  1.00 17.55 ? 64  GLU A CG  1 
ATOM   490  C CD  . GLU A 1 64  ? -12.113 3.997   11.251  1.00 22.23 ? 64  GLU A CD  1 
ATOM   491  O OE1 . GLU A 1 64  ? -12.819 4.961   11.605  1.00 24.44 ? 64  GLU A OE1 1 
ATOM   492  O OE2 . GLU A 1 64  ? -12.476 2.805   11.350  1.00 28.94 ? 64  GLU A OE2 1 
ATOM   493  N N   . LYS A 1 65  ? -8.325  8.257   10.286  1.00 13.73 ? 65  LYS A N   1 
ATOM   494  C CA  . LYS A 1 65  ? -7.936  9.525   9.673   1.00 14.01 ? 65  LYS A CA  1 
ATOM   495  C C   . LYS A 1 65  ? -6.550  9.434   9.040   1.00 13.16 ? 65  LYS A C   1 
ATOM   496  O O   . LYS A 1 65  ? -6.347  9.901   7.914   1.00 13.43 ? 65  LYS A O   1 
ATOM   497  C CB  . LYS A 1 65  ? -7.995  10.667  10.687  1.00 15.85 ? 65  LYS A CB  1 
ATOM   498  C CG  . LYS A 1 65  ? -7.672  12.025  10.070  1.00 18.47 ? 65  LYS A CG  1 
ATOM   499  C CD  . LYS A 1 65  ? -7.942  13.167  11.039  1.00 20.18 ? 65  LYS A CD  1 
ATOM   500  C CE  . LYS A 1 65  ? -7.735  14.526  10.383  1.00 21.60 ? 65  LYS A CE  1 
ATOM   501  N NZ  . LYS A 1 65  ? -8.188  15.626  11.269  1.00 23.24 ? 65  LYS A NZ  1 
ATOM   502  N N   . LEU A 1 66  ? -5.585  8.831   9.749   1.00 12.76 ? 66  LEU A N   1 
ATOM   503  C CA  . LEU A 1 66  ? -4.271  8.601   9.153   1.00 13.58 ? 66  LEU A CA  1 
ATOM   504  C C   . LEU A 1 66  ? -4.397  7.786   7.876   1.00 12.12 ? 66  LEU A C   1 
ATOM   505  O O   . LEU A 1 66  ? -3.708  8.052   6.892   1.00 13.11 ? 66  LEU A O   1 
ATOM   506  C CB  . LEU A 1 66  ? -3.365  7.842   10.126  1.00 15.47 ? 66  LEU A CB  1 
ATOM   507  C CG  . LEU A 1 66  ? -2.798  8.558   11.349  1.00 14.70 ? 66  LEU A CG  1 
ATOM   508  C CD1 . LEU A 1 66  ? -1.810  7.637   12.059  1.00 19.70 ? 66  LEU A CD1 1 
ATOM   509  C CD2 . LEU A 1 66  ? -2.147  9.878   10.967  1.00 19.51 ? 66  LEU A CD2 1 
ATOM   510  N N   . PHE A 1 67  ? -5.262  6.770   7.894   1.00 12.35 ? 67  PHE A N   1 
ATOM   511  C CA  . PHE A 1 67  ? -5.463  5.913   6.730   1.00 12.22 ? 67  PHE A CA  1 
ATOM   512  C C   . PHE A 1 67  ? -5.976  6.713   5.540   1.00 12.54 ? 67  PHE A C   1 
ATOM   513  O O   . PHE A 1 67  ? -5.491  6.549   4.417   1.00 12.74 ? 67  PHE A O   1 
ATOM   514  C CB  . PHE A 1 67  ? -6.433  4.806   7.133   1.00 11.80 ? 67  PHE A CB  1 
ATOM   515  C CG  . PHE A 1 67  ? -6.706  3.769   6.075   1.00 11.89 ? 67  PHE A CG  1 
ATOM   516  C CD1 . PHE A 1 67  ? -5.699  3.224   5.283   1.00 12.45 ? 67  PHE A CD1 1 
ATOM   517  C CD2 . PHE A 1 67  ? -7.997  3.315   5.901   1.00 12.57 ? 67  PHE A CD2 1 
ATOM   518  C CE1 . PHE A 1 67  ? -5.992  2.248   4.343   1.00 12.28 ? 67  PHE A CE1 1 
ATOM   519  C CE2 . PHE A 1 67  ? -8.288  2.346   4.960   1.00 13.00 ? 67  PHE A CE2 1 
ATOM   520  C CZ  . PHE A 1 67  ? -7.277  1.814   4.183   1.00 13.06 ? 67  PHE A CZ  1 
ATOM   521  N N   . ASN A 1 68  ? -6.938  7.610   5.768   1.00 12.87 ? 68  ASN A N   1 
ATOM   522  C CA  . ASN A 1 68  ? -7.424  8.467   4.689   1.00 13.39 ? 68  ASN A CA  1 
ATOM   523  C C   . ASN A 1 68  ? -6.294  9.299   4.107   1.00 13.75 ? 68  ASN A C   1 
ATOM   524  O O   . ASN A 1 68  ? -6.165  9.438   2.886   1.00 13.76 ? 68  ASN A O   1 
ATOM   525  C CB  . ASN A 1 68  ? -8.483  9.418   5.242   1.00 17.48 ? 68  ASN A CB  1 
ATOM   526  C CG  . ASN A 1 68  ? -9.885  8.900   5.073   1.00 20.43 ? 68  ASN A CG  1 
ATOM   527  O OD1 . ASN A 1 68  ? -10.465 8.336   6.001   1.00 27.64 ? 68  ASN A OD1 1 
ATOM   528  N ND2 . ASN A 1 68  ? -10.456 9.110   3.892   1.00 24.03 ? 68  ASN A ND2 1 
ATOM   529  N N   . GLN A 1 69  ? -5.492  9.914   4.984   1.00 12.90 ? 69  GLN A N   1 
ATOM   530  C CA  . GLN A 1 69  ? -4.351  10.701  4.535   1.00 13.34 ? 69  GLN A CA  1 
ATOM   531  C C   . GLN A 1 69  ? -3.375  9.848   3.739   1.00 12.89 ? 69  GLN A C   1 
ATOM   532  O O   . GLN A 1 69  ? -2.827  10.296  2.728   1.00 13.42 ? 69  GLN A O   1 
ATOM   533  C CB  . GLN A 1 69  ? -3.645  11.307  5.745   1.00 12.67 ? 69  GLN A CB  1 
ATOM   534  C CG  . GLN A 1 69  ? -4.512  12.310  6.481   1.00 13.20 ? 69  GLN A CG  1 
ATOM   535  C CD  . GLN A 1 69  ? -3.843  12.899  7.703   1.00 13.26 ? 69  GLN A CD  1 
ATOM   536  O OE1 . GLN A 1 69  ? -2.801  12.419  8.158   1.00 15.44 ? 69  GLN A OE1 1 
ATOM   537  N NE2 . GLN A 1 69  ? -4.446  13.935  8.252   1.00 12.81 ? 69  GLN A NE2 1 
ATOM   538  N N   . ASP A 1 70  ? -3.134  8.616   4.194   1.00 12.33 ? 70  ASP A N   1 
ATOM   539  C CA  . ASP A 1 70  ? -2.151  7.763   3.544   1.00 12.50 ? 70  ASP A CA  1 
ATOM   540  C C   . ASP A 1 70  ? -2.633  7.304   2.175   1.00 12.64 ? 70  ASP A C   1 
ATOM   541  O O   . ASP A 1 70  ? -1.839  7.214   1.234   1.00 14.16 ? 70  ASP A O   1 
ATOM   542  C CB  . ASP A 1 70  ? -1.824  6.566   4.434   1.00 12.22 ? 70  ASP A CB  1 
ATOM   543  C CG  . ASP A 1 70  ? -1.043  6.944   5.677   1.00 12.26 ? 70  ASP A CG  1 
ATOM   544  O OD1 . ASP A 1 70  ? -0.474  8.067   5.747   1.00 13.40 ? 70  ASP A OD1 1 
ATOM   545  O OD2 . ASP A 1 70  ? -0.993  6.096   6.596   1.00 13.57 ? 70  ASP A OD2 1 
ATOM   546  N N   . VAL A 1 71  ? -3.925  6.985   2.047   1.00 12.06 ? 71  VAL A N   1 
ATOM   547  C CA  . VAL A 1 71  ? -4.469  6.644   0.736   1.00 12.28 ? 71  VAL A CA  1 
ATOM   548  C C   . VAL A 1 71  ? -4.376  7.843   -0.198  1.00 12.77 ? 71  VAL A C   1 
ATOM   549  O O   . VAL A 1 71  ? -3.965  7.717   -1.357  1.00 13.58 ? 71  VAL A O   1 
ATOM   550  C CB  . VAL A 1 71  ? -5.906  6.109   0.866   1.00 12.65 ? 71  VAL A CB  1 
ATOM   551  C CG1 . VAL A 1 71  ? -6.556  5.955   -0.507  1.00 14.20 ? 71  VAL A CG1 1 
ATOM   552  C CG2 . VAL A 1 71  ? -5.916  4.794   1.613   1.00 13.36 ? 71  VAL A CG2 1 
ATOM   553  N N   . ASP A 1 72  ? -4.739  9.027   0.299   1.00 13.30 ? 72  ASP A N   1 
ATOM   554  C CA  . ASP A 1 72  ? -4.622  10.247  -0.497  1.00 13.98 ? 72  ASP A CA  1 
ATOM   555  C C   . ASP A 1 72  ? -3.190  10.452  -0.978  1.00 15.45 ? 72  ASP A C   1 
ATOM   556  O O   . ASP A 1 72  ? -2.956  10.759  -2.154  1.00 15.91 ? 72  ASP A O   1 
ATOM   557  C CB  . ASP A 1 72  ? -5.083  11.434  0.351   1.00 15.94 ? 72  ASP A CB  1 
ATOM   558  C CG  . ASP A 1 72  ? -5.748  12.535  -0.462  1.00 22.80 ? 72  ASP A CG  1 
ATOM   559  O OD1 . ASP A 1 72  ? -6.139  12.285  -1.619  1.00 29.69 ? 72  ASP A OD1 1 
ATOM   560  O OD2 . ASP A 1 72  ? -5.902  13.650  0.077   1.00 28.82 ? 72  ASP A OD2 1 
ATOM   561  N N   . ALA A 1 73  ? -2.214  10.257  -0.086  1.00 15.21 ? 73  ALA A N   1 
ATOM   562  C CA  . ALA A 1 73  ? -0.815  10.449  -0.453  1.00 15.72 ? 73  ALA A CA  1 
ATOM   563  C C   . ALA A 1 73  ? -0.379  9.464   -1.527  1.00 15.23 ? 73  ALA A C   1 
ATOM   564  O O   . ALA A 1 73  ? 0.412   9.811   -2.413  1.00 16.58 ? 73  ALA A O   1 
ATOM   565  C CB  . ALA A 1 73  ? 0.079   10.326  0.784   1.00 18.41 ? 73  ALA A CB  1 
ATOM   566  N N   . ALA A 1 74  ? -0.868  8.224   -1.459  1.00 14.57 ? 74  ALA A N   1 
ATOM   567  C CA  . ALA A 1 74  ? -0.532  7.242   -2.482  1.00 14.49 ? 74  ALA A CA  1 
ATOM   568  C C   . ALA A 1 74  ? -1.079  7.672   -3.838  1.00 14.35 ? 74  ALA A C   1 
ATOM   569  O O   . ALA A 1 74  ? -0.377  7.597   -4.856  1.00 15.99 ? 74  ALA A O   1 
ATOM   570  C CB  . ALA A 1 74  ? -1.066  5.866   -2.081  1.00 15.70 ? 74  ALA A CB  1 
ATOM   571  N N   . VAL A 1 75  ? -2.336  8.119   -3.865  1.00 13.66 ? 75  VAL A N   1 
ATOM   572  C CA  . VAL A 1 75  ? -2.934  8.590   -5.111  1.00 14.81 ? 75  VAL A CA  1 
ATOM   573  C C   . VAL A 1 75  ? -2.146  9.768   -5.678  1.00 15.70 ? 75  VAL A C   1 
ATOM   574  O O   . VAL A 1 75  ? -1.872  9.828   -6.881  1.00 16.59 ? 75  VAL A O   1 
ATOM   575  C CB  . VAL A 1 75  ? -4.426  8.919   -4.907  1.00 15.18 ? 75  VAL A CB  1 
ATOM   576  C CG1 . VAL A 1 75  ? -5.014  9.540   -6.172  1.00 17.30 ? 75  VAL A CG1 1 
ATOM   577  C CG2 . VAL A 1 75  ? -5.204  7.674   -4.498  1.00 15.29 ? 75  VAL A CG2 1 
ATOM   578  N N   . ARG A 1 76  ? -1.743  10.711  -4.822  1.00 17.29 ? 76  ARG A N   1 
ATOM   579  C CA  . ARG A 1 76  ? -0.989  11.868  -5.306  1.00 16.38 ? 76  ARG A CA  1 
ATOM   580  C C   . ARG A 1 76  ? 0.391   11.471  -5.816  1.00 19.22 ? 76  ARG A C   1 
ATOM   581  O O   . ARG A 1 76  ? 0.885   12.051  -6.792  1.00 19.71 ? 76  ARG A O   1 
ATOM   582  C CB  . ARG A 1 76  ? -0.885  12.925  -4.210  1.00 18.82 ? 76  ARG A CB  1 
ATOM   583  C CG  . ARG A 1 76  ? -2.217  13.571  -3.908  1.00 19.77 ? 76  ARG A CG  1 
ATOM   584  C CD  . ARG A 1 76  ? -2.097  14.763  -2.981  1.00 22.51 ? 76  ARG A CD  1 
ATOM   585  N NE  . ARG A 1 76  ? -3.414  15.296  -2.639  1.00 25.43 ? 76  ARG A NE  1 
ATOM   586  C CZ  . ARG A 1 76  ? -3.988  16.333  -3.241  1.00 24.68 ? 76  ARG A CZ  1 
ATOM   587  N NH1 . ARG A 1 76  ? -3.361  16.980  -4.215  1.00 28.45 ? 76  ARG A NH1 1 
ATOM   588  N NH2 . ARG A 1 76  ? -5.191  16.735  -2.855  1.00 20.42 ? 76  ARG A NH2 1 
ATOM   589  N N   . GLY A 1 77  ? 1.036   10.500  -5.167  1.00 18.08 ? 77  GLY A N   1 
ATOM   590  C CA  . GLY A 1 77  ? 2.318   10.027  -5.658  1.00 19.23 ? 77  GLY A CA  1 
ATOM   591  C C   . GLY A 1 77  ? 2.208   9.434   -7.046  1.00 18.56 ? 77  GLY A C   1 
ATOM   592  O O   . GLY A 1 77  ? 3.119   9.574   -7.867  1.00 20.96 ? 77  GLY A O   1 
ATOM   593  N N   . ILE A 1 78  ? 1.083   8.776   -7.331  1.00 16.74 ? 78  ILE A N   1 
ATOM   594  C CA  . ILE A 1 78  ? 0.830   8.266   -8.672  1.00 16.32 ? 78  ILE A CA  1 
ATOM   595  C C   . ILE A 1 78  ? 0.624   9.415   -9.649  1.00 15.70 ? 78  ILE A C   1 
ATOM   596  O O   . ILE A 1 78  ? 1.255   9.472   -10.710 1.00 16.68 ? 78  ILE A O   1 
ATOM   597  C CB  . ILE A 1 78  ? -0.381  7.315   -8.658  1.00 16.24 ? 78  ILE A CB  1 
ATOM   598  C CG1 . ILE A 1 78  ? -0.003  5.993   -7.991  1.00 15.66 ? 78  ILE A CG1 1 
ATOM   599  C CG2 . ILE A 1 78  ? -0.877  7.070   -10.065 1.00 15.45 ? 78  ILE A CG2 1 
ATOM   600  C CD1 . ILE A 1 78  ? -1.187  5.141   -7.586  1.00 17.27 ? 78  ILE A CD1 1 
ATOM   601  N N   . LEU A 1 79  ? -0.259  10.351  -9.298  1.00 15.87 ? 79  LEU A N   1 
ATOM   602  C CA  . LEU A 1 79  ? -0.634  11.409  -10.234 1.00 18.01 ? 79  LEU A CA  1 
ATOM   603  C C   . LEU A 1 79  ? 0.523   12.353  -10.536 1.00 20.06 ? 79  LEU A C   1 
ATOM   604  O O   . LEU A 1 79  ? 0.564   12.948  -11.619 1.00 20.94 ? 79  LEU A O   1 
ATOM   605  C CB  . LEU A 1 79  ? -1.845  12.179  -9.706  1.00 19.72 ? 79  LEU A CB  1 
ATOM   606  C CG  . LEU A 1 79  ? -3.143  11.391  -9.530  1.00 19.11 ? 79  LEU A CG  1 
ATOM   607  C CD1 . LEU A 1 79  ? -4.224  12.278  -8.931  1.00 23.09 ? 79  LEU A CD1 1 
ATOM   608  C CD2 . LEU A 1 79  ? -3.603  10.811  -10.862 1.00 22.18 ? 79  LEU A CD2 1 
ATOM   609  N N   . ARG A 1 80  ? 1.470   12.498  -9.611  1.00 18.40 ? 80  ARG A N   1 
ATOM   610  C CA  . ARG A 1 80  ? 2.620   13.369  -9.819  1.00 21.96 ? 80  ARG A CA  1 
ATOM   611  C C   . ARG A 1 80  ? 3.780   12.676  -10.519 1.00 21.89 ? 80  ARG A C   1 
ATOM   612  O O   . ARG A 1 80  ? 4.754   13.344  -10.883 1.00 24.68 ? 80  ARG A O   1 
ATOM   613  C CB  . ARG A 1 80  ? 3.122   13.907  -8.477  1.00 23.10 ? 80  ARG A CB  1 
ATOM   614  C CG  . ARG A 1 80  ? 2.243   14.970  -7.849  1.00 28.92 ? 80  ARG A CG  1 
ATOM   615  C CD  . ARG A 1 80  ? 2.964   15.668  -6.703  1.00 32.24 ? 80  ARG A CD  1 
ATOM   616  N NE  . ARG A 1 80  ? 2.768   14.995  -5.420  1.00 34.78 ? 80  ARG A NE  1 
ATOM   617  C CZ  . ARG A 1 80  ? 3.548   14.027  -4.945  1.00 32.99 ? 80  ARG A CZ  1 
ATOM   618  N NH1 . ARG A 1 80  ? 4.598   13.604  -5.640  1.00 33.91 ? 80  ARG A NH1 1 
ATOM   619  N NH2 . ARG A 1 80  ? 3.280   13.483  -3.766  1.00 31.18 ? 80  ARG A NH2 1 
ATOM   620  N N   . ASN A 1 81  ? 3.709   11.363  -10.710 1.00 18.68 ? 81  ASN A N   1 
ATOM   621  C CA  . ASN A 1 81  ? 4.816   10.588  -11.249 1.00 21.31 ? 81  ASN A CA  1 
ATOM   622  C C   . ASN A 1 81  ? 4.581   10.358  -12.737 1.00 19.78 ? 81  ASN A C   1 
ATOM   623  O O   . ASN A 1 81  ? 3.562   9.775   -13.127 1.00 19.92 ? 81  ASN A O   1 
ATOM   624  C CB  . ASN A 1 81  ? 4.933   9.259   -10.504 1.00 20.23 ? 81  ASN A CB  1 
ATOM   625  C CG  . ASN A 1 81  ? 6.154   8.471   -10.909 1.00 21.76 ? 81  ASN A CG  1 
ATOM   626  O OD1 . ASN A 1 81  ? 6.230   7.951   -12.016 1.00 23.61 ? 81  ASN A OD1 1 
ATOM   627  N ND2 . ASN A 1 81  ? 7.111   8.358   -9.998  1.00 24.37 ? 81  ASN A ND2 1 
ATOM   628  N N   . ALA A 1 82  ? 5.528   10.807  -13.564 1.00 22.96 ? 82  ALA A N   1 
ATOM   629  C CA  . ALA A 1 82  ? 5.359   10.733  -15.011 1.00 22.96 ? 82  ALA A CA  1 
ATOM   630  C C   . ALA A 1 82  ? 5.346   9.302   -15.533 1.00 22.06 ? 82  ALA A C   1 
ATOM   631  O O   . ALA A 1 82  ? 4.844   9.064   -16.639 1.00 22.95 ? 82  ALA A O   1 
ATOM   632  C CB  . ALA A 1 82  ? 6.449   11.546  -15.712 1.00 25.48 ? 82  ALA A CB  1 
ATOM   633  N N   . LYS A 1 83  ? 5.895   8.350   -14.782 1.00 22.11 ? 83  LYS A N   1 
ATOM   634  C CA  . LYS A 1 83  ? 5.851   6.953   -15.189 1.00 21.77 ? 83  LYS A CA  1 
ATOM   635  C C   . LYS A 1 83  ? 4.556   6.279   -14.762 1.00 18.52 ? 83  LYS A C   1 
ATOM   636  O O   . LYS A 1 83  ? 4.010   5.453   -15.503 1.00 21.30 ? 83  LYS A O   1 
ATOM   637  C CB  . LYS A 1 83  ? 7.032   6.190   -14.585 1.00 26.43 ? 83  LYS A CB  1 
ATOM   638  C CG  . LYS A 1 83  ? 8.370   6.452   -15.255 1.00 28.73 ? 83  LYS A CG  1 
ATOM   639  C CD  . LYS A 1 83  ? 9.417   5.447   -14.791 1.00 32.47 ? 83  LYS A CD  1 
ATOM   640  C CE  . LYS A 1 83  ? 8.787   4.105   -14.432 1.00 29.99 ? 83  LYS A CE  1 
ATOM   641  N NZ  . LYS A 1 83  ? 9.512   2.958   -15.038 1.00 29.67 ? 83  LYS A NZ  1 
ATOM   642  N N   . LEU A 1 84  ? 4.052   6.627   -13.577 1.00 16.94 ? 84  LEU A N   1 
ATOM   643  C CA  . LEU A 1 84  ? 2.902   5.932   -13.012 1.00 15.62 ? 84  LEU A CA  1 
ATOM   644  C C   . LEU A 1 84  ? 1.587   6.491   -13.534 1.00 15.31 ? 84  LEU A C   1 
ATOM   645  O O   . LEU A 1 84  ? 0.662   5.725   -13.826 1.00 15.03 ? 84  LEU A O   1 
ATOM   646  C CB  . LEU A 1 84  ? 2.935   6.013   -11.488 1.00 15.49 ? 84  LEU A CB  1 
ATOM   647  C CG  . LEU A 1 84  ? 4.138   5.349   -10.817 1.00 15.30 ? 84  LEU A CG  1 
ATOM   648  C CD1 . LEU A 1 84  ? 4.027   5.456   -9.300  1.00 17.56 ? 84  LEU A CD1 1 
ATOM   649  C CD2 . LEU A 1 84  ? 4.251   3.900   -11.260 1.00 18.45 ? 84  LEU A CD2 1 
ATOM   650  N N   . LYS A 1 85  ? 1.484   7.813   -13.666 1.00 15.71 ? 85  LYS A N   1 
ATOM   651  C CA  . LYS A 1 85  ? 0.211   8.419   -14.050 1.00 15.33 ? 85  LYS A CA  1 
ATOM   652  C C   . LYS A 1 85  ? -0.355  7.872   -15.354 1.00 14.49 ? 85  LYS A C   1 
ATOM   653  O O   . LYS A 1 85  ? -1.546  7.522   -15.377 1.00 14.50 ? 85  LYS A O   1 
ATOM   654  C CB  . LYS A 1 85  ? 0.309   9.945   -14.070 1.00 15.91 ? 85  LYS A CB  1 
ATOM   655  C CG  . LYS A 1 85  ? -1.025  10.594  -14.391 1.00 18.18 ? 85  LYS A CG  1 
ATOM   656  C CD  . LYS A 1 85  ? -0.933  12.106  -14.350 1.00 20.79 ? 85  LYS A CD  1 
ATOM   657  C CE  . LYS A 1 85  ? -2.311  12.750  -14.405 1.00 25.44 ? 85  LYS A CE  1 
ATOM   658  N NZ  . LYS A 1 85  ? -3.054  12.414  -15.645 1.00 26.69 ? 85  LYS A NZ  1 
ATOM   659  N N   . PRO A 1 86  ? 0.401   7.786   -16.456 1.00 15.51 ? 86  PRO A N   1 
ATOM   660  C CA  . PRO A 1 86  ? -0.217  7.270   -17.689 1.00 16.37 ? 86  PRO A CA  1 
ATOM   661  C C   . PRO A 1 86  ? -0.732  5.851   -17.546 1.00 15.13 ? 86  PRO A C   1 
ATOM   662  O O   . PRO A 1 86  ? -1.782  5.512   -18.108 1.00 15.69 ? 86  PRO A O   1 
ATOM   663  C CB  . PRO A 1 86  ? 0.902   7.381   -18.738 1.00 17.97 ? 86  PRO A CB  1 
ATOM   664  C CG  . PRO A 1 86  ? 2.160   7.534   -17.968 1.00 21.67 ? 86  PRO A CG  1 
ATOM   665  C CD  . PRO A 1 86  ? 1.802   8.192   -16.674 1.00 17.88 ? 86  PRO A CD  1 
ATOM   666  N N   . VAL A 1 87  ? -0.019  4.999   -16.809 1.00 14.46 ? 87  VAL A N   1 
ATOM   667  C CA  . VAL A 1 87  ? -0.500  3.637   -16.607 1.00 14.04 ? 87  VAL A CA  1 
ATOM   668  C C   . VAL A 1 87  ? -1.763  3.641   -15.758 1.00 12.60 ? 87  VAL A C   1 
ATOM   669  O O   . VAL A 1 87  ? -2.758  2.985   -16.086 1.00 13.29 ? 87  VAL A O   1 
ATOM   670  C CB  . VAL A 1 87  ? 0.600   2.754   -15.995 1.00 15.06 ? 87  VAL A CB  1 
ATOM   671  C CG1 . VAL A 1 87  ? 0.111   1.318   -15.874 1.00 15.75 ? 87  VAL A CG1 1 
ATOM   672  C CG2 . VAL A 1 87  ? 1.864   2.831   -16.836 1.00 16.47 ? 87  VAL A CG2 1 
ATOM   673  N N   . TYR A 1 88  ? -1.744  4.387   -14.656 1.00 13.23 ? 88  TYR A N   1 
ATOM   674  C CA  . TYR A 1 88  ? -2.911  4.486   -13.790 1.00 13.33 ? 88  TYR A CA  1 
ATOM   675  C C   . TYR A 1 88  ? -4.130  4.969   -14.564 1.00 13.56 ? 88  TYR A C   1 
ATOM   676  O O   . TYR A 1 88  ? -5.224  4.399   -14.449 1.00 13.74 ? 88  TYR A O   1 
ATOM   677  C CB  . TYR A 1 88  ? -2.579  5.449   -12.655 1.00 14.65 ? 88  TYR A CB  1 
ATOM   678  C CG  . TYR A 1 88  ? -3.684  5.659   -11.665 1.00 13.40 ? 88  TYR A CG  1 
ATOM   679  C CD1 . TYR A 1 88  ? -3.911  4.745   -10.644 1.00 14.38 ? 88  TYR A CD1 1 
ATOM   680  C CD2 . TYR A 1 88  ? -4.484  6.783   -11.729 1.00 15.60 ? 88  TYR A CD2 1 
ATOM   681  C CE1 . TYR A 1 88  ? -4.911  4.942   -9.722  1.00 15.11 ? 88  TYR A CE1 1 
ATOM   682  C CE2 . TYR A 1 88  ? -5.481  6.991   -10.810 1.00 15.86 ? 88  TYR A CE2 1 
ATOM   683  C CZ  . TYR A 1 88  ? -5.695  6.062   -9.814  1.00 15.29 ? 88  TYR A CZ  1 
ATOM   684  O OH  . TYR A 1 88  ? -6.692  6.247   -8.890  1.00 18.53 ? 88  TYR A OH  1 
ATOM   685  N N   . ASP A 1 89  ? -3.956  6.025   -15.366 1.00 13.90 ? 89  ASP A N   1 
ATOM   686  C CA  . ASP A 1 89  ? -5.076  6.567   -16.130 1.00 14.30 ? 89  ASP A CA  1 
ATOM   687  C C   . ASP A 1 89  ? -5.617  5.560   -17.135 1.00 14.90 ? 89  ASP A C   1 
ATOM   688  O O   . ASP A 1 89  ? -6.800  5.616   -17.487 1.00 16.83 ? 89  ASP A O   1 
ATOM   689  C CB  . ASP A 1 89  ? -4.650  7.840   -16.861 1.00 16.02 ? 89  ASP A CB  1 
ATOM   690  C CG  . ASP A 1 89  ? -4.556  9.043   -15.950 1.00 17.70 ? 89  ASP A CG  1 
ATOM   691  O OD1 . ASP A 1 89  ? -5.018  8.973   -14.791 1.00 18.26 ? 89  ASP A OD1 1 
ATOM   692  O OD2 . ASP A 1 89  ? -4.013  10.068  -16.414 1.00 22.40 ? 89  ASP A OD2 1 
ATOM   693  N N   . SER A 1 90  ? -4.775  4.635   -17.613 1.00 13.30 ? 90  SER A N   1 
ATOM   694  C CA  . SER A 1 90  ? -5.221  3.642   -18.585 1.00 14.24 ? 90  SER A CA  1 
ATOM   695  C C   . SER A 1 90  ? -6.064  2.539   -17.960 1.00 13.52 ? 90  SER A C   1 
ATOM   696  O O   . SER A 1 90  ? -6.745  1.815   -18.693 1.00 14.27 ? 90  SER A O   1 
ATOM   697  C CB  . SER A 1 90  ? -4.021  3.023   -19.313 1.00 14.55 ? 90  SER A CB  1 
ATOM   698  O OG  . SER A 1 90  ? -3.349  2.062   -18.511 1.00 13.84 ? 90  SER A OG  1 
ATOM   699  N N   . LEU A 1 91  ? -6.023  2.387   -16.638 1.00 12.92 ? 91  LEU A N   1 
ATOM   700  C CA  . LEU A 1 91  ? -6.673  1.285   -15.946 1.00 13.25 ? 91  LEU A CA  1 
ATOM   701  C C   . LEU A 1 91  ? -8.138  1.591   -15.651 1.00 13.30 ? 91  LEU A C   1 
ATOM   702  O O   . LEU A 1 91  ? -8.541  2.747   -15.502 1.00 14.01 ? 91  LEU A O   1 
ATOM   703  C CB  . LEU A 1 91  ? -5.968  1.001   -14.619 1.00 12.70 ? 91  LEU A CB  1 
ATOM   704  C CG  . LEU A 1 91  ? -4.518  0.513   -14.692 1.00 13.91 ? 91  LEU A CG  1 
ATOM   705  C CD1 . LEU A 1 91  ? -3.930  0.467   -13.292 1.00 15.46 ? 91  LEU A CD1 1 
ATOM   706  C CD2 . LEU A 1 91  ? -4.415  -0.854  -15.356 1.00 14.92 ? 91  LEU A CD2 1 
ATOM   707  N N   . ASP A 1 92  ? -8.925  0.525   -15.543 1.00 13.14 ? 92  ASP A N   1 
ATOM   708  C CA  . ASP A 1 92  ? -10.274 0.590   -15.005 1.00 13.78 ? 92  ASP A CA  1 
ATOM   709  C C   . ASP A 1 92  ? -10.228 0.792   -13.486 1.00 13.89 ? 92  ASP A C   1 
ATOM   710  O O   . ASP A 1 92  ? -9.171  0.721   -12.849 1.00 13.65 ? 92  ASP A O   1 
ATOM   711  C CB  . ASP A 1 92  ? -10.998 -0.718  -15.296 1.00 14.93 ? 92  ASP A CB  1 
ATOM   712  C CG  . ASP A 1 92  ? -10.253 -1.903  -14.738 1.00 15.05 ? 92  ASP A CG  1 
ATOM   713  O OD1 . ASP A 1 92  ? -9.347  -2.408  -15.435 1.00 14.19 ? 92  ASP A OD1 1 
ATOM   714  O OD2 . ASP A 1 92  ? -10.550 -2.284  -13.576 1.00 15.03 ? 92  ASP A OD2 1 
ATOM   715  N N   . ALA A 1 93  ? -11.413 1.013   -12.903 1.00 15.02 ? 93  ALA A N   1 
ATOM   716  C CA  . ALA A 1 93  ? -11.505 1.421   -11.503 1.00 14.80 ? 93  ALA A CA  1 
ATOM   717  C C   . ALA A 1 93  ? -11.004 0.343   -10.550 1.00 14.20 ? 93  ALA A C   1 
ATOM   718  O O   . ALA A 1 93  ? -10.391 0.660   -9.524  1.00 15.75 ? 93  ALA A O   1 
ATOM   719  C CB  . ALA A 1 93  ? -12.944 1.822   -11.166 1.00 18.00 ? 93  ALA A CB  1 
ATOM   720  N N   . VAL A 1 94  ? -11.273 -0.929  -10.845 1.00 14.36 ? 94  VAL A N   1 
ATOM   721  C CA  . VAL A 1 94  ? -10.834 -1.992  -9.947  1.00 12.79 ? 94  VAL A CA  1 
ATOM   722  C C   . VAL A 1 94  ? -9.318  -2.127  -9.989  1.00 12.53 ? 94  VAL A C   1 
ATOM   723  O O   . VAL A 1 94  ? -8.648  -2.199  -8.949  1.00 12.93 ? 94  VAL A O   1 
ATOM   724  C CB  . VAL A 1 94  ? -11.547 -3.314  -10.279 1.00 14.23 ? 94  VAL A CB  1 
ATOM   725  C CG1 . VAL A 1 94  ? -11.004 -4.439  -9.415  1.00 15.09 ? 94  VAL A CG1 1 
ATOM   726  C CG2 . VAL A 1 94  ? -13.052 -3.157  -10.085 1.00 16.98 ? 94  VAL A CG2 1 
ATOM   727  N N   . ARG A 1 95  ? -8.746  -2.142  -11.193 1.00 11.98 ? 95  ARG A N   1 
ATOM   728  C CA  . ARG A 1 95  ? -7.297  -2.239  -11.302 1.00 11.75 ? 95  ARG A CA  1 
ATOM   729  C C   . ARG A 1 95  ? -6.599  -1.004  -10.752 1.00 11.06 ? 95  ARG A C   1 
ATOM   730  O O   . ARG A 1 95  ? -5.480  -1.111  -10.244 1.00 11.69 ? 95  ARG A O   1 
ATOM   731  C CB  . ARG A 1 95  ? -6.890  -2.533  -12.741 1.00 11.93 ? 95  ARG A CB  1 
ATOM   732  C CG  . ARG A 1 95  ? -7.395  -3.879  -13.229 1.00 12.28 ? 95  ARG A CG  1 
ATOM   733  C CD  . ARG A 1 95  ? -6.828  -4.205  -14.596 1.00 12.83 ? 95  ARG A CD  1 
ATOM   734  N NE  . ARG A 1 95  ? -7.049  -5.586  -15.022 1.00 12.54 ? 95  ARG A NE  1 
ATOM   735  C CZ  . ARG A 1 95  ? -8.111  -6.007  -15.706 1.00 12.39 ? 95  ARG A CZ  1 
ATOM   736  N NH1 . ARG A 1 95  ? -9.076  -5.157  -16.032 1.00 13.77 ? 95  ARG A NH1 1 
ATOM   737  N NH2 . ARG A 1 95  ? -8.198  -7.281  -16.071 1.00 13.45 ? 95  ARG A NH2 1 
ATOM   738  N N   . ARG A 1 96  ? -7.239  0.167   -10.809 1.00 11.91 ? 96  ARG A N   1 
ATOM   739  C CA  . ARG A 1 96  ? -6.651  1.341   -10.165 1.00 11.88 ? 96  ARG A CA  1 
ATOM   740  C C   . ARG A 1 96  ? -6.460  1.107   -8.673  1.00 11.68 ? 96  ARG A C   1 
ATOM   741  O O   . ARG A 1 96  ? -5.487  1.590   -8.080  1.00 11.82 ? 96  ARG A O   1 
ATOM   742  C CB  . ARG A 1 96  ? -7.522  2.573   -10.404 1.00 13.14 ? 96  ARG A CB  1 
ATOM   743  C CG  . ARG A 1 96  ? -7.330  3.193   -11.771 1.00 13.20 ? 96  ARG A CG  1 
ATOM   744  C CD  . ARG A 1 96  ? -8.202  4.415   -11.991 1.00 14.10 ? 96  ARG A CD  1 
ATOM   745  N NE  . ARG A 1 96  ? -8.014  4.924   -13.345 1.00 15.68 ? 96  ARG A NE  1 
ATOM   746  C CZ  . ARG A 1 96  ? -8.852  5.741   -13.971 1.00 14.69 ? 96  ARG A CZ  1 
ATOM   747  N NH1 . ARG A 1 96  ? -9.949  6.166   -13.362 1.00 18.15 ? 96  ARG A NH1 1 
ATOM   748  N NH2 . ARG A 1 96  ? -8.589  6.122   -15.213 1.00 16.40 ? 96  ARG A NH2 1 
ATOM   749  N N   . CYS A 1 97  ? -7.375  0.366   -8.047  1.00 12.02 ? 97  CYS A N   1 
ATOM   750  C CA  . CYS A 1 97  ? -7.205  0.045   -6.634  1.00 11.81 ? 97  CYS A CA  1 
ATOM   751  C C   . CYS A 1 97  ? -5.965  -0.805  -6.405  1.00 10.97 ? 97  CYS A C   1 
ATOM   752  O O   . CYS A 1 97  ? -5.238  -0.598  -5.425  1.00 11.81 ? 97  CYS A O   1 
ATOM   753  C CB  . CYS A 1 97  ? -8.444  -0.660  -6.097  1.00 12.14 ? 97  CYS A CB  1 
ATOM   754  S SG  . CYS A 1 97  ? -9.896  0.385   -6.004  1.00 13.41 ? 97  CYS A SG  1 
ATOM   755  N N   . ALA A 1 98  ? -5.711  -1.773  -7.287  1.00 11.50 ? 98  ALA A N   1 
ATOM   756  C CA  . ALA A 1 98  ? -4.505  -2.581  -7.153  1.00 11.37 ? 98  ALA A CA  1 
ATOM   757  C C   . ALA A 1 98  ? -3.251  -1.719  -7.270  1.00 10.31 ? 98  ALA A C   1 
ATOM   758  O O   . ALA A 1 98  ? -2.268  -1.931  -6.545  1.00 11.14 ? 98  ALA A O   1 
ATOM   759  C CB  . ALA A 1 98  ? -4.520  -3.700  -8.190  1.00 11.56 ? 98  ALA A CB  1 
ATOM   760  N N   . ALA A 1 99  ? -3.272  -0.733  -8.171  1.00 10.86 ? 99  ALA A N   1 
ATOM   761  C CA  . ALA A 1 99  ? -2.139  0.175   -8.316  1.00 11.34 ? 99  ALA A CA  1 
ATOM   762  C C   . ALA A 1 99  ? -1.917  0.999   -7.049  1.00 11.72 ? 99  ALA A C   1 
ATOM   763  O O   . ALA A 1 99  ? -0.783  1.150   -6.577  1.00 12.28 ? 99  ALA A O   1 
ATOM   764  C CB  . ALA A 1 99  ? -2.371  1.095   -9.512  1.00 13.08 ? 99  ALA A CB  1 
ATOM   765  N N   . ILE A 1 100 ? -2.992  1.569   -6.497  1.00 11.02 ? 100 ILE A N   1 
ATOM   766  C CA  . ILE A 1 100 ? -2.857  2.334   -5.259  1.00 10.85 ? 100 ILE A CA  1 
ATOM   767  C C   . ILE A 1 100 ? -2.328  1.448   -4.143  1.00 10.88 ? 100 ILE A C   1 
ATOM   768  O O   . ILE A 1 100 ? -1.493  1.872   -3.330  1.00 11.68 ? 100 ILE A O   1 
ATOM   769  C CB  . ILE A 1 100 ? -4.198  2.985   -4.870  1.00 11.66 ? 100 ILE A CB  1 
ATOM   770  C CG1 . ILE A 1 100 ? -4.650  3.976   -5.942  1.00 12.08 ? 100 ILE A CG1 1 
ATOM   771  C CG2 . ILE A 1 100 ? -4.083  3.678   -3.512  1.00 12.32 ? 100 ILE A CG2 1 
ATOM   772  C CD1 . ILE A 1 100 ? -6.128  4.323   -5.872  1.00 14.07 ? 100 ILE A CD1 1 
ATOM   773  N N   . ASN A 1 101 ? -2.823  0.207   -4.076  1.00 11.31 ? 101 ASN A N   1 
ATOM   774  C CA  . ASN A 1 101 ? -2.386  -0.733  -3.048  1.00 10.93 ? 101 ASN A CA  1 
ATOM   775  C C   . ASN A 1 101 ? -0.869  -0.910  -3.082  1.00 10.63 ? 101 ASN A C   1 
ATOM   776  O O   . ASN A 1 101 ? -0.193  -0.820  -2.046  1.00 11.44 ? 101 ASN A O   1 
ATOM   777  C CB  . ASN A 1 101 ? -3.117  -2.061  -3.276  1.00 11.38 ? 101 ASN A CB  1 
ATOM   778  C CG  . ASN A 1 101 ? -3.002  -3.018  -2.115  1.00 10.72 ? 101 ASN A CG  1 
ATOM   779  O OD1 . ASN A 1 101 ? -1.900  -3.345  -1.669  1.00 11.40 ? 101 ASN A OD1 1 
ATOM   780  N ND2 . ASN A 1 101 ? -4.139  -3.506  -1.643  1.00 11.55 ? 101 ASN A ND2 1 
ATOM   781  N N   . MET A 1 102 ? -0.315  -1.159  -4.274  1.00 10.71 ? 102 MET A N   1 
ATOM   782  C CA  . MET A 1 102 ? 1.131   -1.313  -4.402  1.00 11.18 ? 102 MET A CA  1 
ATOM   783  C C   . MET A 1 102 ? 1.881   -0.066  -3.953  1.00 11.73 ? 102 MET A C   1 
ATOM   784  O O   . MET A 1 102 ? 2.905   -0.166  -3.268  1.00 11.78 ? 102 MET A O   1 
ATOM   785  C CB  . MET A 1 102 ? 1.514   -1.670  -5.839  1.00 11.19 ? 102 MET A CB  1 
ATOM   786  C CG  . MET A 1 102 ? 1.048   -3.047  -6.272  1.00 11.90 ? 102 MET A CG  1 
ATOM   787  S SD  . MET A 1 102 ? 1.715   -3.526  -7.867  1.00 13.24 ? 102 MET A SD  1 
ATOM   788  C CE  . MET A 1 102 ? 3.437   -3.824  -7.473  1.00 14.74 ? 102 MET A CE  1 
ATOM   789  N N   . VAL A 1 103 ? 1.416   1.117   -4.356  1.00 11.24 ? 103 VAL A N   1 
ATOM   790  C CA  . VAL A 1 103 ? 2.104   2.344   -3.964  1.00 12.47 ? 103 VAL A CA  1 
ATOM   791  C C   . VAL A 1 103 ? 1.993   2.564   -2.460  1.00 11.77 ? 103 VAL A C   1 
ATOM   792  O O   . VAL A 1 103 ? 2.949   3.009   -1.809  1.00 13.17 ? 103 VAL A O   1 
ATOM   793  C CB  . VAL A 1 103 ? 1.582   3.534   -4.790  1.00 13.42 ? 103 VAL A CB  1 
ATOM   794  C CG1 . VAL A 1 103 ? 2.138   4.850   -4.275  1.00 14.31 ? 103 VAL A CG1 1 
ATOM   795  C CG2 . VAL A 1 103 ? 1.944   3.347   -6.254  1.00 15.55 ? 103 VAL A CG2 1 
ATOM   796  N N   . PHE A 1 104 ? 0.835   2.245   -1.881  1.00 11.60 ? 104 PHE A N   1 
ATOM   797  C CA  . PHE A 1 104 ? 0.684   2.324   -0.433  1.00 12.25 ? 104 PHE A CA  1 
ATOM   798  C C   . PHE A 1 104 ? 1.711   1.441   0.264   1.00 12.03 ? 104 PHE A C   1 
ATOM   799  O O   . PHE A 1 104 ? 2.350   1.868   1.236   1.00 13.40 ? 104 PHE A O   1 
ATOM   800  C CB  . PHE A 1 104 ? -0.748  1.919   -0.075  1.00 11.60 ? 104 PHE A CB  1 
ATOM   801  C CG  . PHE A 1 104 ? -1.125  2.108   1.376   1.00 11.67 ? 104 PHE A CG  1 
ATOM   802  C CD1 . PHE A 1 104 ? -0.772  1.174   2.329   1.00 12.59 ? 104 PHE A CD1 1 
ATOM   803  C CD2 . PHE A 1 104 ? -1.917  3.178   1.764   1.00 12.49 ? 104 PHE A CD2 1 
ATOM   804  C CE1 . PHE A 1 104 ? -1.154  1.324   3.651   1.00 14.02 ? 104 PHE A CE1 1 
ATOM   805  C CE2 . PHE A 1 104 ? -2.312  3.329   3.079   1.00 13.03 ? 104 PHE A CE2 1 
ATOM   806  C CZ  . PHE A 1 104 ? -1.928  2.404   4.022   1.00 14.29 ? 104 PHE A CZ  1 
ATOM   807  N N   . GLN A 1 105 ? 1.912   0.224   -0.234  1.00 11.97 ? 105 GLN A N   1 
ATOM   808  C CA  . GLN A 1 105 ? 2.812   -0.699  0.437   1.00 12.49 ? 105 GLN A CA  1 
ATOM   809  C C   . GLN A 1 105 ? 4.279   -0.342  0.221   1.00 13.49 ? 105 GLN A C   1 
ATOM   810  O O   . GLN A 1 105 ? 5.074   -0.402  1.167   1.00 15.84 ? 105 GLN A O   1 
ATOM   811  C CB  . GLN A 1 105 ? 2.547   -2.130  -0.040  1.00 12.07 ? 105 GLN A CB  1 
ATOM   812  C CG  . GLN A 1 105 ? 3.396   -3.162  0.695   1.00 13.47 ? 105 GLN A CG  1 
ATOM   813  C CD  . GLN A 1 105 ? 3.149   -4.588  0.235   1.00 12.38 ? 105 GLN A CD  1 
ATOM   814  O OE1 . GLN A 1 105 ? 2.353   -4.840  -0.667  1.00 12.56 ? 105 GLN A OE1 1 
ATOM   815  N NE2 . GLN A 1 105 ? 3.858   -5.535  0.847   1.00 15.04 ? 105 GLN A NE2 1 
ATOM   816  N N   . MET A 1 106 ? 4.677   0.022   -0.999  1.00 13.92 ? 106 MET A N   1 
ATOM   817  C CA  A MET A 1 106 ? 6.101   0.169   -1.266  0.31 15.49 ? 106 MET A CA  1 
ATOM   818  C CA  B MET A 1 106 ? 6.085   0.149   -1.362  0.69 15.43 ? 106 MET A CA  1 
ATOM   819  C C   . MET A 1 106 ? 6.531   1.562   -1.701  1.00 16.22 ? 106 MET A C   1 
ATOM   820  O O   . MET A 1 106 ? 7.737   1.790   -1.852  1.00 18.26 ? 106 MET A O   1 
ATOM   821  C CB  A MET A 1 106 ? 6.605   -0.901  -2.246  0.31 17.53 ? 106 MET A CB  1 
ATOM   822  C CB  B MET A 1 106 ? 6.408   -0.763  -2.550  0.69 16.50 ? 106 MET A CB  1 
ATOM   823  C CG  A MET A 1 106 ? 6.151   -0.711  -3.667  0.31 18.50 ? 106 MET A CG  1 
ATOM   824  C CG  B MET A 1 106 ? 6.288   -2.222  -2.209  0.69 17.30 ? 106 MET A CG  1 
ATOM   825  S SD  A MET A 1 106 ? 6.339   -2.195  -4.680  0.31 19.64 ? 106 MET A SD  1 
ATOM   826  S SD  B MET A 1 106 ? 6.577   -3.274  -3.627  0.69 17.12 ? 106 MET A SD  1 
ATOM   827  C CE  A MET A 1 106 ? 4.991   -3.188  -4.037  0.31 18.08 ? 106 MET A CE  1 
ATOM   828  C CE  B MET A 1 106 ? 4.927   -3.334  -4.312  0.69 18.68 ? 106 MET A CE  1 
ATOM   829  N N   . GLY A 1 107 ? 5.603   2.498   -1.865  1.00 15.65 ? 107 GLY A N   1 
ATOM   830  C CA  . GLY A 1 107 ? 5.951   3.854   -2.245  1.00 17.44 ? 107 GLY A CA  1 
ATOM   831  C C   . GLY A 1 107 ? 6.321   3.971   -3.713  1.00 20.46 ? 107 GLY A C   1 
ATOM   832  O O   . GLY A 1 107 ? 6.372   2.996   -4.459  1.00 19.20 ? 107 GLY A O   1 
ATOM   833  N N   . GLU A 1 108 ? 6.609   5.205   -4.132  1.00 26.26 ? 108 GLU A N   1 
ATOM   834  C CA  . GLU A 1 108 ? 7.030   5.424   -5.516  1.00 28.70 ? 108 GLU A CA  1 
ATOM   835  C C   . GLU A 1 108 ? 8.403   4.820   -5.795  1.00 28.60 ? 108 GLU A C   1 
ATOM   836  O O   . GLU A 1 108 ? 8.642   4.298   -6.890  1.00 31.86 ? 108 GLU A O   1 
ATOM   837  C CB  . GLU A 1 108 ? 7.044   6.913   -5.847  1.00 30.45 ? 108 GLU A CB  1 
ATOM   838  C CG  . GLU A 1 108 ? 5.699   7.597   -5.786  1.00 28.45 ? 108 GLU A CG  1 
ATOM   839  C CD  . GLU A 1 108 ? 5.815   9.085   -6.059  1.00 31.93 ? 108 GLU A CD  1 
ATOM   840  O OE1 . GLU A 1 108 ? 6.376   9.461   -7.111  1.00 30.93 ? 108 GLU A OE1 1 
ATOM   841  O OE2 . GLU A 1 108 ? 5.380   9.882   -5.205  1.00 35.47 ? 108 GLU A OE2 1 
ATOM   842  N N   A GLY A 1 113 ? 11.354  -0.267  -9.945  0.75 23.02 ? 113 GLY A N   1 
ATOM   843  N N   C GLY A 1 113 ? 10.754  0.555   -10.348 0.25 25.10 ? 113 GLY A N   1 
ATOM   844  C CA  A GLY A 1 113 ? 11.814  -1.394  -10.729 0.75 23.23 ? 113 GLY A CA  1 
ATOM   845  C CA  C GLY A 1 113 ? 11.539  -0.451  -11.057 0.25 24.75 ? 113 GLY A CA  1 
ATOM   846  C C   A GLY A 1 113 ? 10.741  -2.113  -11.517 0.75 20.88 ? 113 GLY A C   1 
ATOM   847  C C   C GLY A 1 113 ? 10.702  -1.408  -11.881 0.25 22.57 ? 113 GLY A C   1 
ATOM   848  O O   A GLY A 1 113 ? 11.065  -3.085  -12.211 0.75 21.22 ? 113 GLY A O   1 
ATOM   849  O O   C GLY A 1 113 ? 11.157  -1.918  -12.908 0.25 23.76 ? 113 GLY A O   1 
ATOM   850  N N   . PHE A 1 114 ? 9.476   -1.671  -11.437 1.00 24.44 ? 114 PHE A N   1 
ATOM   851  C CA  . PHE A 1 114 ? 8.407   -2.347  -12.166 1.00 18.46 ? 114 PHE A CA  1 
ATOM   852  C C   . PHE A 1 114 ? 8.127   -1.806  -13.573 1.00 16.66 ? 114 PHE A C   1 
ATOM   853  O O   . PHE A 1 114 ? 7.005   -1.941  -14.072 1.00 16.40 ? 114 PHE A O   1 
ATOM   854  C CB  . PHE A 1 114 ? 7.130   -2.341  -11.317 1.00 17.36 ? 114 PHE A CB  1 
ATOM   855  C CG  . PHE A 1 114 ? 7.213   -3.214  -10.080 1.00 18.26 ? 114 PHE A CG  1 
ATOM   856  C CD1 . PHE A 1 114 ? 7.889   -2.789  -8.946  1.00 21.54 ? 114 PHE A CD1 1 
ATOM   857  C CD2 . PHE A 1 114 ? 6.611   -4.460  -10.059 1.00 18.40 ? 114 PHE A CD2 1 
ATOM   858  C CE1 . PHE A 1 114 ? 7.960   -3.601  -7.813  1.00 21.73 ? 114 PHE A CE1 1 
ATOM   859  C CE2 . PHE A 1 114 ? 6.678   -5.274  -8.934  1.00 18.16 ? 114 PHE A CE2 1 
ATOM   860  C CZ  . PHE A 1 114 ? 7.353   -4.845  -7.813  1.00 18.81 ? 114 PHE A CZ  1 
ATOM   861  N N   . THR A 1 115 ? 9.148   -1.265  -14.246 1.00 16.68 ? 115 THR A N   1 
ATOM   862  C CA  . THR A 1 115 ? 8.982   -0.694  -15.583 1.00 18.38 ? 115 THR A CA  1 
ATOM   863  C C   . THR A 1 115 ? 8.328   -1.668  -16.557 1.00 16.07 ? 115 THR A C   1 
ATOM   864  O O   . THR A 1 115 ? 7.417   -1.299  -17.309 1.00 16.71 ? 115 THR A O   1 
ATOM   865  C CB  . THR A 1 115 ? 10.349  -0.257  -16.109 1.00 19.75 ? 115 THR A CB  1 
ATOM   866  O OG1 . THR A 1 115 ? 10.926  0.689   -15.203 1.00 22.77 ? 115 THR A OG1 1 
ATOM   867  C CG2 . THR A 1 115 ? 10.226  0.358   -17.500 1.00 22.13 ? 115 THR A CG2 1 
ATOM   868  N N   . ASN A 1 116 ? 8.782   -2.921  -16.572 1.00 15.88 ? 116 ASN A N   1 
ATOM   869  C CA  . ASN A 1 116 ? 8.222   -3.867  -17.528 1.00 15.31 ? 116 ASN A CA  1 
ATOM   870  C C   . ASN A 1 116 ? 6.787   -4.248  -17.172 1.00 14.47 ? 116 ASN A C   1 
ATOM   871  O O   . ASN A 1 116 ? 5.941   -4.392  -18.061 1.00 14.90 ? 116 ASN A O   1 
ATOM   872  C CB  . ASN A 1 116 ? 9.127   -5.093  -17.653 1.00 14.52 ? 116 ASN A CB  1 
ATOM   873  C CG  . ASN A 1 116 ? 10.542  -4.727  -18.055 1.00 18.50 ? 116 ASN A CG  1 
ATOM   874  N N   . SER A 1 117 ? 6.492   -4.417  -15.879 1.00 14.46 ? 117 SER A N   1 
ATOM   875  C CA  . SER A 1 117 ? 5.116   -4.697  -15.475 1.00 14.53 ? 117 SER A CA  1 
ATOM   876  C C   . SER A 1 117 ? 4.200   -3.542  -15.839 1.00 13.91 ? 117 SER A C   1 
ATOM   877  O O   . SER A 1 117 ? 3.073   -3.757  -16.294 1.00 13.94 ? 117 SER A O   1 
ATOM   878  C CB  . SER A 1 117 ? 5.033   -4.946  -13.968 1.00 15.27 ? 117 SER A CB  1 
ATOM   879  O OG  . SER A 1 117 ? 5.616   -6.186  -13.613 1.00 23.04 ? 117 SER A OG  1 
ATOM   880  N N   . LEU A 1 118 ? 4.671   -2.309  -15.634 1.00 13.92 ? 118 LEU A N   1 
ATOM   881  C CA  . LEU A 1 118 ? 3.874   -1.133  -15.967 1.00 14.03 ? 118 LEU A CA  1 
ATOM   882  C C   . LEU A 1 118 ? 3.528   -1.110  -17.445 1.00 14.43 ? 118 LEU A C   1 
ATOM   883  O O   . LEU A 1 118 ? 2.386   -0.811  -17.819 1.00 14.44 ? 118 LEU A O   1 
ATOM   884  C CB  . LEU A 1 118 ? 4.644   0.129   -15.589 1.00 15.13 ? 118 LEU A CB  1 
ATOM   885  C CG  . LEU A 1 118 ? 4.730   0.403   -14.088 1.00 15.52 ? 118 LEU A CG  1 
ATOM   886  C CD1 . LEU A 1 118 ? 5.805   1.432   -13.779 1.00 17.58 ? 118 LEU A CD1 1 
ATOM   887  C CD2 . LEU A 1 118 ? 3.376   0.864   -13.563 1.00 16.70 ? 118 LEU A CD2 1 
ATOM   888  N N   . ARG A 1 119 ? 4.501   -1.423  -18.303 1.00 14.13 ? 119 ARG A N   1 
ATOM   889  C CA  . ARG A 1 119 ? 4.238   -1.462  -19.735 1.00 15.71 ? 119 ARG A CA  1 
ATOM   890  C C   . ARG A 1 119 ? 3.189   -2.514  -20.062 1.00 14.19 ? 119 ARG A C   1 
ATOM   891  O O   . ARG A 1 119 ? 2.250   -2.256  -20.823 1.00 14.98 ? 119 ARG A O   1 
ATOM   892  C CB  . ARG A 1 119 ? 5.533   -1.743  -20.496 1.00 16.77 ? 119 ARG A CB  1 
ATOM   893  C CG  . ARG A 1 119 ? 5.369   -1.789  -22.005 1.00 19.44 ? 119 ARG A CG  1 
ATOM   894  C CD  . ARG A 1 119 ? 6.665   -2.200  -22.697 1.00 22.99 ? 119 ARG A CD  1 
ATOM   895  N NE  . ARG A 1 119 ? 7.055   -3.571  -22.377 1.00 25.34 ? 119 ARG A NE  1 
ATOM   896  C CZ  . ARG A 1 119 ? 8.099   -3.897  -21.620 1.00 25.16 ? 119 ARG A CZ  1 
ATOM   897  N NH1 . ARG A 1 119 ? 8.866   -2.948  -21.096 1.00 24.71 ? 119 ARG A NH1 1 
ATOM   898  N NH2 . ARG A 1 119 ? 8.374   -5.174  -21.384 1.00 28.55 ? 119 ARG A NH2 1 
ATOM   899  N N   . MET A 1 120 ? 3.329   -3.711  -19.486 1.00 13.73 ? 120 MET A N   1 
ATOM   900  C CA  . MET A 1 120 ? 2.365   -4.771  -19.762 1.00 14.05 ? 120 MET A CA  1 
ATOM   901  C C   . MET A 1 120 ? 0.971   -4.388  -19.290 1.00 13.13 ? 120 MET A C   1 
ATOM   902  O O   . MET A 1 120 ? -0.020  -4.696  -19.959 1.00 13.88 ? 120 MET A O   1 
ATOM   903  C CB  . MET A 1 120 ? 2.800   -6.077  -19.109 1.00 12.99 ? 120 MET A CB  1 
ATOM   904  C CG  . MET A 1 120 ? 4.109   -6.607  -19.644 1.00 15.16 ? 120 MET A CG  1 
ATOM   905  S SD  . MET A 1 120 ? 4.646   -8.054  -18.738 1.00 16.93 ? 120 MET A SD  1 
ATOM   906  C CE  . MET A 1 120 ? 6.311   -8.250  -19.366 1.00 18.55 ? 120 MET A CE  1 
ATOM   907  N N   . LEU A 1 121 ? 0.872   -3.735  -18.128 1.00 12.67 ? 121 LEU A N   1 
ATOM   908  C CA  . LEU A 1 121 ? -0.432  -3.280  -17.656 1.00 12.53 ? 121 LEU A CA  1 
ATOM   909  C C   . LEU A 1 121 ? -1.029  -2.248  -18.602 1.00 13.51 ? 121 LEU A C   1 
ATOM   910  O O   . LEU A 1 121 ? -2.217  -2.308  -18.923 1.00 13.33 ? 121 LEU A O   1 
ATOM   911  C CB  . LEU A 1 121 ? -0.316  -2.707  -16.245 1.00 12.99 ? 121 LEU A CB  1 
ATOM   912  C CG  . LEU A 1 121 ? -0.027  -3.718  -15.136 1.00 12.48 ? 121 LEU A CG  1 
ATOM   913  C CD1 . LEU A 1 121 ? 0.246   -2.991  -13.831 1.00 14.27 ? 121 LEU A CD1 1 
ATOM   914  C CD2 . LEU A 1 121 ? -1.171  -4.696  -14.955 1.00 14.10 ? 121 LEU A CD2 1 
ATOM   915  N N   . GLN A 1 122 ? -0.226  -1.279  -19.044 1.00 13.69 ? 122 GLN A N   1 
ATOM   916  C CA  . GLN A 1 122 ? -0.751  -0.281  -19.971 1.00 16.14 ? 122 GLN A CA  1 
ATOM   917  C C   . GLN A 1 122 ? -1.202  -0.912  -21.279 1.00 16.07 ? 122 GLN A C   1 
ATOM   918  O O   . GLN A 1 122 ? -2.168  -0.444  -21.894 1.00 17.18 ? 122 GLN A O   1 
ATOM   919  C CB  . GLN A 1 122 ? 0.279   0.815   -20.237 1.00 17.45 ? 122 GLN A CB  1 
ATOM   920  C CG  . GLN A 1 122 ? -0.268  1.926   -21.124 1.00 22.36 ? 122 GLN A CG  1 
ATOM   921  C CD  . GLN A 1 122 ? 0.444   3.246   -20.953 1.00 26.95 ? 122 GLN A CD  1 
ATOM   922  O OE1 . GLN A 1 122 ? 1.451   3.340   -20.254 1.00 30.59 ? 122 GLN A OE1 1 
ATOM   923  N NE2 . GLN A 1 122 ? -0.072  4.280   -21.610 1.00 27.74 ? 122 GLN A NE2 1 
ATOM   924  N N   . GLN A 1 123 ? -0.524  -1.973  -21.716 1.00 15.32 ? 123 GLN A N   1 
ATOM   925  C CA  . GLN A 1 123 ? -0.900  -2.711  -22.914 1.00 15.06 ? 123 GLN A CA  1 
ATOM   926  C C   . GLN A 1 123 ? -2.071  -3.648  -22.679 1.00 15.12 ? 123 GLN A C   1 
ATOM   927  O O   . GLN A 1 123 ? -2.529  -4.292  -23.631 1.00 15.85 ? 123 GLN A O   1 
ATOM   928  C CB  . GLN A 1 123 ? 0.287   -3.526  -23.431 1.00 15.82 ? 123 GLN A CB  1 
ATOM   929  C CG  . GLN A 1 123 ? 1.446   -2.695  -23.927 1.00 19.11 ? 123 GLN A CG  1 
ATOM   930  C CD  . GLN A 1 123 ? 2.685   -3.531  -24.165 1.00 21.80 ? 123 GLN A CD  1 
ATOM   931  O OE1 . GLN A 1 123 ? 2.922   -4.521  -23.472 1.00 22.08 ? 123 GLN A OE1 1 
ATOM   932  N NE2 . GLN A 1 123 ? 3.481   -3.141  -25.152 1.00 28.91 ? 123 GLN A NE2 1 
ATOM   933  N N   . LYS A 1 124 ? -2.536  -3.766  -21.435 1.00 13.99 ? 124 LYS A N   1 
ATOM   934  C CA  . LYS A 1 124 ? -3.644  -4.643  -21.068 1.00 14.33 ? 124 LYS A CA  1 
ATOM   935  C C   . LYS A 1 124 ? -3.336  -6.110  -21.349 1.00 13.72 ? 124 LYS A C   1 
ATOM   936  O O   . LYS A 1 124 ? -4.224  -6.903  -21.658 1.00 15.30 ? 124 LYS A O   1 
ATOM   937  C CB  . LYS A 1 124 ? -4.980  -4.183  -21.658 1.00 14.79 ? 124 LYS A CB  1 
ATOM   938  C CG  . LYS A 1 124 ? -5.304  -2.753  -21.236 1.00 15.00 ? 124 LYS A CG  1 
ATOM   939  C CD  . LYS A 1 124 ? -6.723  -2.353  -21.593 1.00 16.12 ? 124 LYS A CD  1 
ATOM   940  C CE  . LYS A 1 124 ? -7.057  -0.955  -21.097 1.00 17.11 ? 124 LYS A CE  1 
ATOM   941  N NZ  . LYS A 1 124 ? -6.846  -0.799  -19.646 1.00 17.72 ? 124 LYS A NZ  1 
ATOM   942  N N   . ARG A 1 125 ? -2.069  -6.481  -21.196 1.00 12.86 ? 125 ARG A N   1 
ATOM   943  C CA  . ARG A 1 125 ? -1.645  -7.875  -21.285 1.00 13.58 ? 125 ARG A CA  1 
ATOM   944  C C   . ARG A 1 125 ? -1.632  -8.433  -19.867 1.00 12.72 ? 125 ARG A C   1 
ATOM   945  O O   . ARG A 1 125 ? -0.593  -8.549  -19.214 1.00 13.59 ? 125 ARG A O   1 
ATOM   946  C CB  . ARG A 1 125 ? -0.284  -7.970  -21.959 1.00 16.06 ? 125 ARG A CB  1 
ATOM   947  C CG  . ARG A 1 125 ? -0.280  -7.347  -23.344 1.00 16.39 ? 125 ARG A CG  1 
ATOM   948  C CD  . ARG A 1 125 ? 1.093   -7.348  -23.968 1.00 21.98 ? 125 ARG A CD  1 
ATOM   949  N NE  . ARG A 1 125 ? 1.054   -6.857  -25.343 1.00 24.50 ? 125 ARG A NE  1 
ATOM   950  C CZ  . ARG A 1 125 ? 1.993   -7.100  -26.251 1.00 27.92 ? 125 ARG A CZ  1 
ATOM   951  N NH1 . ARG A 1 125 ? 3.050   -7.833  -25.931 1.00 30.79 ? 125 ARG A NH1 1 
ATOM   952  N NH2 . ARG A 1 125 ? 1.874   -6.607  -27.476 1.00 31.17 ? 125 ARG A NH2 1 
ATOM   953  N N   . TRP A 1 126 ? -2.824  -8.805  -19.399 1.00 12.85 ? 126 TRP A N   1 
ATOM   954  C CA  . TRP A 1 126 ? -3.016  -9.018  -17.964 1.00 12.98 ? 126 TRP A CA  1 
ATOM   955  C C   . TRP A 1 126 ? -2.286  -10.259 -17.458 1.00 12.63 ? 126 TRP A C   1 
ATOM   956  O O   . TRP A 1 126 ? -1.682  -10.231 -16.376 1.00 13.40 ? 126 TRP A O   1 
ATOM   957  C CB  . TRP A 1 126 ? -4.499  -9.110  -17.628 1.00 13.86 ? 126 TRP A CB  1 
ATOM   958  C CG  . TRP A 1 126 ? -5.329  -7.970  -18.113 1.00 12.78 ? 126 TRP A CG  1 
ATOM   959  C CD1 . TRP A 1 126 ? -6.442  -8.057  -18.902 1.00 13.71 ? 126 TRP A CD1 1 
ATOM   960  C CD2 . TRP A 1 126 ? -5.151  -6.570  -17.827 1.00 13.14 ? 126 TRP A CD2 1 
ATOM   961  N NE1 . TRP A 1 126 ? -6.965  -6.810  -19.125 1.00 14.17 ? 126 TRP A NE1 1 
ATOM   962  C CE2 . TRP A 1 126 ? -6.189  -5.879  -18.485 1.00 13.12 ? 126 TRP A CE2 1 
ATOM   963  C CE3 . TRP A 1 126 ? -4.217  -5.834  -17.084 1.00 13.37 ? 126 TRP A CE3 1 
ATOM   964  C CZ2 . TRP A 1 126 ? -6.326  -4.494  -18.417 1.00 14.28 ? 126 TRP A CZ2 1 
ATOM   965  C CZ3 . TRP A 1 126 ? -4.351  -4.456  -17.031 1.00 13.36 ? 126 TRP A CZ3 1 
ATOM   966  C CH2 . TRP A 1 126 ? -5.397  -3.801  -17.691 1.00 14.02 ? 126 TRP A CH2 1 
ATOM   967  N N   . ASP A 1 127 ? -2.355  -11.371 -18.197 1.00 13.12 ? 127 ASP A N   1 
ATOM   968  C CA  . ASP A 1 127 ? -1.672  -12.579 -17.736 1.00 13.88 ? 127 ASP A CA  1 
ATOM   969  C C   . ASP A 1 127 ? -0.162  -12.383 -17.742 1.00 12.51 ? 127 ASP A C   1 
ATOM   970  O O   . ASP A 1 127 ? 0.542   -12.834 -16.826 1.00 13.81 ? 127 ASP A O   1 
ATOM   971  C CB  . ASP A 1 127 ? -2.041  -13.772 -18.619 1.00 14.24 ? 127 ASP A CB  1 
ATOM   972  C CG  . ASP A 1 127 ? -3.418  -14.328 -18.326 1.00 15.51 ? 127 ASP A CG  1 
ATOM   973  O OD1 . ASP A 1 127 ? -4.232  -13.639 -17.683 1.00 18.52 ? 127 ASP A OD1 1 
ATOM   974  O OD2 . ASP A 1 127 ? -3.691  -15.470 -18.768 1.00 19.71 ? 127 ASP A OD2 1 
ATOM   975  N N   . GLU A 1 128 ? 0.353   -11.717 -18.771 1.00 13.06 ? 128 GLU A N   1 
ATOM   976  C CA  . GLU A 1 128 ? 1.782   -11.453 -18.835 1.00 14.36 ? 128 GLU A CA  1 
ATOM   977  C C   . GLU A 1 128 ? 2.212   -10.528 -17.709 1.00 12.64 ? 128 GLU A C   1 
ATOM   978  O O   . GLU A 1 128 ? 3.247   -10.750 -17.072 1.00 13.55 ? 128 GLU A O   1 
ATOM   979  C CB  . GLU A 1 128 ? 2.137   -10.864 -20.198 1.00 15.92 ? 128 GLU A CB  1 
ATOM   980  C CG  . GLU A 1 128 ? 1.813   -11.795 -21.360 1.00 18.18 ? 128 GLU A CG  1 
ATOM   981  C CD  . GLU A 1 128 ? 2.116   -11.176 -22.704 1.00 26.25 ? 128 GLU A CD  1 
ATOM   982  O OE1 . GLU A 1 128 ? 3.238   -10.656 -22.880 1.00 31.47 ? 128 GLU A OE1 1 
ATOM   983  O OE2 . GLU A 1 128 ? 1.229   -11.209 -23.584 1.00 32.41 ? 128 GLU A OE2 1 
ATOM   984  N N   . ALA A 1 129 ? 1.417   -9.497  -17.434 1.00 12.66 ? 129 ALA A N   1 
ATOM   985  C CA  . ALA A 1 129 ? 1.729   -8.606  -16.324 1.00 12.30 ? 129 ALA A CA  1 
ATOM   986  C C   . ALA A 1 129 ? 1.738   -9.363  -15.006 1.00 12.67 ? 129 ALA A C   1 
ATOM   987  O O   . ALA A 1 129 ? 2.622   -9.155  -14.169 1.00 13.12 ? 129 ALA A O   1 
ATOM   988  C CB  . ALA A 1 129 ? 0.725   -7.457  -16.282 1.00 13.19 ? 129 ALA A CB  1 
ATOM   989  N N   . ALA A 1 130 ? 0.767   -10.252 -14.812 1.00 12.42 ? 130 ALA A N   1 
ATOM   990  C CA  . ALA A 1 130 ? 0.691   -11.016 -13.574 1.00 13.32 ? 130 ALA A CA  1 
ATOM   991  C C   . ALA A 1 130 ? 1.931   -11.878 -13.382 1.00 13.46 ? 130 ALA A C   1 
ATOM   992  O O   . ALA A 1 130 ? 2.464   -11.973 -12.269 1.00 14.34 ? 130 ALA A O   1 
ATOM   993  C CB  . ALA A 1 130 ? -0.569  -11.877 -13.579 1.00 15.00 ? 130 ALA A CB  1 
ATOM   994  N N   . VAL A 1 131 ? 2.399   -12.523 -14.453 1.00 13.46 ? 131 VAL A N   1 
ATOM   995  C CA  . VAL A 1 131 ? 3.621   -13.317 -14.365 1.00 13.41 ? 131 VAL A CA  1 
ATOM   996  C C   . VAL A 1 131 ? 4.804   -12.428 -14.006 1.00 13.25 ? 131 VAL A C   1 
ATOM   997  O O   . VAL A 1 131 ? 5.628   -12.766 -13.148 1.00 14.65 ? 131 VAL A O   1 
ATOM   998  C CB  . VAL A 1 131 ? 3.862   -14.079 -15.681 1.00 14.39 ? 131 VAL A CB  1 
ATOM   999  C CG1 . VAL A 1 131 ? 5.270   -14.666 -15.707 1.00 16.50 ? 131 VAL A CG1 1 
ATOM   1000 C CG2 . VAL A 1 131 ? 2.822   -15.179 -15.855 1.00 16.65 ? 131 VAL A CG2 1 
ATOM   1001 N N   . ASN A 1 132 ? 4.905   -11.273 -14.655 1.00 12.63 ? 132 ASN A N   1 
ATOM   1002 C CA  . ASN A 1 132 ? 6.049   -10.403 -14.413 1.00 13.27 ? 132 ASN A CA  1 
ATOM   1003 C C   . ASN A 1 132 ? 6.025   -9.824  -13.000 1.00 12.74 ? 132 ASN A C   1 
ATOM   1004 O O   . ASN A 1 132 ? 7.075   -9.692  -12.357 1.00 13.44 ? 132 ASN A O   1 
ATOM   1005 C CB  . ASN A 1 132 ? 6.067   -9.295  -15.460 1.00 14.10 ? 132 ASN A CB  1 
ATOM   1006 C CG  . ASN A 1 132 ? 7.305   -8.439  -15.374 1.00 15.80 ? 132 ASN A CG  1 
ATOM   1007 O OD1 . ASN A 1 132 ? 7.305   -7.386  -14.740 1.00 17.58 ? 132 ASN A OD1 1 
ATOM   1008 N ND2 . ASN A 1 132 ? 8.377   -8.893  -16.003 1.00 17.92 ? 132 ASN A ND2 1 
ATOM   1009 N N   . LEU A 1 133 ? 4.835   -9.467  -12.499 1.00 12.56 ? 133 LEU A N   1 
ATOM   1010 C CA  . LEU A 1 133 ? 4.714   -8.876  -11.169 1.00 12.41 ? 133 LEU A CA  1 
ATOM   1011 C C   . LEU A 1 133 ? 5.193   -9.825  -10.081 1.00 12.39 ? 133 LEU A C   1 
ATOM   1012 O O   . LEU A 1 133 ? 5.703   -9.375  -9.047  1.00 13.44 ? 133 LEU A O   1 
ATOM   1013 C CB  . LEU A 1 133 ? 3.255   -8.499  -10.912 1.00 13.32 ? 133 LEU A CB  1 
ATOM   1014 C CG  . LEU A 1 133 ? 2.768   -7.214  -11.587 1.00 12.95 ? 133 LEU A CG  1 
ATOM   1015 C CD1 . LEU A 1 133 ? 1.250   -7.151  -11.636 1.00 14.55 ? 133 LEU A CD1 1 
ATOM   1016 C CD2 . LEU A 1 133 ? 3.324   -5.982  -10.885 1.00 15.08 ? 133 LEU A CD2 1 
ATOM   1017 N N   . ALA A 1 134 ? 5.013   -11.131 -10.281 1.00 13.17 ? 134 ALA A N   1 
ATOM   1018 C CA  . ALA A 1 134 ? 5.401   -12.123 -9.289  1.00 13.52 ? 134 ALA A CA  1 
ATOM   1019 C C   . ALA A 1 134 ? 6.902   -12.350 -9.238  1.00 13.50 ? 134 ALA A C   1 
ATOM   1020 O O   . ALA A 1 134 ? 7.387   -12.949 -8.272  1.00 14.57 ? 134 ALA A O   1 
ATOM   1021 C CB  . ALA A 1 134 ? 4.675   -13.450 -9.542  1.00 16.07 ? 134 ALA A CB  1 
ATOM   1022 N N   . LYS A 1 135 ? 7.644   -11.891 -10.238 1.00 12.87 ? 135 LYS A N   1 
ATOM   1023 C CA  . LYS A 1 135 ? 9.098   -12.039 -10.245 1.00 12.82 ? 135 LYS A CA  1 
ATOM   1024 C C   . LYS A 1 135 ? 9.701   -10.844 -9.510  1.00 12.83 ? 135 LYS A C   1 
ATOM   1025 O O   . LYS A 1 135 ? 10.299  -9.953  -10.100 1.00 13.45 ? 135 LYS A O   1 
ATOM   1026 C CB  . LYS A 1 135 ? 9.609   -12.151 -11.675 1.00 14.50 ? 135 LYS A CB  1 
ATOM   1027 C CG  . LYS A 1 135 ? 9.060   -13.368 -12.407 1.00 15.43 ? 135 LYS A CG  1 
ATOM   1028 C CD  . LYS A 1 135 ? 9.448   -13.392 -13.876 1.00 17.43 ? 135 LYS A CD  1 
ATOM   1029 C CE  . LYS A 1 135 ? 8.882   -14.629 -14.561 1.00 19.19 ? 135 LYS A CE  1 
ATOM   1030 N NZ  . LYS A 1 135 ? 9.105   -14.614 -16.033 1.00 22.98 ? 135 LYS A NZ  1 
ATOM   1031 N N   . SER A 1 136 ? 9.494   -10.825 -8.195  1.00 12.58 ? 136 SER A N   1 
ATOM   1032 C CA  . SER A 1 136 ? 9.807   -9.629  -7.431  1.00 12.45 ? 136 SER A CA  1 
ATOM   1033 C C   . SER A 1 136 ? 10.083  -10.002 -5.988  1.00 12.39 ? 136 SER A C   1 
ATOM   1034 O O   . SER A 1 136 ? 9.508   -10.953 -5.455  1.00 12.64 ? 136 SER A O   1 
ATOM   1035 C CB  . SER A 1 136 ? 8.648   -8.624  -7.481  1.00 12.11 ? 136 SER A CB  1 
ATOM   1036 O OG  . SER A 1 136 ? 7.455   -9.167  -6.936  1.00 12.56 ? 136 SER A OG  1 
ATOM   1037 N N   . ARG A 1 137 ? 10.923  -9.195  -5.338  1.00 11.65 ? 137 ARG A N   1 
ATOM   1038 C CA  . ARG A 1 137 ? 11.067  -9.332  -3.896  1.00 12.26 ? 137 ARG A CA  1 
ATOM   1039 C C   . ARG A 1 137 ? 9.720   -9.161  -3.212  1.00 13.24 ? 137 ARG A C   1 
ATOM   1040 O O   . ARG A 1 137 ? 9.405   -9.880  -2.256  1.00 13.60 ? 137 ARG A O   1 
ATOM   1041 C CB  . ARG A 1 137 ? 12.079  -8.320  -3.356  1.00 12.94 ? 137 ARG A CB  1 
ATOM   1042 C CG  . ARG A 1 137 ? 12.233  -8.424  -1.847  1.00 13.93 ? 137 ARG A CG  1 
ATOM   1043 C CD  . ARG A 1 137 ? 13.232  -7.450  -1.245  1.00 16.76 ? 137 ARG A CD  1 
ATOM   1044 N NE  . ARG A 1 137 ? 13.483  -7.773  0.162   1.00 18.06 ? 137 ARG A NE  1 
ATOM   1045 C CZ  . ARG A 1 137 ? 12.728  -7.361  1.177   1.00 19.25 ? 137 ARG A CZ  1 
ATOM   1046 N NH1 . ARG A 1 137 ? 11.664  -6.597  0.961   1.00 18.05 ? 137 ARG A NH1 1 
ATOM   1047 N NH2 . ARG A 1 137 ? 13.034  -7.718  2.420   1.00 19.71 ? 137 ARG A NH2 1 
ATOM   1048 N N   . TRP A 1 138 ? 8.906   -8.222  -3.708  1.00 12.45 ? 138 TRP A N   1 
ATOM   1049 C CA  . TRP A 1 138 ? 7.567   -7.982  -3.174  1.00 12.23 ? 138 TRP A CA  1 
ATOM   1050 C C   . TRP A 1 138 ? 6.776   -9.276  -3.056  1.00 13.21 ? 138 TRP A C   1 
ATOM   1051 O O   . TRP A 1 138 ? 6.255   -9.614  -1.982  1.00 13.76 ? 138 TRP A O   1 
ATOM   1052 C CB  . TRP A 1 138 ? 6.850   -7.018  -4.116  1.00 13.29 ? 138 TRP A CB  1 
ATOM   1053 C CG  . TRP A 1 138 ? 5.382   -6.811  -3.860  1.00 12.27 ? 138 TRP A CG  1 
ATOM   1054 C CD1 . TRP A 1 138 ? 4.801   -6.374  -2.702  1.00 13.07 ? 138 TRP A CD1 1 
ATOM   1055 C CD2 . TRP A 1 138 ? 4.322   -6.958  -4.810  1.00 12.21 ? 138 TRP A CD2 1 
ATOM   1056 N NE1 . TRP A 1 138 ? 3.438   -6.269  -2.867  1.00 12.79 ? 138 TRP A NE1 1 
ATOM   1057 C CE2 . TRP A 1 138 ? 3.121   -6.612  -4.155  1.00 11.95 ? 138 TRP A CE2 1 
ATOM   1058 C CE3 . TRP A 1 138 ? 4.271   -7.355  -6.147  1.00 12.07 ? 138 TRP A CE3 1 
ATOM   1059 C CZ2 . TRP A 1 138 ? 1.894   -6.641  -4.794  1.00 11.50 ? 138 TRP A CZ2 1 
ATOM   1060 C CZ3 . TRP A 1 138 ? 3.051   -7.391  -6.779  1.00 12.84 ? 138 TRP A CZ3 1 
ATOM   1061 C CH2 . TRP A 1 138 ? 1.874   -7.039  -6.103  1.00 13.32 ? 138 TRP A CH2 1 
ATOM   1062 N N   . TYR A 1 139 ? 6.677   -10.011 -4.163  1.00 12.95 ? 139 TYR A N   1 
ATOM   1063 C CA  . TYR A 1 139 ? 5.915   -11.252 -4.175  1.00 13.53 ? 139 TYR A CA  1 
ATOM   1064 C C   . TYR A 1 139 ? 6.525   -12.280 -3.230  1.00 14.33 ? 139 TYR A C   1 
ATOM   1065 O O   . TYR A 1 139 ? 5.809   -12.940 -2.471  1.00 17.12 ? 139 TYR A O   1 
ATOM   1066 C CB  . TYR A 1 139 ? 5.863   -11.785 -5.606  1.00 14.83 ? 139 TYR A CB  1 
ATOM   1067 C CG  . TYR A 1 139 ? 5.134   -13.094 -5.798  1.00 16.13 ? 139 TYR A CG  1 
ATOM   1068 C CD1 . TYR A 1 139 ? 3.769   -13.125 -6.048  1.00 17.12 ? 139 TYR A CD1 1 
ATOM   1069 C CD2 . TYR A 1 139 ? 5.822   -14.301 -5.769  1.00 20.00 ? 139 TYR A CD2 1 
ATOM   1070 C CE1 . TYR A 1 139 ? 3.105   -14.326 -6.245  1.00 22.01 ? 139 TYR A CE1 1 
ATOM   1071 C CE2 . TYR A 1 139 ? 5.168   -15.504 -5.964  1.00 23.28 ? 139 TYR A CE2 1 
ATOM   1072 C CZ  . TYR A 1 139 ? 3.813   -15.509 -6.203  1.00 23.93 ? 139 TYR A CZ  1 
ATOM   1073 O OH  . TYR A 1 139 ? 3.164   -16.708 -6.395  1.00 29.24 ? 139 TYR A OH  1 
ATOM   1074 N N   . ASN A 1 140 ? 7.848   -12.410 -3.238  1.00 12.65 ? 140 ASN A N   1 
ATOM   1075 C CA  . ASN A 1 140 ? 8.476   -13.429 -2.407  1.00 13.39 ? 140 ASN A CA  1 
ATOM   1076 C C   . ASN A 1 140 ? 8.321   -13.128 -0.923  1.00 13.13 ? 140 ASN A C   1 
ATOM   1077 O O   . ASN A 1 140 ? 8.145   -14.051 -0.111  1.00 14.88 ? 140 ASN A O   1 
ATOM   1078 C CB  . ASN A 1 140 ? 9.944   -13.558 -2.790  1.00 15.27 ? 140 ASN A CB  1 
ATOM   1079 C CG  . ASN A 1 140 ? 10.134  -14.345 -4.065  1.00 15.76 ? 140 ASN A CG  1 
ATOM   1080 O OD1 . ASN A 1 140 ? 10.331  -13.778 -5.143  1.00 18.00 ? 140 ASN A OD1 1 
ATOM   1081 N ND2 . ASN A 1 140 ? 10.061  -15.661 -3.956  1.00 16.78 ? 140 ASN A ND2 1 
ATOM   1082 N N   . GLN A 1 141 ? 8.368   -11.853 -0.545  1.00 12.88 ? 141 GLN A N   1 
ATOM   1083 C CA  . GLN A 1 141 ? 8.334   -11.526 0.874   1.00 13.36 ? 141 GLN A CA  1 
ATOM   1084 C C   . GLN A 1 141 ? 6.915   -11.453 1.422   1.00 13.59 ? 141 GLN A C   1 
ATOM   1085 O O   . GLN A 1 141 ? 6.691   -11.789 2.593   1.00 14.14 ? 141 GLN A O   1 
ATOM   1086 C CB  . GLN A 1 141 ? 9.079   -10.220 1.137   1.00 14.69 ? 141 GLN A CB  1 
ATOM   1087 C CG  . GLN A 1 141 ? 10.552  -10.237 0.736   1.00 16.02 ? 141 GLN A CG  1 
ATOM   1088 C CD  . GLN A 1 141 ? 11.366  -11.340 1.403   1.00 14.78 ? 141 GLN A CD  1 
ATOM   1089 O OE1 . GLN A 1 141 ? 12.079  -12.089 0.734   1.00 17.94 ? 141 GLN A OE1 1 
ATOM   1090 N NE2 . GLN A 1 141 ? 11.265  -11.438 2.721   1.00 17.84 ? 141 GLN A NE2 1 
ATOM   1091 N N   . THR A 1 142 ? 5.946   -10.993 0.627   1.00 12.60 ? 142 THR A N   1 
ATOM   1092 C CA  . THR A 1 142 ? 4.542   -10.962 1.039   1.00 12.27 ? 142 THR A CA  1 
ATOM   1093 C C   . THR A 1 142 ? 3.700   -11.643 -0.029  1.00 12.12 ? 142 THR A C   1 
ATOM   1094 O O   . THR A 1 142 ? 2.955   -10.988 -0.770  1.00 12.26 ? 142 THR A O   1 
ATOM   1095 C CB  . THR A 1 142 ? 4.044   -9.544  1.342   1.00 12.55 ? 142 THR A CB  1 
ATOM   1096 O OG1 . THR A 1 142 ? 4.274   -8.669  0.230   1.00 13.63 ? 142 THR A OG1 1 
ATOM   1097 C CG2 . THR A 1 142 ? 4.755   -8.978  2.558   1.00 14.46 ? 142 THR A CG2 1 
ATOM   1098 N N   . PRO A 1 143 ? 3.808   -12.970 -0.145  1.00 12.40 ? 143 PRO A N   1 
ATOM   1099 C CA  . PRO A 1 143 ? 3.169   -13.646 -1.283  1.00 12.33 ? 143 PRO A CA  1 
ATOM   1100 C C   . PRO A 1 143 ? 1.661   -13.670 -1.235  1.00 12.35 ? 143 PRO A C   1 
ATOM   1101 O O   . PRO A 1 143 ? 1.031   -13.587 -2.293  1.00 13.27 ? 143 PRO A O   1 
ATOM   1102 C CB  . PRO A 1 143 ? 3.762   -15.061 -1.242  1.00 12.93 ? 143 PRO A CB  1 
ATOM   1103 C CG  . PRO A 1 143 ? 4.178   -15.249 0.177   1.00 13.62 ? 143 PRO A CG  1 
ATOM   1104 C CD  . PRO A 1 143 ? 4.638   -13.893 0.647   1.00 13.84 ? 143 PRO A CD  1 
ATOM   1105 N N   . ASN A 1 144 ? 1.047   -13.813 -0.062  1.00 12.66 ? 144 ASN A N   1 
ATOM   1106 C CA  . ASN A 1 144 ? -0.409  -13.870 -0.047  1.00 13.75 ? 144 ASN A CA  1 
ATOM   1107 C C   . ASN A 1 144 ? -1.014  -12.532 -0.433  1.00 12.60 ? 144 ASN A C   1 
ATOM   1108 O O   . ASN A 1 144 ? -1.969  -12.472 -1.220  1.00 13.51 ? 144 ASN A O   1 
ATOM   1109 C CB  . ASN A 1 144 ? -0.918  -14.341 1.310   1.00 15.89 ? 144 ASN A CB  1 
ATOM   1110 C CG  . ASN A 1 144 ? -0.810  -15.839 1.468   1.00 18.17 ? 144 ASN A CG  1 
ATOM   1111 O OD1 . ASN A 1 144 ? -0.718  -16.571 0.485   1.00 23.09 ? 144 ASN A OD1 1 
ATOM   1112 N ND2 . ASN A 1 144 ? -0.826  -16.304 2.707   1.00 24.29 ? 144 ASN A ND2 1 
ATOM   1113 N N   . ARG A 1 145 ? -0.458  -11.443 0.097   1.00 12.69 ? 145 ARG A N   1 
ATOM   1114 C CA  . ARG A 1 145 ? -0.946  -10.125 -0.275  1.00 12.27 ? 145 ARG A CA  1 
ATOM   1115 C C   . ARG A 1 145 ? -0.636  -9.820  -1.737  1.00 12.81 ? 145 ARG A C   1 
ATOM   1116 O O   . ARG A 1 145 ? -1.501  -9.315  -2.464  1.00 12.81 ? 145 ARG A O   1 
ATOM   1117 C CB  . ARG A 1 145 ? -0.358  -9.077  0.659   1.00 15.07 ? 145 ARG A CB  1 
ATOM   1118 C CG  . ARG A 1 145 ? -1.096  -7.753  0.590   1.00 18.12 ? 145 ARG A CG  1 
ATOM   1119 C CD  . ARG A 1 145 ? -0.157  -6.720  0.065   1.00 19.44 ? 145 ARG A CD  1 
ATOM   1120 N NE  . ARG A 1 145 ? -0.645  -5.342  0.118   1.00 14.71 ? 145 ARG A NE  1 
ATOM   1121 C CZ  . ARG A 1 145 ? -0.528  -4.525  1.158   1.00 13.83 ? 145 ARG A CZ  1 
ATOM   1122 N NH1 . ARG A 1 145 ? 0.009   -4.951  2.291   1.00 16.85 ? 145 ARG A NH1 1 
ATOM   1123 N NH2 . ARG A 1 145 ? -0.947  -3.278  1.052   1.00 12.64 ? 145 ARG A NH2 1 
ATOM   1124 N N   . ALA A 1 146 ? 0.578   -10.138 -2.193  1.00 12.97 ? 146 ALA A N   1 
ATOM   1125 C CA  . ALA A 1 146 ? 0.907   -9.906  -3.596  1.00 12.89 ? 146 ALA A CA  1 
ATOM   1126 C C   . ALA A 1 146 ? 0.000   -10.711 -4.514  1.00 13.05 ? 146 ALA A C   1 
ATOM   1127 O O   . ALA A 1 146 ? -0.442  -10.209 -5.556  1.00 13.36 ? 146 ALA A O   1 
ATOM   1128 C CB  . ALA A 1 146 ? 2.379   -10.223 -3.870  1.00 13.97 ? 146 ALA A CB  1 
ATOM   1129 N N   . LYS A 1 147 ? -0.296  -11.962 -4.146  1.00 12.66 ? 147 LYS A N   1 
ATOM   1130 C CA  . LYS A 1 147 ? -1.205  -12.763 -4.959  1.00 13.67 ? 147 LYS A CA  1 
ATOM   1131 C C   . LYS A 1 147 ? -2.576  -12.107 -5.070  1.00 12.00 ? 147 LYS A C   1 
ATOM   1132 O O   . LYS A 1 147 ? -3.197  -12.133 -6.139  1.00 12.80 ? 147 LYS A O   1 
ATOM   1133 C CB  . LYS A 1 147 ? -1.326  -14.179 -4.395  1.00 14.05 ? 147 LYS A CB  1 
ATOM   1134 C CG  . LYS A 1 147 ? -0.157  -15.101 -4.727  1.00 16.58 ? 147 LYS A CG  1 
ATOM   1135 C CD  . LYS A 1 147 ? -0.174  -16.370 -3.874  1.00 20.14 ? 147 LYS A CD  1 
ATOM   1136 C CE  . LYS A 1 147 ? 1.056   -17.224 -4.135  1.00 24.08 ? 147 LYS A CE  1 
ATOM   1137 N NZ  . LYS A 1 147 ? 1.016   -18.527 -3.411  1.00 28.54 ? 147 LYS A NZ  1 
ATOM   1138 N N   . ARG A 1 148 ? -3.077  -11.522 -3.981  1.00 12.20 ? 148 ARG A N   1 
ATOM   1139 C CA  . ARG A 1 148 ? -4.380  -10.867 -4.047  1.00 12.01 ? 148 ARG A CA  1 
ATOM   1140 C C   . ARG A 1 148 ? -4.331  -9.675  -4.985  1.00 11.30 ? 148 ARG A C   1 
ATOM   1141 O O   . ARG A 1 148 ? -5.237  -9.473  -5.807  1.00 12.39 ? 148 ARG A O   1 
ATOM   1142 C CB  . ARG A 1 148 ? -4.835  -10.418 -2.656  1.00 12.14 ? 148 ARG A CB  1 
ATOM   1143 C CG  . ARG A 1 148 ? -5.263  -11.550 -1.743  1.00 12.86 ? 148 ARG A CG  1 
ATOM   1144 C CD  . ARG A 1 148 ? -6.013  -11.043 -0.514  1.00 13.07 ? 148 ARG A CD  1 
ATOM   1145 N NE  . ARG A 1 148 ? -5.155  -10.297 0.402   1.00 13.23 ? 148 ARG A NE  1 
ATOM   1146 C CZ  . ARG A 1 148 ? -4.377  -10.850 1.330   1.00 13.32 ? 148 ARG A CZ  1 
ATOM   1147 N NH1 . ARG A 1 148 ? -4.317  -12.169 1.475   1.00 15.00 ? 148 ARG A NH1 1 
ATOM   1148 N NH2 . ARG A 1 148 ? -3.644  -10.076 2.116   1.00 14.97 ? 148 ARG A NH2 1 
ATOM   1149 N N   . VAL A 1 149 ? -3.284  -8.860  -4.855  1.00 11.33 ? 149 VAL A N   1 
ATOM   1150 C CA  . VAL A 1 149 ? -3.138  -7.685  -5.706  1.00 11.50 ? 149 VAL A CA  1 
ATOM   1151 C C   . VAL A 1 149 ? -2.969  -8.105  -7.160  1.00 11.69 ? 149 VAL A C   1 
ATOM   1152 O O   . VAL A 1 149 ? -3.599  -7.541  -8.065  1.00 11.91 ? 149 VAL A O   1 
ATOM   1153 C CB  . VAL A 1 149 ? -1.969  -6.821  -5.200  1.00 11.46 ? 149 VAL A CB  1 
ATOM   1154 C CG1 . VAL A 1 149 ? -1.703  -5.665  -6.151  1.00 12.90 ? 149 VAL A CG1 1 
ATOM   1155 C CG2 . VAL A 1 149 ? -2.270  -6.295  -3.804  1.00 12.00 ? 149 VAL A CG2 1 
ATOM   1156 N N   . ILE A 1 150 ? -2.137  -9.118  -7.404  1.00 11.54 ? 150 ILE A N   1 
ATOM   1157 C CA  . ILE A 1 150 ? -1.910  -9.590  -8.768  1.00 11.72 ? 150 ILE A CA  1 
ATOM   1158 C C   . ILE A 1 150 ? -3.185  -10.160 -9.370  1.00 11.86 ? 150 ILE A C   1 
ATOM   1159 O O   . ILE A 1 150 ? -3.488  -9.924  -10.546 1.00 12.75 ? 150 ILE A O   1 
ATOM   1160 C CB  . ILE A 1 150 ? -0.755  -10.607 -8.793  1.00 12.82 ? 150 ILE A CB  1 
ATOM   1161 C CG1 . ILE A 1 150 ? 0.558   -9.887  -8.504  1.00 13.27 ? 150 ILE A CG1 1 
ATOM   1162 C CG2 . ILE A 1 150 ? -0.691  -11.308 -10.136 1.00 13.85 ? 150 ILE A CG2 1 
ATOM   1163 C CD1 . ILE A 1 150 ? 1.737   -10.805 -8.302  1.00 14.52 ? 150 ILE A CD1 1 
ATOM   1164 N N   . THR A 1 151 ? -3.950  -10.922 -8.592  1.00 12.22 ? 151 THR A N   1 
ATOM   1165 C CA  . THR A 1 151 ? -5.219  -11.439 -9.098  1.00 13.42 ? 151 THR A CA  1 
ATOM   1166 C C   . THR A 1 151 ? -6.156  -10.303 -9.482  1.00 13.00 ? 151 THR A C   1 
ATOM   1167 O O   . THR A 1 151 ? -6.901  -10.398 -10.471 1.00 13.34 ? 151 THR A O   1 
ATOM   1168 C CB  . THR A 1 151 ? -5.863  -12.349 -8.052  1.00 14.12 ? 151 THR A CB  1 
ATOM   1169 O OG1 . THR A 1 151 ? -5.084  -13.543 -7.912  1.00 17.11 ? 151 THR A OG1 1 
ATOM   1170 C CG2 . THR A 1 151 ? -7.294  -12.720 -8.444  1.00 17.18 ? 151 THR A CG2 1 
ATOM   1171 N N   . THR A 1 152 ? -6.114  -9.210  -8.720  1.00 11.95 ? 152 THR A N   1 
ATOM   1172 C CA  . THR A 1 152 ? -6.925  -8.045  -9.046  1.00 12.27 ? 152 THR A CA  1 
ATOM   1173 C C   . THR A 1 152 ? -6.492  -7.438  -10.378 1.00 12.02 ? 152 THR A C   1 
ATOM   1174 O O   . THR A 1 152 ? -7.335  -7.107  -11.223 1.00 12.81 ? 152 THR A O   1 
ATOM   1175 C CB  . THR A 1 152 ? -6.862  -7.035  -7.896  1.00 12.35 ? 152 THR A CB  1 
ATOM   1176 O OG1 . THR A 1 152 ? -7.185  -7.691  -6.662  1.00 12.67 ? 152 THR A OG1 1 
ATOM   1177 C CG2 . THR A 1 152 ? -7.864  -5.919  -8.108  1.00 13.64 ? 152 THR A CG2 1 
ATOM   1178 N N   . PHE A 1 153 ? -5.180  -7.320  -10.607 1.00 11.99 ? 153 PHE A N   1 
ATOM   1179 C CA  . PHE A 1 153 ? -4.692  -6.881  -11.915 1.00 13.31 ? 153 PHE A CA  1 
ATOM   1180 C C   . PHE A 1 153 ? -5.016  -7.887  -13.015 1.00 13.63 ? 153 PHE A C   1 
ATOM   1181 O O   . PHE A 1 153 ? -5.296  -7.495  -14.158 1.00 14.67 ? 153 PHE A O   1 
ATOM   1182 C CB  . PHE A 1 153 ? -3.177  -6.680  -11.878 1.00 12.70 ? 153 PHE A CB  1 
ATOM   1183 C CG  . PHE A 1 153 ? -2.726  -5.354  -11.338 1.00 12.34 ? 153 PHE A CG  1 
ATOM   1184 C CD1 . PHE A 1 153 ? -3.201  -4.155  -11.852 1.00 13.26 ? 153 PHE A CD1 1 
ATOM   1185 C CD2 . PHE A 1 153 ? -1.772  -5.317  -10.336 1.00 13.43 ? 153 PHE A CD2 1 
ATOM   1186 C CE1 . PHE A 1 153 ? -2.745  -2.950  -11.355 1.00 14.36 ? 153 PHE A CE1 1 
ATOM   1187 C CE2 . PHE A 1 153 ? -1.312  -4.123  -9.848  1.00 14.75 ? 153 PHE A CE2 1 
ATOM   1188 C CZ  . PHE A 1 153 ? -1.802  -2.937  -10.358 1.00 13.16 ? 153 PHE A CZ  1 
ATOM   1189 N N   . ARG A 1 154 ? -4.927  -9.181  -12.722 1.00 12.96 ? 154 ARG A N   1 
ATOM   1190 C CA  . ARG A 1 154 ? -5.138  -10.160 -13.781 1.00 14.45 ? 154 ARG A CA  1 
ATOM   1191 C C   . ARG A 1 154 ? -6.591  -10.177 -14.235 1.00 14.13 ? 154 ARG A C   1 
ATOM   1192 O O   . ARG A 1 154 ? -6.872  -10.259 -15.438 1.00 15.63 ? 154 ARG A O   1 
ATOM   1193 C CB  . ARG A 1 154 ? -4.699  -11.547 -13.318 1.00 14.78 ? 154 ARG A CB  1 
ATOM   1194 C CG  . ARG A 1 154 ? -4.768  -12.573 -14.422 1.00 16.99 ? 154 ARG A CG  1 
ATOM   1195 C CD  . ARG A 1 154 ? -4.270  -13.944 -13.985 1.00 18.03 ? 154 ARG A CD  1 
ATOM   1196 N NE  . ARG A 1 154 ? -4.954  -14.465 -12.804 1.00 21.34 ? 154 ARG A NE  1 
ATOM   1197 C CZ  . ARG A 1 154 ? -6.129  -15.088 -12.828 1.00 22.76 ? 154 ARG A CZ  1 
ATOM   1198 N NH1 . ARG A 1 154 ? -6.769  -15.263 -13.976 1.00 24.02 ? 154 ARG A NH1 1 
ATOM   1199 N NH2 . ARG A 1 154 ? -6.672  -15.528 -11.699 1.00 28.07 ? 154 ARG A NH2 1 
ATOM   1200 N N   . THR A 1 155 ? -7.527  -10.084 -13.288 1.00 15.16 ? 155 THR A N   1 
ATOM   1201 C CA  . THR A 1 155 ? -8.937  -10.298 -13.580 1.00 15.20 ? 155 THR A CA  1 
ATOM   1202 C C   . THR A 1 155 ? -9.767  -9.028  -13.636 1.00 15.46 ? 155 THR A C   1 
ATOM   1203 O O   . THR A 1 155 ? -10.842 -9.049  -14.246 1.00 16.67 ? 155 THR A O   1 
ATOM   1204 C CB  . THR A 1 155 ? -9.571  -11.225 -12.534 1.00 14.78 ? 155 THR A CB  1 
ATOM   1205 O OG1 . THR A 1 155 ? -9.625  -10.545 -11.269 1.00 14.67 ? 155 THR A OG1 1 
ATOM   1206 C CG2 . THR A 1 155 ? -8.784  -12.527 -12.401 1.00 16.97 ? 155 THR A CG2 1 
ATOM   1207 N N   . GLY A 1 156 ? -9.328  -7.941  -13.007 1.00 14.47 ? 156 GLY A N   1 
ATOM   1208 C CA  . GLY A 1 156 ? -10.175 -6.774  -12.926 1.00 15.66 ? 156 GLY A CA  1 
ATOM   1209 C C   . GLY A 1 156 ? -11.398 -6.974  -12.064 1.00 14.71 ? 156 GLY A C   1 
ATOM   1210 O O   . GLY A 1 156 ? -12.369 -6.221  -12.195 1.00 15.72 ? 156 GLY A O   1 
ATOM   1211 N N   . THR A 1 157 ? -11.374 -7.976  -11.185 1.00 14.27 ? 157 THR A N   1 
ATOM   1212 C CA  . THR A 1 157 ? -12.450 -8.278  -10.251 1.00 15.08 ? 157 THR A CA  1 
ATOM   1213 C C   . THR A 1 157 ? -11.921 -8.231  -8.827  1.00 13.64 ? 157 THR A C   1 
ATOM   1214 O O   . THR A 1 157 ? -10.710 -8.208  -8.585  1.00 13.69 ? 157 THR A O   1 
ATOM   1215 C CB  . THR A 1 157 ? -13.035 -9.682  -10.472 1.00 14.73 ? 157 THR A CB  1 
ATOM   1216 O OG1 . THR A 1 157 ? -12.142 -10.668 -9.925  1.00 15.42 ? 157 THR A OG1 1 
ATOM   1217 C CG2 . THR A 1 157 ? -13.286 -9.952  -11.951 1.00 18.04 ? 157 THR A CG2 1 
ATOM   1218 N N   . TRP A 1 158 ? -12.862 -8.274  -7.885  1.00 13.96 ? 158 TRP A N   1 
ATOM   1219 C CA  . TRP A 1 158 ? -12.561 -8.351  -6.464  1.00 13.50 ? 158 TRP A CA  1 
ATOM   1220 C C   . TRP A 1 158 ? -12.477 -9.785  -5.953  1.00 13.86 ? 158 TRP A C   1 
ATOM   1221 O O   . TRP A 1 158 ? -12.502 -9.996  -4.736  1.00 14.90 ? 158 TRP A O   1 
ATOM   1222 C CB  . TRP A 1 158 ? -13.608 -7.574  -5.667  1.00 14.78 ? 158 TRP A CB  1 
ATOM   1223 C CG  . TRP A 1 158 ? -13.529 -6.110  -5.868  1.00 13.49 ? 158 TRP A CG  1 
ATOM   1224 C CD1 . TRP A 1 158 ? -14.446 -5.310  -6.487  1.00 14.86 ? 158 TRP A CD1 1 
ATOM   1225 C CD2 . TRP A 1 158 ? -12.469 -5.258  -5.441  1.00 13.17 ? 158 TRP A CD2 1 
ATOM   1226 N NE1 . TRP A 1 158 ? -14.012 -4.006  -6.471  1.00 14.20 ? 158 TRP A NE1 1 
ATOM   1227 C CE2 . TRP A 1 158 ? -12.802 -3.949  -5.833  1.00 13.73 ? 158 TRP A CE2 1 
ATOM   1228 C CE3 . TRP A 1 158 ? -11.268 -5.474  -4.759  1.00 13.75 ? 158 TRP A CE3 1 
ATOM   1229 C CZ2 . TRP A 1 158 ? -11.980 -2.857  -5.559  1.00 13.99 ? 158 TRP A CZ2 1 
ATOM   1230 C CZ3 . TRP A 1 158 ? -10.451 -4.391  -4.493  1.00 14.01 ? 158 TRP A CZ3 1 
ATOM   1231 C CH2 . TRP A 1 158 ? -10.815 -3.099  -4.887  1.00 14.15 ? 158 TRP A CH2 1 
ATOM   1232 N N   . ASP A 1 159 ? -12.339 -10.766 -6.846  1.00 14.40 ? 159 ASP A N   1 
ATOM   1233 C CA  . ASP A 1 159 ? -12.481 -12.164 -6.445  1.00 16.16 ? 159 ASP A CA  1 
ATOM   1234 C C   . ASP A 1 159 ? -11.501 -12.557 -5.343  1.00 16.14 ? 159 ASP A C   1 
ATOM   1235 O O   . ASP A 1 159 ? -11.839 -13.359 -4.465  1.00 16.75 ? 159 ASP A O   1 
ATOM   1236 C CB  . ASP A 1 159 ? -12.312 -13.076 -7.657  1.00 18.59 ? 159 ASP A CB  1 
ATOM   1237 C CG  . ASP A 1 159 ? -13.528 -13.074 -8.560  1.00 19.86 ? 159 ASP A CG  1 
ATOM   1238 O OD1 . ASP A 1 159 ? -14.512 -12.374 -8.247  1.00 23.59 ? 159 ASP A OD1 1 
ATOM   1239 O OD2 . ASP A 1 159 ? -13.496 -13.786 -9.587  1.00 24.26 ? 159 ASP A OD2 1 
ATOM   1240 N N   . ALA A 1 160 ? -10.278 -12.020 -5.371  1.00 14.60 ? 160 ALA A N   1 
ATOM   1241 C CA  . ALA A 1 160 ? -9.294  -12.417 -4.367  1.00 15.27 ? 160 ALA A CA  1 
ATOM   1242 C C   . ALA A 1 160 ? -9.660  -11.914 -2.980  1.00 16.56 ? 160 ALA A C   1 
ATOM   1243 O O   . ALA A 1 160 ? -9.270  -12.523 -1.976  1.00 20.52 ? 160 ALA A O   1 
ATOM   1244 C CB  . ALA A 1 160 ? -7.900  -11.927 -4.751  1.00 16.33 ? 160 ALA A CB  1 
ATOM   1245 N N   . TYR A 1 161 ? -10.411 -10.823 -2.905  1.00 13.83 ? 161 TYR A N   1 
ATOM   1246 C CA  . TYR A 1 161 ? -10.798 -10.238 -1.630  1.00 15.41 ? 161 TYR A CA  1 
ATOM   1247 C C   . TYR A 1 161 ? -12.122 -10.797 -1.131  1.00 18.94 ? 161 TYR A C   1 
ATOM   1248 O O   . TYR A 1 161 ? -12.291 -10.998 0.076   1.00 25.50 ? 161 TYR A O   1 
ATOM   1249 C CB  . TYR A 1 161 ? -10.799 -8.706  -1.734  1.00 14.31 ? 161 TYR A CB  1 
ATOM   1250 C CG  . TYR A 1 161 ? -9.386  -8.184  -1.842  1.00 13.44 ? 161 TYR A CG  1 
ATOM   1251 C CD1 . TYR A 1 161 ? -8.744  -8.125  -3.071  1.00 12.68 ? 161 TYR A CD1 1 
ATOM   1252 C CD2 . TYR A 1 161 ? -8.670  -7.816  -0.704  1.00 13.33 ? 161 TYR A CD2 1 
ATOM   1253 C CE1 . TYR A 1 161 ? -7.437  -7.702  -3.171  1.00 12.50 ? 161 TYR A CE1 1 
ATOM   1254 C CE2 . TYR A 1 161 ? -7.361  -7.380  -0.790  1.00 12.25 ? 161 TYR A CE2 1 
ATOM   1255 C CZ  . TYR A 1 161 ? -6.747  -7.329  -2.031  1.00 11.81 ? 161 TYR A CZ  1 
ATOM   1256 O OH  . TYR A 1 161 ? -5.445  -6.908  -2.151  1.00 12.60 ? 161 TYR A OH  1 
ATOM   1257 N N   . LYS A 1 162 ? -13.044 -11.098 -2.040  1.00 20.02 ? 162 LYS A N   1 
ATOM   1258 C CA  . LYS A 1 162 ? -14.290 -11.760 -1.679  1.00 23.13 ? 162 LYS A CA  1 
ATOM   1259 C C   . LYS A 1 162 ? -14.021 -13.197 -1.244  1.00 25.18 ? 162 LYS A C   1 
ATOM   1260 O O   . LYS A 1 162 ? -14.420 -13.612 -0.155  1.00 29.37 ? 162 LYS A O   1 
ATOM   1261 C CB  . LYS A 1 162 ? -15.260 -11.750 -2.863  1.00 26.55 ? 162 LYS A CB  1 
HETATM 1262 C C10 . YGS B 2 .   ? 1.201   1.403   -9.711  1.00 21.46 ? 201 YGS A C10 1 
HETATM 1263 C C01 . YGS B 2 .   ? 3.676   -0.802  -9.966  1.00 23.76 ? 201 YGS A C01 1 
HETATM 1264 C C02 . YGS B 2 .   ? 2.742   -1.365  -10.700 1.00 21.36 ? 201 YGS A C02 1 
HETATM 1265 C C03 . YGS B 2 .   ? 3.140   -2.390  -11.754 1.00 22.12 ? 201 YGS A C03 1 
HETATM 1266 C C04 . YGS B 2 .   ? 1.271   -1.010  -10.490 1.00 20.30 ? 201 YGS A C04 1 
HETATM 1267 C C05 . YGS B 2 .   ? 0.945   0.471   -10.703 1.00 18.48 ? 201 YGS A C05 1 
HETATM 1268 C C06 . YGS B 2 .   ? 0.371   0.873   -11.900 1.00 19.14 ? 201 YGS A C06 1 
HETATM 1269 C C07 . YGS B 2 .   ? 0.071   2.210   -12.101 1.00 18.34 ? 201 YGS A C07 1 
HETATM 1270 C C08 . YGS B 2 .   ? 0.332   3.140   -11.111 1.00 18.87 ? 201 YGS A C08 1 
HETATM 1271 C C09 . YGS B 2 .   ? 0.895   2.738   -9.911  1.00 19.69 ? 201 YGS A C09 1 
HETATM 1272 C C1  . BME C 3 .   ? 2.772   4.349   5.245   1.00 27.40 ? 202 BME A C1  1 
HETATM 1273 C C2  . BME C 3 .   ? 1.426   4.593   4.571   1.00 25.92 ? 202 BME A C2  1 
HETATM 1274 O O1  . BME C 3 .   ? 3.305   3.165   4.721   1.00 26.74 ? 202 BME A O1  1 
HETATM 1275 S S2  . BME C 3 .   ? 1.579   4.315   2.782   1.00 32.95 ? 202 BME A S2  1 
HETATM 1276 C C   . TRS D 4 .   ? 3.311   -0.620  5.142   1.00 15.14 ? 203 TRS A C   1 
HETATM 1277 C C1  . TRS D 4 .   ? 4.617   -0.828  4.379   1.00 17.31 ? 203 TRS A C1  1 
HETATM 1278 C C2  . TRS D 4 .   ? 2.135   -0.431  4.187   1.00 15.94 ? 203 TRS A C2  1 
HETATM 1279 C C3  . TRS D 4 .   ? 3.112   -1.833  6.048   1.00 18.04 ? 203 TRS A C3  1 
HETATM 1280 N N   . TRS D 4 .   ? 3.371   0.585   5.949   1.00 15.50 ? 203 TRS A N   1 
HETATM 1281 O O1  . TRS D 4 .   ? 4.920   0.345   3.682   1.00 20.00 ? 203 TRS A O1  1 
HETATM 1282 O O2  . TRS D 4 .   ? 1.983   -1.604  3.447   1.00 16.38 ? 203 TRS A O2  1 
HETATM 1283 O O3  . TRS D 4 .   ? 1.986   -1.656  6.859   1.00 18.15 ? 203 TRS A O3  1 
HETATM 1284 O O   . HOH E 5 .   ? -6.944  13.967  -3.044  1.00 21.07 ? 301 HOH A O   1 
HETATM 1285 O O   . HOH E 5 .   ? 7.661   -6.764  2.751   1.00 27.27 ? 302 HOH A O   1 
HETATM 1286 O O   . HOH E 5 .   ? -13.685 7.277   11.274  1.00 29.09 ? 303 HOH A O   1 
HETATM 1287 O O   . HOH E 5 .   ? 6.975   9.161   9.973   1.00 21.88 ? 304 HOH A O   1 
HETATM 1288 O O   . HOH E 5 .   ? 2.276   11.884  -2.006  1.00 28.32 ? 305 HOH A O   1 
HETATM 1289 O O   . HOH E 5 .   ? -11.922 9.229   1.758   1.00 16.76 ? 306 HOH A O   1 
HETATM 1290 O O   . HOH E 5 .   ? 1.133   9.334   4.078   1.00 26.03 ? 307 HOH A O   1 
HETATM 1291 O O   . HOH E 5 .   ? 12.318  -1.405  14.084  1.00 25.40 ? 308 HOH A O   1 
HETATM 1292 O O   . HOH E 5 .   ? 13.682  -5.518  6.392   1.00 30.80 ? 309 HOH A O   1 
HETATM 1293 O O   . HOH E 5 .   ? -4.137  15.463  10.412  1.00 16.05 ? 310 HOH A O   1 
HETATM 1294 O O   . HOH E 5 .   ? 5.169   0.143   7.868   1.00 17.41 ? 311 HOH A O   1 
HETATM 1295 O O   . HOH E 5 .   ? -2.828  6.845   -20.175 1.00 24.31 ? 312 HOH A O   1 
HETATM 1296 O O   . HOH E 5 .   ? -6.483  -14.751 -16.759 1.00 26.24 ? 313 HOH A O   1 
HETATM 1297 O O   . HOH E 5 .   ? -10.190 9.885   18.824  1.00 25.63 ? 314 HOH A O   1 
HETATM 1298 O O   . HOH E 5 .   ? -4.333  -0.533  -18.762 1.00 15.62 ? 315 HOH A O   1 
HETATM 1299 O O   . HOH E 5 .   ? 10.138  -10.464 4.949   1.00 26.27 ? 316 HOH A O   1 
HETATM 1300 O O   . HOH E 5 .   ? -7.628  -14.624 -1.658  1.00 21.94 ? 317 HOH A O   1 
HETATM 1301 O O   . HOH E 5 .   ? -12.574 -4.004  -13.990 1.00 19.21 ? 318 HOH A O   1 
HETATM 1302 O O   . HOH E 5 .   ? -16.495 1.096   2.085   1.00 19.58 ? 319 HOH A O   1 
HETATM 1303 O O   . HOH E 5 .   ? 7.864   -12.974 4.721   1.00 17.73 ? 320 HOH A O   1 
HETATM 1304 O O   . HOH E 5 .   ? 11.341  0.956   12.570  1.00 18.24 ? 321 HOH A O   1 
HETATM 1305 O O   . HOH E 5 .   ? -2.767  4.246   7.480   1.00 13.14 ? 322 HOH A O   1 
HETATM 1306 O O   . HOH E 5 .   ? -6.729  2.868   21.863  1.00 26.12 ? 323 HOH A O   1 
HETATM 1307 O O   . HOH E 5 .   ? -0.283  -3.499  8.588   1.00 16.76 ? 324 HOH A O   1 
HETATM 1308 O O   . HOH E 5 .   ? 2.137   -4.026  19.430  1.00 26.53 ? 325 HOH A O   1 
HETATM 1309 O O   . HOH E 5 .   ? -11.446 9.392   11.435  1.00 20.33 ? 326 HOH A O   1 
HETATM 1310 O O   . HOH E 5 .   ? 10.067  -17.152 -1.661  1.00 18.66 ? 327 HOH A O   1 
HETATM 1311 O O   . HOH E 5 .   ? -7.059  13.260  17.677  1.00 25.25 ? 328 HOH A O   1 
HETATM 1312 O O   . HOH E 5 .   ? -9.309  -9.624  -6.695  1.00 16.05 ? 329 HOH A O   1 
HETATM 1313 O O   . HOH E 5 .   ? 4.265   9.354   10.327  1.00 24.26 ? 330 HOH A O   1 
HETATM 1314 O O   . HOH E 5 .   ? 7.480   -16.655 -0.689  1.00 16.86 ? 331 HOH A O   1 
HETATM 1315 O O   . HOH E 5 .   ? -15.068 -5.679  -12.211 1.00 24.45 ? 332 HOH A O   1 
HETATM 1316 O O   . HOH E 5 .   ? 0.628   -4.192  -2.717  1.00 12.28 ? 333 HOH A O   1 
HETATM 1317 O O   . HOH E 5 .   ? 3.725   8.218   20.964  1.00 17.64 ? 334 HOH A O   1 
HETATM 1318 O O   . HOH E 5 .   ? -8.230  -11.051 -17.704 1.00 18.98 ? 335 HOH A O   1 
HETATM 1319 O O   . HOH E 5 .   ? 5.024   4.697   -17.956 1.00 28.17 ? 336 HOH A O   1 
HETATM 1320 O O   . HOH E 5 .   ? 11.445  -8.965  8.562   1.00 21.05 ? 337 HOH A O   1 
HETATM 1321 O O   . HOH E 5 .   ? 8.328   6.748   -2.617  1.00 31.27 ? 338 HOH A O   1 
HETATM 1322 O O   . HOH E 5 .   ? 5.238   -12.023 -18.516 1.00 19.08 ? 339 HOH A O   1 
HETATM 1323 O O   . HOH E 5 .   ? 1.376   -7.134  3.315   1.00 27.01 ? 340 HOH A O   1 
HETATM 1324 O O   . HOH E 5 .   ? 7.910   -1.844  5.004   1.00 26.35 ? 341 HOH A O   1 
HETATM 1325 O O   . HOH E 5 .   ? 1.536   -14.341 -11.119 1.00 21.12 ? 342 HOH A O   1 
HETATM 1326 O O   . HOH E 5 .   ? 7.107   1.114   -18.698 1.00 26.29 ? 343 HOH A O   1 
HETATM 1327 O O   . HOH E 5 .   ? 3.752   -7.101  14.618  1.00 25.23 ? 344 HOH A O   1 
HETATM 1328 O O   . HOH E 5 .   ? -7.086  -7.811  8.015   1.00 28.41 ? 345 HOH A O   1 
HETATM 1329 O O   . HOH E 5 .   ? 3.777   11.080  -18.288 1.00 33.02 ? 346 HOH A O   1 
HETATM 1330 O O   . HOH E 5 .   ? 5.923   -15.445 -12.334 1.00 20.63 ? 347 HOH A O   1 
HETATM 1331 O O   . HOH E 5 .   ? 12.766  -4.752  14.001  1.00 25.11 ? 348 HOH A O   1 
HETATM 1332 O O   . HOH E 5 .   ? -3.028  -13.988 -10.804 1.00 25.29 ? 349 HOH A O   1 
HETATM 1333 O O   . HOH E 5 .   ? -3.728  4.189   10.107  1.00 12.77 ? 350 HOH A O   1 
HETATM 1334 O O   . HOH E 5 .   ? -4.105  1.530   -22.447 1.00 21.48 ? 351 HOH A O   1 
HETATM 1335 O O   . HOH E 5 .   ? -12.350 -2.016  11.526  1.00 32.46 ? 352 HOH A O   1 
HETATM 1336 O O   . HOH E 5 .   ? 9.971   -4.498  -14.404 1.00 20.76 ? 353 HOH A O   1 
HETATM 1337 O O   . HOH E 5 .   ? -2.246  13.036  2.317   1.00 26.35 ? 354 HOH A O   1 
HETATM 1338 O O   . HOH E 5 .   ? -3.524  -14.804 -1.645  1.00 19.65 ? 355 HOH A O   1 
HETATM 1339 O O   . HOH E 5 .   ? -3.060  7.740   23.620  1.00 21.36 ? 356 HOH A O   1 
HETATM 1340 O O   . HOH E 5 .   ? 12.576  6.329   8.529   1.00 28.02 ? 357 HOH A O   1 
HETATM 1341 O O   . HOH E 5 .   ? -0.773  13.452  10.062  1.00 14.93 ? 358 HOH A O   1 
HETATM 1342 O O   . HOH E 5 .   ? -0.966  10.327  7.447   1.00 18.80 ? 359 HOH A O   1 
HETATM 1343 O O   . HOH E 5 .   ? 1.637   18.099  14.041  1.00 13.83 ? 360 HOH A O   1 
HETATM 1344 O O   . HOH E 5 .   ? 7.044   -8.025  12.485  1.00 19.22 ? 361 HOH A O   1 
HETATM 1345 O O   . HOH E 5 .   ? 11.323  -1.882  -7.558  1.00 27.26 ? 362 HOH A O   1 
HETATM 1346 O O   . HOH E 5 .   ? -3.023  12.778  24.472  1.00 25.35 ? 363 HOH A O   1 
HETATM 1347 O O   . HOH E 5 .   ? 9.956   -14.610 -7.882  1.00 23.71 ? 364 HOH A O   1 
HETATM 1348 O O   . HOH E 5 .   ? -15.945 -1.932  -7.021  1.00 19.13 ? 365 HOH A O   1 
HETATM 1349 O O   . HOH E 5 .   ? -2.289  -14.288 -8.121  1.00 22.18 ? 366 HOH A O   1 
HETATM 1350 O O   . HOH E 5 .   ? -0.847  -14.943 -15.398 1.00 23.43 ? 367 HOH A O   1 
HETATM 1351 O O   . HOH E 5 .   ? -5.407  -2.841  18.550  1.00 23.23 ? 368 HOH A O   1 
HETATM 1352 O O   . HOH E 5 .   ? -10.803 3.517   19.630  1.00 25.78 ? 369 HOH A O   1 
HETATM 1353 O O   . HOH E 5 .   ? 7.929   11.868  -12.314 1.00 31.81 ? 370 HOH A O   1 
HETATM 1354 O O   . HOH E 5 .   ? -15.651 -8.072  -8.690  1.00 20.96 ? 371 HOH A O   1 
HETATM 1355 O O   . HOH E 5 .   ? 6.925   -7.445  0.234   1.00 20.11 ? 372 HOH A O   1 
HETATM 1356 O O   . HOH E 5 .   ? -3.895  13.491  12.475  1.00 23.29 ? 373 HOH A O   1 
HETATM 1357 O O   . HOH E 5 .   ? 14.185  1.066   20.566  1.00 30.98 ? 374 HOH A O   1 
HETATM 1358 O O   . HOH E 5 .   ? 5.695   -11.088 -21.321 1.00 30.82 ? 375 HOH A O   1 
HETATM 1359 O O   . HOH E 5 .   ? 5.686   -4.831  3.047   1.00 27.64 ? 376 HOH A O   1 
HETATM 1360 O O   . HOH E 5 .   ? -1.062  15.712  24.462  1.00 26.90 ? 377 HOH A O   1 
HETATM 1361 O O   . HOH E 5 .   ? 1.008   6.384   1.215   1.00 23.30 ? 378 HOH A O   1 
HETATM 1362 O O   . HOH E 5 .   ? -12.261 5.993   17.989  1.00 25.57 ? 379 HOH A O   1 
HETATM 1363 O O   . HOH E 5 .   ? -5.657  -14.438 0.101   1.00 17.29 ? 380 HOH A O   1 
HETATM 1364 O O   . HOH E 5 .   ? -12.462 -4.294  4.602   1.00 24.45 ? 381 HOH A O   1 
HETATM 1365 O O   . HOH E 5 .   ? 5.472   -5.814  16.870  1.00 25.27 ? 382 HOH A O   1 
HETATM 1366 O O   . HOH E 5 .   ? 11.909  -13.807 -16.632 1.00 30.19 ? 383 HOH A O   1 
HETATM 1367 O O   . HOH E 5 .   ? -6.245  -12.138 -19.292 1.00 20.91 ? 384 HOH A O   1 
HETATM 1368 O O   . HOH E 5 .   ? -5.764  -6.487  12.350  1.00 27.54 ? 385 HOH A O   1 
HETATM 1369 O O   . HOH E 5 .   ? 2.594   5.807   -0.777  1.00 25.29 ? 386 HOH A O   1 
HETATM 1370 O O   . HOH E 5 .   ? -4.723  13.701  2.908   1.00 20.09 ? 387 HOH A O   1 
HETATM 1371 O O   . HOH E 5 .   ? 10.384  -5.298  -1.593  1.00 29.48 ? 388 HOH A O   1 
HETATM 1372 O O   . HOH E 5 .   ? 11.722  9.137   11.148  1.00 31.33 ? 389 HOH A O   1 
HETATM 1373 O O   . HOH E 5 .   ? 13.638  -2.067  16.270  1.00 31.66 ? 390 HOH A O   1 
HETATM 1374 O O   . HOH E 5 .   ? -1.949  -11.444 -21.385 1.00 17.29 ? 391 HOH A O   1 
HETATM 1375 O O   . HOH E 5 .   ? 8.706   0.278   -21.003 1.00 34.30 ? 392 HOH A O   1 
HETATM 1376 O O   . HOH E 5 .   ? -12.554 -13.349 2.472   1.00 33.38 ? 393 HOH A O   1 
HETATM 1377 O O   . HOH E 5 .   ? -11.323 -14.408 0.327   1.00 31.77 ? 394 HOH A O   1 
HETATM 1378 O O   . HOH E 5 .   ? 7.873   -11.839 -17.248 1.00 14.48 ? 395 HOH A O   1 
HETATM 1379 O O   . HOH E 5 .   ? -5.482  6.625   22.886  1.00 27.36 ? 396 HOH A O   1 
HETATM 1380 O O   . HOH E 5 .   ? 1.537   -11.964 2.635   1.00 10.40 ? 397 HOH A O   1 
HETATM 1381 O O   . HOH E 5 .   ? -12.182 -15.546 -1.784  1.00 35.47 ? 398 HOH A O   1 
HETATM 1382 O O   . HOH E 5 .   ? -11.789 -6.812  -17.278 1.00 31.12 ? 399 HOH A O   1 
HETATM 1383 O O   . HOH E 5 .   ? 8.130   10.901  22.315  1.00 33.65 ? 400 HOH A O   1 
HETATM 1384 O O   . HOH E 5 .   ? -0.835  -5.603  11.419  1.00 29.91 ? 401 HOH A O   1 
HETATM 1385 O O   . HOH E 5 .   ? 4.673   2.210   -19.076 1.00 30.14 ? 402 HOH A O   1 
HETATM 1386 O O   . HOH E 5 .   ? -9.790  -13.241 1.666   1.00 34.14 ? 403 HOH A O   1 
HETATM 1387 O O   . HOH E 5 .   ? -5.352  -14.618 -3.582  1.00 25.19 ? 404 HOH A O   1 
HETATM 1388 O O   . HOH E 5 .   ? 12.507  -13.134 -9.120  1.00 12.87 ? 405 HOH A O   1 
HETATM 1389 O O   . HOH E 5 .   ? 7.518   -16.476 -10.052 1.00 34.15 ? 406 HOH A O   1 
HETATM 1390 O O   . HOH E 5 .   ? 0.469   -14.495 -8.475  1.00 23.09 ? 407 HOH A O   1 
HETATM 1391 O O   . HOH E 5 .   ? -11.468 12.023  12.593  1.00 21.79 ? 408 HOH A O   1 
HETATM 1392 O O   . HOH E 5 .   ? 3.275   -16.272 -11.732 1.00 26.77 ? 409 HOH A O   1 
HETATM 1393 O O   . HOH E 5 .   ? -9.770  4.341   -6.303  1.00 34.46 ? 410 HOH A O   1 
HETATM 1394 O O   . HOH E 5 .   ? -0.587  -15.294 -12.540 1.00 27.97 ? 411 HOH A O   1 
HETATM 1395 O O   . HOH E 5 .   ? 1.025   -9.341  4.206   1.00 23.38 ? 412 HOH A O   1 
# 
loop_
_pdbx_poly_seq_scheme.asym_id 
_pdbx_poly_seq_scheme.entity_id 
_pdbx_poly_seq_scheme.seq_id 
_pdbx_poly_seq_scheme.mon_id 
_pdbx_poly_seq_scheme.ndb_seq_num 
_pdbx_poly_seq_scheme.pdb_seq_num 
_pdbx_poly_seq_scheme.auth_seq_num 
_pdbx_poly_seq_scheme.pdb_mon_id 
_pdbx_poly_seq_scheme.auth_mon_id 
_pdbx_poly_seq_scheme.pdb_strand_id 
_pdbx_poly_seq_scheme.pdb_ins_code 
_pdbx_poly_seq_scheme.hetero 
A 1 1   MET 1   1   ?   ?   ?   A . n 
A 1 2   ASN 2   2   2   ASN ASN A . n 
A 1 3   ILE 3   3   3   ILE ILE A . n 
A 1 4   PHE 4   4   4   PHE PHE A . n 
A 1 5   GLU 5   5   5   GLU GLU A . n 
A 1 6   MET 6   6   6   MET MET A . n 
A 1 7   LEU 7   7   7   LEU LEU A . n 
A 1 8   ARG 8   8   8   ARG ARG A . n 
A 1 9   ILE 9   9   9   ILE ILE A . n 
A 1 10  ASP 10  10  10  ASP ASP A . n 
A 1 11  GLU 11  11  11  GLU GLU A . n 
A 1 12  GLY 12  12  12  GLY GLY A . n 
A 1 13  LEU 13  13  13  LEU LEU A . n 
A 1 14  ARG 14  14  14  ARG ARG A . n 
A 1 15  LEU 15  15  15  LEU LEU A . n 
A 1 16  LYS 16  16  16  LYS LYS A . n 
A 1 17  ILE 17  17  17  ILE ILE A . n 
A 1 18  TYR 18  18  18  TYR TYR A . n 
A 1 19  LYS 19  19  19  LYS LYS A . n 
A 1 20  ASP 20  20  20  ASP ASP A . n 
A 1 21  THR 21  21  21  THR THR A . n 
A 1 22  GLU 22  22  22  GLU GLU A . n 
A 1 23  GLY 23  23  23  GLY GLY A . n 
A 1 24  TYR 24  24  24  TYR TYR A . n 
A 1 25  TYR 25  25  25  TYR TYR A . n 
A 1 26  THR 26  26  26  THR THR A . n 
A 1 27  ILE 27  27  27  ILE ILE A . n 
A 1 28  GLY 28  28  28  GLY GLY A . n 
A 1 29  ILE 29  29  29  ILE ILE A . n 
A 1 30  GLY 30  30  30  GLY GLY A . n 
A 1 31  HIS 31  31  31  HIS HIS A . n 
A 1 32  LEU 32  32  32  LEU LEU A . n 
A 1 33  LEU 33  33  33  LEU LEU A . n 
A 1 34  THR 34  34  34  THR THR A . n 
A 1 35  LYS 35  35  35  LYS LYS A . n 
A 1 36  SER 36  36  36  SER SER A . n 
A 1 37  PRO 37  37  37  PRO PRO A . n 
A 1 38  SER 38  38  38  SER SER A . n 
A 1 39  LEU 39  39  39  LEU LEU A . n 
A 1 40  ASN 40  40  40  ASN ASN A . n 
A 1 41  ALA 41  41  41  ALA ALA A . n 
A 1 42  ALA 42  42  42  ALA ALA A . n 
A 1 43  LYS 43  43  43  LYS LYS A . n 
A 1 44  SER 44  44  44  SER SER A . n 
A 1 45  GLU 45  45  45  GLU GLU A . n 
A 1 46  LEU 46  46  46  LEU LEU A . n 
A 1 47  ASP 47  47  47  ASP ASP A . n 
A 1 48  LYS 48  48  48  LYS LYS A . n 
A 1 49  ALA 49  49  49  ALA ALA A . n 
A 1 50  ILE 50  50  50  ILE ILE A . n 
A 1 51  GLY 51  51  51  GLY GLY A . n 
A 1 52  ARG 52  52  52  ARG ARG A . n 
A 1 53  ASN 53  53  53  ASN ASN A . n 
A 1 54  CYS 54  54  54  CYS CYS A . n 
A 1 55  ASN 55  55  55  ASN ASN A . n 
A 1 56  GLY 56  56  56  GLY GLY A . n 
A 1 57  VAL 57  57  57  VAL VAL A . n 
A 1 58  ILE 58  58  58  ILE ILE A . n 
A 1 59  THR 59  59  59  THR THR A . n 
A 1 60  LYS 60  60  60  LYS LYS A . n 
A 1 61  ASP 61  61  61  ASP ASP A . n 
A 1 62  GLU 62  62  62  GLU GLU A . n 
A 1 63  ALA 63  63  63  ALA ALA A . n 
A 1 64  GLU 64  64  64  GLU GLU A . n 
A 1 65  LYS 65  65  65  LYS LYS A . n 
A 1 66  LEU 66  66  66  LEU LEU A . n 
A 1 67  PHE 67  67  67  PHE PHE A . n 
A 1 68  ASN 68  68  68  ASN ASN A . n 
A 1 69  GLN 69  69  69  GLN GLN A . n 
A 1 70  ASP 70  70  70  ASP ASP A . n 
A 1 71  VAL 71  71  71  VAL VAL A . n 
A 1 72  ASP 72  72  72  ASP ASP A . n 
A 1 73  ALA 73  73  73  ALA ALA A . n 
A 1 74  ALA 74  74  74  ALA ALA A . n 
A 1 75  VAL 75  75  75  VAL VAL A . n 
A 1 76  ARG 76  76  76  ARG ARG A . n 
A 1 77  GLY 77  77  77  GLY GLY A . n 
A 1 78  ILE 78  78  78  ILE ILE A . n 
A 1 79  LEU 79  79  79  LEU LEU A . n 
A 1 80  ARG 80  80  80  ARG ARG A . n 
A 1 81  ASN 81  81  81  ASN ASN A . n 
A 1 82  ALA 82  82  82  ALA ALA A . n 
A 1 83  LYS 83  83  83  LYS LYS A . n 
A 1 84  LEU 84  84  84  LEU LEU A . n 
A 1 85  LYS 85  85  85  LYS LYS A . n 
A 1 86  PRO 86  86  86  PRO PRO A . n 
A 1 87  VAL 87  87  87  VAL VAL A . n 
A 1 88  TYR 88  88  88  TYR TYR A . n 
A 1 89  ASP 89  89  89  ASP ASP A . n 
A 1 90  SER 90  90  90  SER SER A . n 
A 1 91  LEU 91  91  91  LEU LEU A . n 
A 1 92  ASP 92  92  92  ASP ASP A . n 
A 1 93  ALA 93  93  93  ALA ALA A . n 
A 1 94  VAL 94  94  94  VAL VAL A . n 
A 1 95  ARG 95  95  95  ARG ARG A . n 
A 1 96  ARG 96  96  96  ARG ARG A . n 
A 1 97  CYS 97  97  97  CYS CYS A . n 
A 1 98  ALA 98  98  98  ALA ALA A . n 
A 1 99  ALA 99  99  99  ALA ALA A . n 
A 1 100 ILE 100 100 100 ILE ILE A . n 
A 1 101 ASN 101 101 101 ASN ASN A . n 
A 1 102 MET 102 102 102 MET MET A . n 
A 1 103 VAL 103 103 103 VAL VAL A . n 
A 1 104 PHE 104 104 104 PHE PHE A . n 
A 1 105 GLN 105 105 105 GLN GLN A . n 
A 1 106 MET 106 106 106 MET MET A . n 
A 1 107 GLY 107 107 107 GLY GLY A . n 
A 1 108 GLU 108 108 108 GLU GLU A . n 
A 1 109 THR 109 109 ?   ?   ?   A . n 
A 1 110 GLY 110 110 ?   ?   ?   A . n 
A 1 111 VAL 111 111 ?   ?   ?   A . n 
A 1 112 ALA 112 112 ?   ?   ?   A . n 
A 1 113 GLY 113 113 113 GLY GLY A . n 
A 1 114 PHE 114 114 114 PHE PHE A . n 
A 1 115 THR 115 115 115 THR THR A . n 
A 1 116 ASN 116 116 116 ASN ASN A . n 
A 1 117 SER 117 117 117 SER SER A . n 
A 1 118 LEU 118 118 118 LEU LEU A . n 
A 1 119 ARG 119 119 119 ARG ARG A . n 
A 1 120 MET 120 120 120 MET MET A . n 
A 1 121 LEU 121 121 121 LEU LEU A . n 
A 1 122 GLN 122 122 122 GLN GLN A . n 
A 1 123 GLN 123 123 123 GLN GLN A . n 
A 1 124 LYS 124 124 124 LYS LYS A . n 
A 1 125 ARG 125 125 125 ARG ARG A . n 
A 1 126 TRP 126 126 126 TRP TRP A . n 
A 1 127 ASP 127 127 127 ASP ASP A . n 
A 1 128 GLU 128 128 128 GLU GLU A . n 
A 1 129 ALA 129 129 129 ALA ALA A . n 
A 1 130 ALA 130 130 130 ALA ALA A . n 
A 1 131 VAL 131 131 131 VAL VAL A . n 
A 1 132 ASN 132 132 132 ASN ASN A . n 
A 1 133 LEU 133 133 133 LEU LEU A . n 
A 1 134 ALA 134 134 134 ALA ALA A . n 
A 1 135 LYS 135 135 135 LYS LYS A . n 
A 1 136 SER 136 136 136 SER SER A . n 
A 1 137 ARG 137 137 137 ARG ARG A . n 
A 1 138 TRP 138 138 138 TRP TRP A . n 
A 1 139 TYR 139 139 139 TYR TYR A . n 
A 1 140 ASN 140 140 140 ASN ASN A . n 
A 1 141 GLN 141 141 141 GLN GLN A . n 
A 1 142 THR 142 142 142 THR THR A . n 
A 1 143 PRO 143 143 143 PRO PRO A . n 
A 1 144 ASN 144 144 144 ASN ASN A . n 
A 1 145 ARG 145 145 145 ARG ARG A . n 
A 1 146 ALA 146 146 146 ALA ALA A . n 
A 1 147 LYS 147 147 147 LYS LYS A . n 
A 1 148 ARG 148 148 148 ARG ARG A . n 
A 1 149 VAL 149 149 149 VAL VAL A . n 
A 1 150 ILE 150 150 150 ILE ILE A . n 
A 1 151 THR 151 151 151 THR THR A . n 
A 1 152 THR 152 152 152 THR THR A . n 
A 1 153 PHE 153 153 153 PHE PHE A . n 
A 1 154 ARG 154 154 154 ARG ARG A . n 
A 1 155 THR 155 155 155 THR THR A . n 
A 1 156 GLY 156 156 156 GLY GLY A . n 
A 1 157 THR 157 157 157 THR THR A . n 
A 1 158 TRP 158 158 158 TRP TRP A . n 
A 1 159 ASP 159 159 159 ASP ASP A . n 
A 1 160 ALA 160 160 160 ALA ALA A . n 
A 1 161 TYR 161 161 161 TYR TYR A . n 
A 1 162 LYS 162 162 162 LYS LYS A . n 
A 1 163 ASN 163 163 ?   ?   ?   A . n 
A 1 164 LEU 164 164 ?   ?   ?   A . n 
A 1 165 LEU 165 165 ?   ?   ?   A . n 
A 1 166 GLU 166 166 ?   ?   ?   A . n 
A 1 167 HIS 167 167 ?   ?   ?   A . n 
A 1 168 HIS 168 168 ?   ?   ?   A . n 
A 1 169 HIS 169 169 ?   ?   ?   A . n 
A 1 170 HIS 170 170 ?   ?   ?   A . n 
A 1 171 HIS 171 171 ?   ?   ?   A . n 
A 1 172 HIS 172 172 ?   ?   ?   A . n 
# 
loop_
_pdbx_nonpoly_scheme.asym_id 
_pdbx_nonpoly_scheme.entity_id 
_pdbx_nonpoly_scheme.mon_id 
_pdbx_nonpoly_scheme.ndb_seq_num 
_pdbx_nonpoly_scheme.pdb_seq_num 
_pdbx_nonpoly_scheme.auth_seq_num 
_pdbx_nonpoly_scheme.pdb_mon_id 
_pdbx_nonpoly_scheme.auth_mon_id 
_pdbx_nonpoly_scheme.pdb_strand_id 
_pdbx_nonpoly_scheme.pdb_ins_code 
B 2 YGS 1   201 201 YGS LIG A . 
C 3 BME 1   202 202 BME BME A . 
D 4 TRS 1   203 210 TRS TRS A . 
E 5 HOH 1   301 13  HOH HOH A . 
E 5 HOH 2   302 121 HOH HOH A . 
E 5 HOH 3   303 14  HOH HOH A . 
E 5 HOH 4   304 34  HOH HOH A . 
E 5 HOH 5   305 115 HOH HOH A . 
E 5 HOH 6   306 12  HOH HOH A . 
E 5 HOH 7   307 76  HOH HOH A . 
E 5 HOH 8   308 107 HOH HOH A . 
E 5 HOH 9   309 105 HOH HOH A . 
E 5 HOH 10  310 18  HOH HOH A . 
E 5 HOH 11  311 54  HOH HOH A . 
E 5 HOH 12  312 53  HOH HOH A . 
E 5 HOH 13  313 69  HOH HOH A . 
E 5 HOH 14  314 88  HOH HOH A . 
E 5 HOH 15  315 11  HOH HOH A . 
E 5 HOH 16  316 96  HOH HOH A . 
E 5 HOH 17  317 31  HOH HOH A . 
E 5 HOH 18  318 29  HOH HOH A . 
E 5 HOH 19  319 25  HOH HOH A . 
E 5 HOH 20  320 17  HOH HOH A . 
E 5 HOH 21  321 21  HOH HOH A . 
E 5 HOH 22  322 4   HOH HOH A . 
E 5 HOH 23  323 80  HOH HOH A . 
E 5 HOH 24  324 24  HOH HOH A . 
E 5 HOH 25  325 86  HOH HOH A . 
E 5 HOH 26  326 51  HOH HOH A . 
E 5 HOH 27  327 32  HOH HOH A . 
E 5 HOH 28  328 48  HOH HOH A . 
E 5 HOH 29  329 5   HOH HOH A . 
E 5 HOH 30  330 78  HOH HOH A . 
E 5 HOH 31  331 15  HOH HOH A . 
E 5 HOH 32  332 37  HOH HOH A . 
E 5 HOH 33  333 7   HOH HOH A . 
E 5 HOH 34  334 16  HOH HOH A . 
E 5 HOH 35  335 36  HOH HOH A . 
E 5 HOH 36  336 63  HOH HOH A . 
E 5 HOH 37  337 42  HOH HOH A . 
E 5 HOH 38  338 128 HOH HOH A . 
E 5 HOH 39  339 26  HOH HOH A . 
E 5 HOH 40  340 77  HOH HOH A . 
E 5 HOH 41  341 62  HOH HOH A . 
E 5 HOH 42  342 33  HOH HOH A . 
E 5 HOH 43  343 94  HOH HOH A . 
E 5 HOH 44  344 68  HOH HOH A . 
E 5 HOH 45  345 111 HOH HOH A . 
E 5 HOH 46  346 104 HOH HOH A . 
E 5 HOH 47  347 27  HOH HOH A . 
E 5 HOH 48  348 71  HOH HOH A . 
E 5 HOH 49  349 59  HOH HOH A . 
E 5 HOH 50  350 9   HOH HOH A . 
E 5 HOH 51  351 20  HOH HOH A . 
E 5 HOH 52  352 108 HOH HOH A . 
E 5 HOH 53  353 47  HOH HOH A . 
E 5 HOH 54  354 41  HOH HOH A . 
E 5 HOH 55  355 23  HOH HOH A . 
E 5 HOH 56  356 30  HOH HOH A . 
E 5 HOH 57  357 72  HOH HOH A . 
E 5 HOH 58  358 3   HOH HOH A . 
E 5 HOH 59  359 19  HOH HOH A . 
E 5 HOH 60  360 6   HOH HOH A . 
E 5 HOH 61  361 49  HOH HOH A . 
E 5 HOH 62  362 64  HOH HOH A . 
E 5 HOH 63  363 92  HOH HOH A . 
E 5 HOH 64  364 66  HOH HOH A . 
E 5 HOH 65  365 52  HOH HOH A . 
E 5 HOH 66  366 93  HOH HOH A . 
E 5 HOH 67  367 44  HOH HOH A . 
E 5 HOH 68  368 45  HOH HOH A . 
E 5 HOH 69  369 85  HOH HOH A . 
E 5 HOH 70  370 79  HOH HOH A . 
E 5 HOH 71  371 10  HOH HOH A . 
E 5 HOH 72  372 40  HOH HOH A . 
E 5 HOH 73  373 35  HOH HOH A . 
E 5 HOH 74  374 100 HOH HOH A . 
E 5 HOH 75  375 103 HOH HOH A . 
E 5 HOH 76  376 106 HOH HOH A . 
E 5 HOH 77  377 81  HOH HOH A . 
E 5 HOH 78  378 55  HOH HOH A . 
E 5 HOH 79  379 46  HOH HOH A . 
E 5 HOH 80  380 8   HOH HOH A . 
E 5 HOH 81  381 84  HOH HOH A . 
E 5 HOH 82  382 60  HOH HOH A . 
E 5 HOH 83  383 112 HOH HOH A . 
E 5 HOH 84  384 61  HOH HOH A . 
E 5 HOH 85  385 57  HOH HOH A . 
E 5 HOH 86  386 89  HOH HOH A . 
E 5 HOH 87  387 39  HOH HOH A . 
E 5 HOH 88  388 99  HOH HOH A . 
E 5 HOH 89  389 110 HOH HOH A . 
E 5 HOH 90  390 123 HOH HOH A . 
E 5 HOH 91  391 2   HOH HOH A . 
E 5 HOH 92  392 120 HOH HOH A . 
E 5 HOH 93  393 38  HOH HOH A . 
E 5 HOH 94  394 91  HOH HOH A . 
E 5 HOH 95  395 1   HOH HOH A . 
E 5 HOH 96  396 70  HOH HOH A . 
E 5 HOH 97  397 125 HOH HOH A . 
E 5 HOH 98  398 101 HOH HOH A . 
E 5 HOH 99  399 95  HOH HOH A . 
E 5 HOH 100 400 127 HOH HOH A . 
E 5 HOH 101 401 124 HOH HOH A . 
E 5 HOH 102 402 102 HOH HOH A . 
E 5 HOH 103 403 73  HOH HOH A . 
E 5 HOH 104 404 74  HOH HOH A . 
E 5 HOH 105 405 126 HOH HOH A . 
E 5 HOH 106 406 122 HOH HOH A . 
E 5 HOH 107 407 58  HOH HOH A . 
E 5 HOH 108 408 43  HOH HOH A . 
E 5 HOH 109 409 109 HOH HOH A . 
E 5 HOH 110 410 90  HOH HOH A . 
E 5 HOH 111 411 83  HOH HOH A . 
E 5 HOH 112 412 82  HOH HOH A . 
# 
_pdbx_struct_assembly.id                   1 
_pdbx_struct_assembly.details              author_and_software_defined_assembly 
_pdbx_struct_assembly.method_details       PISA 
_pdbx_struct_assembly.oligomeric_details   monomeric 
_pdbx_struct_assembly.oligomeric_count     1 
# 
_pdbx_struct_assembly_gen.assembly_id       1 
_pdbx_struct_assembly_gen.oper_expression   1 
_pdbx_struct_assembly_gen.asym_id_list      A,B,C,D,E 
# 
_pdbx_struct_oper_list.id                   1 
_pdbx_struct_oper_list.type                 'identity operation' 
_pdbx_struct_oper_list.name                 1_555 
_pdbx_struct_oper_list.symmetry_operation   x,y,z 
_pdbx_struct_oper_list.matrix[1][1]         1.0000000000 
_pdbx_struct_oper_list.matrix[1][2]         0.0000000000 
_pdbx_struct_oper_list.matrix[1][3]         0.0000000000 
_pdbx_struct_oper_list.vector[1]            0.0000000000 
_pdbx_struct_oper_list.matrix[2][1]         0.0000000000 
_pdbx_struct_oper_list.matrix[2][2]         1.0000000000 
_pdbx_struct_oper_list.matrix[2][3]         0.0000000000 
_pdbx_struct_oper_list.vector[2]            0.0000000000 
_pdbx_struct_oper_list.matrix[3][1]         0.0000000000 
_pdbx_struct_oper_list.matrix[3][2]         0.0000000000 
_pdbx_struct_oper_list.matrix[3][3]         1.0000000000 
_pdbx_struct_oper_list.vector[3]            0.0000000000 
# 
loop_
_pdbx_audit_revision_history.ordinal 
_pdbx_audit_revision_history.data_content_type 
_pdbx_audit_revision_history.major_revision 
_pdbx_audit_revision_history.minor_revision 
_pdbx_audit_revision_history.revision_date 
1 'Structure model' 1 0 2021-08-25 
2 'Structure model' 1 1 2021-12-08 
3 'Structure model' 1 2 2023-10-18 
# 
_pdbx_audit_revision_details.ordinal             1 
_pdbx_audit_revision_details.revision_ordinal    1 
_pdbx_audit_revision_details.data_content_type   'Structure model' 
_pdbx_audit_revision_details.provider            repository 
_pdbx_audit_revision_details.type                'Initial release' 
_pdbx_audit_revision_details.description         ? 
_pdbx_audit_revision_details.details             ? 
# 
loop_
_pdbx_audit_revision_group.ordinal 
_pdbx_audit_revision_group.revision_ordinal 
_pdbx_audit_revision_group.data_content_type 
_pdbx_audit_revision_group.group 
1 2 'Structure model' 'Database references'    
2 3 'Structure model' 'Data collection'        
3 3 'Structure model' 'Refinement description' 
# 
loop_
_pdbx_audit_revision_category.ordinal 
_pdbx_audit_revision_category.revision_ordinal 
_pdbx_audit_revision_category.data_content_type 
_pdbx_audit_revision_category.category 
1 2 'Structure model' citation                      
2 2 'Structure model' citation_author               
3 3 'Structure model' chem_comp_atom                
4 3 'Structure model' chem_comp_bond                
5 3 'Structure model' pdbx_initial_refinement_model 
# 
loop_
_pdbx_audit_revision_item.ordinal 
_pdbx_audit_revision_item.revision_ordinal 
_pdbx_audit_revision_item.data_content_type 
_pdbx_audit_revision_item.item 
1  2 'Structure model' '_citation.country'                 
2  2 'Structure model' '_citation.journal_abbrev'          
3  2 'Structure model' '_citation.journal_id_ASTM'         
4  2 'Structure model' '_citation.journal_id_CSD'          
5  2 'Structure model' '_citation.journal_id_ISSN'         
6  2 'Structure model' '_citation.journal_volume'          
7  2 'Structure model' '_citation.pdbx_database_id_DOI'    
8  2 'Structure model' '_citation.pdbx_database_id_PubMed' 
9  2 'Structure model' '_citation.title'                   
10 2 'Structure model' '_citation.year'                    
11 2 'Structure model' '_citation_author.identifier_ORCID' 
# 
_phasing.method   MR 
# 
loop_
_software.citation_id 
_software.classification 
_software.compiler_name 
_software.compiler_version 
_software.contact_author 
_software.contact_author_email 
_software.date 
_software.description 
_software.dependencies 
_software.hardware 
_software.language 
_software.location 
_software.mods 
_software.name 
_software.os 
_software.os_version 
_software.type 
_software.version 
_software.pdbx_ordinal 
? refinement        ? ? ?                 ?                                       ?               ? ? ? ?          ? ? PHENIX      
? ? ?       1.11.1_2575 1 
? 'data reduction'  ? ? 'Wolfgang Kabsch' Wolfgang.Kabsch@mpimf-heidelberg.mpg.de ?               ? ? ? ?          
http://www.mpimf-heidelberg.mpg.de/~kabsch/xds/     ? XDS         ? ? package .           2 
? 'data scaling'    ? ? 'Phil Evans'      ?                                       29/03/17        ? ? ? ?          
http://www.mrc-lmb.cam.ac.uk/harry/pre/aimless.html ? Aimless     ? ? program 0.5.32      3 
? phasing           ? ? 'Alexei Vaguine'  alexei@ysbl.york.ac.uk                  ?               ? ? ? Fortran_77 
http://www.ccp4.ac.uk/dist/html/molrep.html         ? MOLREP      ? ? program .           4 
? 'data extraction' ? ? PDB               deposit@deposit.rcsb.org                'Oct. 31, 2020' ? ? ? C++        
http://sw-tools.pdb.org/apps/PDB_EXTRACT/           ? PDB_EXTRACT ? ? package 3.27        5 
# 
_pdbx_entry_details.entry_id                 7LXA 
_pdbx_entry_details.nonpolymer_details       ? 
_pdbx_entry_details.sequence_details         ? 
_pdbx_entry_details.compound_details         ? 
_pdbx_entry_details.source_details           ? 
_pdbx_entry_details.has_ligand_of_interest   Y 
# 
_pdbx_validate_torsion.id              1 
_pdbx_validate_torsion.PDB_model_num   1 
_pdbx_validate_torsion.auth_comp_id    PHE 
_pdbx_validate_torsion.auth_asym_id    A 
_pdbx_validate_torsion.auth_seq_id     114 
_pdbx_validate_torsion.PDB_ins_code    ? 
_pdbx_validate_torsion.label_alt_id    ? 
_pdbx_validate_torsion.phi             -49.92 
_pdbx_validate_torsion.psi             29.71 
# 
loop_
_pdbx_unobs_or_zero_occ_atoms.id 
_pdbx_unobs_or_zero_occ_atoms.PDB_model_num 
_pdbx_unobs_or_zero_occ_atoms.polymer_flag 
_pdbx_unobs_or_zero_occ_atoms.occupancy_flag 
_pdbx_unobs_or_zero_occ_atoms.auth_asym_id 
_pdbx_unobs_or_zero_occ_atoms.auth_comp_id 
_pdbx_unobs_or_zero_occ_atoms.auth_seq_id 
_pdbx_unobs_or_zero_occ_atoms.PDB_ins_code 
_pdbx_unobs_or_zero_occ_atoms.auth_atom_id 
_pdbx_unobs_or_zero_occ_atoms.label_alt_id 
_pdbx_unobs_or_zero_occ_atoms.label_asym_id 
_pdbx_unobs_or_zero_occ_atoms.label_comp_id 
_pdbx_unobs_or_zero_occ_atoms.label_seq_id 
_pdbx_unobs_or_zero_occ_atoms.label_atom_id 
1 1 Y 1 A ASN 116 ? OD1 ? A ASN 116 OD1 
2 1 Y 1 A ASN 116 ? ND2 ? A ASN 116 ND2 
3 1 Y 1 A LYS 162 ? CG  ? A LYS 162 CG  
4 1 Y 1 A LYS 162 ? CD  ? A LYS 162 CD  
5 1 Y 1 A LYS 162 ? CE  ? A LYS 162 CE  
6 1 Y 1 A LYS 162 ? NZ  ? A LYS 162 NZ  
# 
loop_
_pdbx_unobs_or_zero_occ_residues.id 
_pdbx_unobs_or_zero_occ_residues.PDB_model_num 
_pdbx_unobs_or_zero_occ_residues.polymer_flag 
_pdbx_unobs_or_zero_occ_residues.occupancy_flag 
_pdbx_unobs_or_zero_occ_residues.auth_asym_id 
_pdbx_unobs_or_zero_occ_residues.auth_comp_id 
_pdbx_unobs_or_zero_occ_residues.auth_seq_id 
_pdbx_unobs_or_zero_occ_residues.PDB_ins_code 
_pdbx_unobs_or_zero_occ_residues.label_asym_id 
_pdbx_unobs_or_zero_occ_residues.label_comp_id 
_pdbx_unobs_or_zero_occ_residues.label_seq_id 
1  1 Y 1 A MET 1   ? A MET 1   
2  1 Y 1 A THR 109 ? A THR 109 
3  1 Y 1 A GLY 110 ? A GLY 110 
4  1 Y 1 A VAL 111 ? A VAL 111 
5  1 Y 1 A ALA 112 ? A ALA 112 
6  1 Y 1 A ASN 163 ? A ASN 163 
7  1 Y 1 A LEU 164 ? A LEU 164 
8  1 Y 1 A LEU 165 ? A LEU 165 
9  1 Y 1 A GLU 166 ? A GLU 166 
10 1 Y 1 A HIS 167 ? A HIS 167 
11 1 Y 1 A HIS 168 ? A HIS 168 
12 1 Y 1 A HIS 169 ? A HIS 169 
13 1 Y 1 A HIS 170 ? A HIS 170 
14 1 Y 1 A HIS 171 ? A HIS 171 
15 1 Y 1 A HIS 172 ? A HIS 172 
# 
loop_
_chem_comp_atom.comp_id 
_chem_comp_atom.atom_id 
_chem_comp_atom.type_symbol 
_chem_comp_atom.pdbx_aromatic_flag 
_chem_comp_atom.pdbx_stereo_config 
_chem_comp_atom.pdbx_ordinal 
ALA N    N N N 1   
ALA CA   C N S 2   
ALA C    C N N 3   
ALA O    O N N 4   
ALA CB   C N N 5   
ALA OXT  O N N 6   
ALA H    H N N 7   
ALA H2   H N N 8   
ALA HA   H N N 9   
ALA HB1  H N N 10  
ALA HB2  H N N 11  
ALA HB3  H N N 12  
ALA HXT  H N N 13  
ARG N    N N N 14  
ARG CA   C N S 15  
ARG C    C N N 16  
ARG O    O N N 17  
ARG CB   C N N 18  
ARG CG   C N N 19  
ARG CD   C N N 20  
ARG NE   N N N 21  
ARG CZ   C N N 22  
ARG NH1  N N N 23  
ARG NH2  N N N 24  
ARG OXT  O N N 25  
ARG H    H N N 26  
ARG H2   H N N 27  
ARG HA   H N N 28  
ARG HB2  H N N 29  
ARG HB3  H N N 30  
ARG HG2  H N N 31  
ARG HG3  H N N 32  
ARG HD2  H N N 33  
ARG HD3  H N N 34  
ARG HE   H N N 35  
ARG HH11 H N N 36  
ARG HH12 H N N 37  
ARG HH21 H N N 38  
ARG HH22 H N N 39  
ARG HXT  H N N 40  
ASN N    N N N 41  
ASN CA   C N S 42  
ASN C    C N N 43  
ASN O    O N N 44  
ASN CB   C N N 45  
ASN CG   C N N 46  
ASN OD1  O N N 47  
ASN ND2  N N N 48  
ASN OXT  O N N 49  
ASN H    H N N 50  
ASN H2   H N N 51  
ASN HA   H N N 52  
ASN HB2  H N N 53  
ASN HB3  H N N 54  
ASN HD21 H N N 55  
ASN HD22 H N N 56  
ASN HXT  H N N 57  
ASP N    N N N 58  
ASP CA   C N S 59  
ASP C    C N N 60  
ASP O    O N N 61  
ASP CB   C N N 62  
ASP CG   C N N 63  
ASP OD1  O N N 64  
ASP OD2  O N N 65  
ASP OXT  O N N 66  
ASP H    H N N 67  
ASP H2   H N N 68  
ASP HA   H N N 69  
ASP HB2  H N N 70  
ASP HB3  H N N 71  
ASP HD2  H N N 72  
ASP HXT  H N N 73  
BME C1   C N N 74  
BME C2   C N N 75  
BME O1   O N N 76  
BME S2   S N N 77  
BME H11  H N N 78  
BME H12  H N N 79  
BME H21  H N N 80  
BME H22  H N N 81  
BME HO1  H N N 82  
BME HS2  H N N 83  
CYS N    N N N 84  
CYS CA   C N R 85  
CYS C    C N N 86  
CYS O    O N N 87  
CYS CB   C N N 88  
CYS SG   S N N 89  
CYS OXT  O N N 90  
CYS H    H N N 91  
CYS H2   H N N 92  
CYS HA   H N N 93  
CYS HB2  H N N 94  
CYS HB3  H N N 95  
CYS HG   H N N 96  
CYS HXT  H N N 97  
GLN N    N N N 98  
GLN CA   C N S 99  
GLN C    C N N 100 
GLN O    O N N 101 
GLN CB   C N N 102 
GLN CG   C N N 103 
GLN CD   C N N 104 
GLN OE1  O N N 105 
GLN NE2  N N N 106 
GLN OXT  O N N 107 
GLN H    H N N 108 
GLN H2   H N N 109 
GLN HA   H N N 110 
GLN HB2  H N N 111 
GLN HB3  H N N 112 
GLN HG2  H N N 113 
GLN HG3  H N N 114 
GLN HE21 H N N 115 
GLN HE22 H N N 116 
GLN HXT  H N N 117 
GLU N    N N N 118 
GLU CA   C N S 119 
GLU C    C N N 120 
GLU O    O N N 121 
GLU CB   C N N 122 
GLU CG   C N N 123 
GLU CD   C N N 124 
GLU OE1  O N N 125 
GLU OE2  O N N 126 
GLU OXT  O N N 127 
GLU H    H N N 128 
GLU H2   H N N 129 
GLU HA   H N N 130 
GLU HB2  H N N 131 
GLU HB3  H N N 132 
GLU HG2  H N N 133 
GLU HG3  H N N 134 
GLU HE2  H N N 135 
GLU HXT  H N N 136 
GLY N    N N N 137 
GLY CA   C N N 138 
GLY C    C N N 139 
GLY O    O N N 140 
GLY OXT  O N N 141 
GLY H    H N N 142 
GLY H2   H N N 143 
GLY HA2  H N N 144 
GLY HA3  H N N 145 
GLY HXT  H N N 146 
HIS N    N N N 147 
HIS CA   C N S 148 
HIS C    C N N 149 
HIS O    O N N 150 
HIS CB   C N N 151 
HIS CG   C Y N 152 
HIS ND1  N Y N 153 
HIS CD2  C Y N 154 
HIS CE1  C Y N 155 
HIS NE2  N Y N 156 
HIS OXT  O N N 157 
HIS H    H N N 158 
HIS H2   H N N 159 
HIS HA   H N N 160 
HIS HB2  H N N 161 
HIS HB3  H N N 162 
HIS HD1  H N N 163 
HIS HD2  H N N 164 
HIS HE1  H N N 165 
HIS HE2  H N N 166 
HIS HXT  H N N 167 
HOH O    O N N 168 
HOH H1   H N N 169 
HOH H2   H N N 170 
ILE N    N N N 171 
ILE CA   C N S 172 
ILE C    C N N 173 
ILE O    O N N 174 
ILE CB   C N S 175 
ILE CG1  C N N 176 
ILE CG2  C N N 177 
ILE CD1  C N N 178 
ILE OXT  O N N 179 
ILE H    H N N 180 
ILE H2   H N N 181 
ILE HA   H N N 182 
ILE HB   H N N 183 
ILE HG12 H N N 184 
ILE HG13 H N N 185 
ILE HG21 H N N 186 
ILE HG22 H N N 187 
ILE HG23 H N N 188 
ILE HD11 H N N 189 
ILE HD12 H N N 190 
ILE HD13 H N N 191 
ILE HXT  H N N 192 
LEU N    N N N 193 
LEU CA   C N S 194 
LEU C    C N N 195 
LEU O    O N N 196 
LEU CB   C N N 197 
LEU CG   C N N 198 
LEU CD1  C N N 199 
LEU CD2  C N N 200 
LEU OXT  O N N 201 
LEU H    H N N 202 
LEU H2   H N N 203 
LEU HA   H N N 204 
LEU HB2  H N N 205 
LEU HB3  H N N 206 
LEU HG   H N N 207 
LEU HD11 H N N 208 
LEU HD12 H N N 209 
LEU HD13 H N N 210 
LEU HD21 H N N 211 
LEU HD22 H N N 212 
LEU HD23 H N N 213 
LEU HXT  H N N 214 
LYS N    N N N 215 
LYS CA   C N S 216 
LYS C    C N N 217 
LYS O    O N N 218 
LYS CB   C N N 219 
LYS CG   C N N 220 
LYS CD   C N N 221 
LYS CE   C N N 222 
LYS NZ   N N N 223 
LYS OXT  O N N 224 
LYS H    H N N 225 
LYS H2   H N N 226 
LYS HA   H N N 227 
LYS HB2  H N N 228 
LYS HB3  H N N 229 
LYS HG2  H N N 230 
LYS HG3  H N N 231 
LYS HD2  H N N 232 
LYS HD3  H N N 233 
LYS HE2  H N N 234 
LYS HE3  H N N 235 
LYS HZ1  H N N 236 
LYS HZ2  H N N 237 
LYS HZ3  H N N 238 
LYS HXT  H N N 239 
MET N    N N N 240 
MET CA   C N S 241 
MET C    C N N 242 
MET O    O N N 243 
MET CB   C N N 244 
MET CG   C N N 245 
MET SD   S N N 246 
MET CE   C N N 247 
MET OXT  O N N 248 
MET H    H N N 249 
MET H2   H N N 250 
MET HA   H N N 251 
MET HB2  H N N 252 
MET HB3  H N N 253 
MET HG2  H N N 254 
MET HG3  H N N 255 
MET HE1  H N N 256 
MET HE2  H N N 257 
MET HE3  H N N 258 
MET HXT  H N N 259 
PHE N    N N N 260 
PHE CA   C N S 261 
PHE C    C N N 262 
PHE O    O N N 263 
PHE CB   C N N 264 
PHE CG   C Y N 265 
PHE CD1  C Y N 266 
PHE CD2  C Y N 267 
PHE CE1  C Y N 268 
PHE CE2  C Y N 269 
PHE CZ   C Y N 270 
PHE OXT  O N N 271 
PHE H    H N N 272 
PHE H2   H N N 273 
PHE HA   H N N 274 
PHE HB2  H N N 275 
PHE HB3  H N N 276 
PHE HD1  H N N 277 
PHE HD2  H N N 278 
PHE HE1  H N N 279 
PHE HE2  H N N 280 
PHE HZ   H N N 281 
PHE HXT  H N N 282 
PRO N    N N N 283 
PRO CA   C N S 284 
PRO C    C N N 285 
PRO O    O N N 286 
PRO CB   C N N 287 
PRO CG   C N N 288 
PRO CD   C N N 289 
PRO OXT  O N N 290 
PRO H    H N N 291 
PRO HA   H N N 292 
PRO HB2  H N N 293 
PRO HB3  H N N 294 
PRO HG2  H N N 295 
PRO HG3  H N N 296 
PRO HD2  H N N 297 
PRO HD3  H N N 298 
PRO HXT  H N N 299 
SER N    N N N 300 
SER CA   C N S 301 
SER C    C N N 302 
SER O    O N N 303 
SER CB   C N N 304 
SER OG   O N N 305 
SER OXT  O N N 306 
SER H    H N N 307 
SER H2   H N N 308 
SER HA   H N N 309 
SER HB2  H N N 310 
SER HB3  H N N 311 
SER HG   H N N 312 
SER HXT  H N N 313 
THR N    N N N 314 
THR CA   C N S 315 
THR C    C N N 316 
THR O    O N N 317 
THR CB   C N R 318 
THR OG1  O N N 319 
THR CG2  C N N 320 
THR OXT  O N N 321 
THR H    H N N 322 
THR H2   H N N 323 
THR HA   H N N 324 
THR HB   H N N 325 
THR HG1  H N N 326 
THR HG21 H N N 327 
THR HG22 H N N 328 
THR HG23 H N N 329 
THR HXT  H N N 330 
TRP N    N N N 331 
TRP CA   C N S 332 
TRP C    C N N 333 
TRP O    O N N 334 
TRP CB   C N N 335 
TRP CG   C Y N 336 
TRP CD1  C Y N 337 
TRP CD2  C Y N 338 
TRP NE1  N Y N 339 
TRP CE2  C Y N 340 
TRP CE3  C Y N 341 
TRP CZ2  C Y N 342 
TRP CZ3  C Y N 343 
TRP CH2  C Y N 344 
TRP OXT  O N N 345 
TRP H    H N N 346 
TRP H2   H N N 347 
TRP HA   H N N 348 
TRP HB2  H N N 349 
TRP HB3  H N N 350 
TRP HD1  H N N 351 
TRP HE1  H N N 352 
TRP HE3  H N N 353 
TRP HZ2  H N N 354 
TRP HZ3  H N N 355 
TRP HH2  H N N 356 
TRP HXT  H N N 357 
TRS C    C N N 358 
TRS C1   C N N 359 
TRS C2   C N N 360 
TRS C3   C N N 361 
TRS N    N N N 362 
TRS O1   O N N 363 
TRS O2   O N N 364 
TRS O3   O N N 365 
TRS H11  H N N 366 
TRS H12  H N N 367 
TRS H21  H N N 368 
TRS H22  H N N 369 
TRS H31  H N N 370 
TRS H32  H N N 371 
TRS HN1  H N N 372 
TRS HN2  H N N 373 
TRS HN3  H N N 374 
TRS HO1  H N N 375 
TRS HO2  H N N 376 
TRS HO3  H N N 377 
TYR N    N N N 378 
TYR CA   C N S 379 
TYR C    C N N 380 
TYR O    O N N 381 
TYR CB   C N N 382 
TYR CG   C Y N 383 
TYR CD1  C Y N 384 
TYR CD2  C Y N 385 
TYR CE1  C Y N 386 
TYR CE2  C Y N 387 
TYR CZ   C Y N 388 
TYR OH   O N N 389 
TYR OXT  O N N 390 
TYR H    H N N 391 
TYR H2   H N N 392 
TYR HA   H N N 393 
TYR HB2  H N N 394 
TYR HB3  H N N 395 
TYR HD1  H N N 396 
TYR HD2  H N N 397 
TYR HE1  H N N 398 
TYR HE2  H N N 399 
TYR HH   H N N 400 
TYR HXT  H N N 401 
VAL N    N N N 402 
VAL CA   C N S 403 
VAL C    C N N 404 
VAL O    O N N 405 
VAL CB   C N N 406 
VAL CG1  C N N 407 
VAL CG2  C N N 408 
VAL OXT  O N N 409 
VAL H    H N N 410 
VAL H2   H N N 411 
VAL HA   H N N 412 
VAL HB   H N N 413 
VAL HG11 H N N 414 
VAL HG12 H N N 415 
VAL HG13 H N N 416 
VAL HG21 H N N 417 
VAL HG22 H N N 418 
VAL HG23 H N N 419 
VAL HXT  H N N 420 
YGS C10  C Y N 421 
YGS C01  C N N 422 
YGS C02  C N N 423 
YGS C03  C N N 424 
YGS C04  C N N 425 
YGS C05  C Y N 426 
YGS C06  C Y N 427 
YGS C07  C Y N 428 
YGS C08  C Y N 429 
YGS C09  C Y N 430 
YGS H1   H N N 431 
YGS H2   H N N 432 
YGS H3   H N N 433 
YGS H4   H N N 434 
YGS H5   H N N 435 
YGS H6   H N N 436 
YGS H7   H N N 437 
YGS H8   H N N 438 
YGS H9   H N N 439 
YGS H10  H N N 440 
YGS H11  H N N 441 
YGS H12  H N N 442 
# 
loop_
_chem_comp_bond.comp_id 
_chem_comp_bond.atom_id_1 
_chem_comp_bond.atom_id_2 
_chem_comp_bond.value_order 
_chem_comp_bond.pdbx_aromatic_flag 
_chem_comp_bond.pdbx_stereo_config 
_chem_comp_bond.pdbx_ordinal 
ALA N   CA   sing N N 1   
ALA N   H    sing N N 2   
ALA N   H2   sing N N 3   
ALA CA  C    sing N N 4   
ALA CA  CB   sing N N 5   
ALA CA  HA   sing N N 6   
ALA C   O    doub N N 7   
ALA C   OXT  sing N N 8   
ALA CB  HB1  sing N N 9   
ALA CB  HB2  sing N N 10  
ALA CB  HB3  sing N N 11  
ALA OXT HXT  sing N N 12  
ARG N   CA   sing N N 13  
ARG N   H    sing N N 14  
ARG N   H2   sing N N 15  
ARG CA  C    sing N N 16  
ARG CA  CB   sing N N 17  
ARG CA  HA   sing N N 18  
ARG C   O    doub N N 19  
ARG C   OXT  sing N N 20  
ARG CB  CG   sing N N 21  
ARG CB  HB2  sing N N 22  
ARG CB  HB3  sing N N 23  
ARG CG  CD   sing N N 24  
ARG CG  HG2  sing N N 25  
ARG CG  HG3  sing N N 26  
ARG CD  NE   sing N N 27  
ARG CD  HD2  sing N N 28  
ARG CD  HD3  sing N N 29  
ARG NE  CZ   sing N N 30  
ARG NE  HE   sing N N 31  
ARG CZ  NH1  sing N N 32  
ARG CZ  NH2  doub N N 33  
ARG NH1 HH11 sing N N 34  
ARG NH1 HH12 sing N N 35  
ARG NH2 HH21 sing N N 36  
ARG NH2 HH22 sing N N 37  
ARG OXT HXT  sing N N 38  
ASN N   CA   sing N N 39  
ASN N   H    sing N N 40  
ASN N   H2   sing N N 41  
ASN CA  C    sing N N 42  
ASN CA  CB   sing N N 43  
ASN CA  HA   sing N N 44  
ASN C   O    doub N N 45  
ASN C   OXT  sing N N 46  
ASN CB  CG   sing N N 47  
ASN CB  HB2  sing N N 48  
ASN CB  HB3  sing N N 49  
ASN CG  OD1  doub N N 50  
ASN CG  ND2  sing N N 51  
ASN ND2 HD21 sing N N 52  
ASN ND2 HD22 sing N N 53  
ASN OXT HXT  sing N N 54  
ASP N   CA   sing N N 55  
ASP N   H    sing N N 56  
ASP N   H2   sing N N 57  
ASP CA  C    sing N N 58  
ASP CA  CB   sing N N 59  
ASP CA  HA   sing N N 60  
ASP C   O    doub N N 61  
ASP C   OXT  sing N N 62  
ASP CB  CG   sing N N 63  
ASP CB  HB2  sing N N 64  
ASP CB  HB3  sing N N 65  
ASP CG  OD1  doub N N 66  
ASP CG  OD2  sing N N 67  
ASP OD2 HD2  sing N N 68  
ASP OXT HXT  sing N N 69  
BME C1  C2   sing N N 70  
BME C1  O1   sing N N 71  
BME C1  H11  sing N N 72  
BME C1  H12  sing N N 73  
BME C2  S2   sing N N 74  
BME C2  H21  sing N N 75  
BME C2  H22  sing N N 76  
BME O1  HO1  sing N N 77  
BME S2  HS2  sing N N 78  
CYS N   CA   sing N N 79  
CYS N   H    sing N N 80  
CYS N   H2   sing N N 81  
CYS CA  C    sing N N 82  
CYS CA  CB   sing N N 83  
CYS CA  HA   sing N N 84  
CYS C   O    doub N N 85  
CYS C   OXT  sing N N 86  
CYS CB  SG   sing N N 87  
CYS CB  HB2  sing N N 88  
CYS CB  HB3  sing N N 89  
CYS SG  HG   sing N N 90  
CYS OXT HXT  sing N N 91  
GLN N   CA   sing N N 92  
GLN N   H    sing N N 93  
GLN N   H2   sing N N 94  
GLN CA  C    sing N N 95  
GLN CA  CB   sing N N 96  
GLN CA  HA   sing N N 97  
GLN C   O    doub N N 98  
GLN C   OXT  sing N N 99  
GLN CB  CG   sing N N 100 
GLN CB  HB2  sing N N 101 
GLN CB  HB3  sing N N 102 
GLN CG  CD   sing N N 103 
GLN CG  HG2  sing N N 104 
GLN CG  HG3  sing N N 105 
GLN CD  OE1  doub N N 106 
GLN CD  NE2  sing N N 107 
GLN NE2 HE21 sing N N 108 
GLN NE2 HE22 sing N N 109 
GLN OXT HXT  sing N N 110 
GLU N   CA   sing N N 111 
GLU N   H    sing N N 112 
GLU N   H2   sing N N 113 
GLU CA  C    sing N N 114 
GLU CA  CB   sing N N 115 
GLU CA  HA   sing N N 116 
GLU C   O    doub N N 117 
GLU C   OXT  sing N N 118 
GLU CB  CG   sing N N 119 
GLU CB  HB2  sing N N 120 
GLU CB  HB3  sing N N 121 
GLU CG  CD   sing N N 122 
GLU CG  HG2  sing N N 123 
GLU CG  HG3  sing N N 124 
GLU CD  OE1  doub N N 125 
GLU CD  OE2  sing N N 126 
GLU OE2 HE2  sing N N 127 
GLU OXT HXT  sing N N 128 
GLY N   CA   sing N N 129 
GLY N   H    sing N N 130 
GLY N   H2   sing N N 131 
GLY CA  C    sing N N 132 
GLY CA  HA2  sing N N 133 
GLY CA  HA3  sing N N 134 
GLY C   O    doub N N 135 
GLY C   OXT  sing N N 136 
GLY OXT HXT  sing N N 137 
HIS N   CA   sing N N 138 
HIS N   H    sing N N 139 
HIS N   H2   sing N N 140 
HIS CA  C    sing N N 141 
HIS CA  CB   sing N N 142 
HIS CA  HA   sing N N 143 
HIS C   O    doub N N 144 
HIS C   OXT  sing N N 145 
HIS CB  CG   sing N N 146 
HIS CB  HB2  sing N N 147 
HIS CB  HB3  sing N N 148 
HIS CG  ND1  sing Y N 149 
HIS CG  CD2  doub Y N 150 
HIS ND1 CE1  doub Y N 151 
HIS ND1 HD1  sing N N 152 
HIS CD2 NE2  sing Y N 153 
HIS CD2 HD2  sing N N 154 
HIS CE1 NE2  sing Y N 155 
HIS CE1 HE1  sing N N 156 
HIS NE2 HE2  sing N N 157 
HIS OXT HXT  sing N N 158 
HOH O   H1   sing N N 159 
HOH O   H2   sing N N 160 
ILE N   CA   sing N N 161 
ILE N   H    sing N N 162 
ILE N   H2   sing N N 163 
ILE CA  C    sing N N 164 
ILE CA  CB   sing N N 165 
ILE CA  HA   sing N N 166 
ILE C   O    doub N N 167 
ILE C   OXT  sing N N 168 
ILE CB  CG1  sing N N 169 
ILE CB  CG2  sing N N 170 
ILE CB  HB   sing N N 171 
ILE CG1 CD1  sing N N 172 
ILE CG1 HG12 sing N N 173 
ILE CG1 HG13 sing N N 174 
ILE CG2 HG21 sing N N 175 
ILE CG2 HG22 sing N N 176 
ILE CG2 HG23 sing N N 177 
ILE CD1 HD11 sing N N 178 
ILE CD1 HD12 sing N N 179 
ILE CD1 HD13 sing N N 180 
ILE OXT HXT  sing N N 181 
LEU N   CA   sing N N 182 
LEU N   H    sing N N 183 
LEU N   H2   sing N N 184 
LEU CA  C    sing N N 185 
LEU CA  CB   sing N N 186 
LEU CA  HA   sing N N 187 
LEU C   O    doub N N 188 
LEU C   OXT  sing N N 189 
LEU CB  CG   sing N N 190 
LEU CB  HB2  sing N N 191 
LEU CB  HB3  sing N N 192 
LEU CG  CD1  sing N N 193 
LEU CG  CD2  sing N N 194 
LEU CG  HG   sing N N 195 
LEU CD1 HD11 sing N N 196 
LEU CD1 HD12 sing N N 197 
LEU CD1 HD13 sing N N 198 
LEU CD2 HD21 sing N N 199 
LEU CD2 HD22 sing N N 200 
LEU CD2 HD23 sing N N 201 
LEU OXT HXT  sing N N 202 
LYS N   CA   sing N N 203 
LYS N   H    sing N N 204 
LYS N   H2   sing N N 205 
LYS CA  C    sing N N 206 
LYS CA  CB   sing N N 207 
LYS CA  HA   sing N N 208 
LYS C   O    doub N N 209 
LYS C   OXT  sing N N 210 
LYS CB  CG   sing N N 211 
LYS CB  HB2  sing N N 212 
LYS CB  HB3  sing N N 213 
LYS CG  CD   sing N N 214 
LYS CG  HG2  sing N N 215 
LYS CG  HG3  sing N N 216 
LYS CD  CE   sing N N 217 
LYS CD  HD2  sing N N 218 
LYS CD  HD3  sing N N 219 
LYS CE  NZ   sing N N 220 
LYS CE  HE2  sing N N 221 
LYS CE  HE3  sing N N 222 
LYS NZ  HZ1  sing N N 223 
LYS NZ  HZ2  sing N N 224 
LYS NZ  HZ3  sing N N 225 
LYS OXT HXT  sing N N 226 
MET N   CA   sing N N 227 
MET N   H    sing N N 228 
MET N   H2   sing N N 229 
MET CA  C    sing N N 230 
MET CA  CB   sing N N 231 
MET CA  HA   sing N N 232 
MET C   O    doub N N 233 
MET C   OXT  sing N N 234 
MET CB  CG   sing N N 235 
MET CB  HB2  sing N N 236 
MET CB  HB3  sing N N 237 
MET CG  SD   sing N N 238 
MET CG  HG2  sing N N 239 
MET CG  HG3  sing N N 240 
MET SD  CE   sing N N 241 
MET CE  HE1  sing N N 242 
MET CE  HE2  sing N N 243 
MET CE  HE3  sing N N 244 
MET OXT HXT  sing N N 245 
PHE N   CA   sing N N 246 
PHE N   H    sing N N 247 
PHE N   H2   sing N N 248 
PHE CA  C    sing N N 249 
PHE CA  CB   sing N N 250 
PHE CA  HA   sing N N 251 
PHE C   O    doub N N 252 
PHE C   OXT  sing N N 253 
PHE CB  CG   sing N N 254 
PHE CB  HB2  sing N N 255 
PHE CB  HB3  sing N N 256 
PHE CG  CD1  doub Y N 257 
PHE CG  CD2  sing Y N 258 
PHE CD1 CE1  sing Y N 259 
PHE CD1 HD1  sing N N 260 
PHE CD2 CE2  doub Y N 261 
PHE CD2 HD2  sing N N 262 
PHE CE1 CZ   doub Y N 263 
PHE CE1 HE1  sing N N 264 
PHE CE2 CZ   sing Y N 265 
PHE CE2 HE2  sing N N 266 
PHE CZ  HZ   sing N N 267 
PHE OXT HXT  sing N N 268 
PRO N   CA   sing N N 269 
PRO N   CD   sing N N 270 
PRO N   H    sing N N 271 
PRO CA  C    sing N N 272 
PRO CA  CB   sing N N 273 
PRO CA  HA   sing N N 274 
PRO C   O    doub N N 275 
PRO C   OXT  sing N N 276 
PRO CB  CG   sing N N 277 
PRO CB  HB2  sing N N 278 
PRO CB  HB3  sing N N 279 
PRO CG  CD   sing N N 280 
PRO CG  HG2  sing N N 281 
PRO CG  HG3  sing N N 282 
PRO CD  HD2  sing N N 283 
PRO CD  HD3  sing N N 284 
PRO OXT HXT  sing N N 285 
SER N   CA   sing N N 286 
SER N   H    sing N N 287 
SER N   H2   sing N N 288 
SER CA  C    sing N N 289 
SER CA  CB   sing N N 290 
SER CA  HA   sing N N 291 
SER C   O    doub N N 292 
SER C   OXT  sing N N 293 
SER CB  OG   sing N N 294 
SER CB  HB2  sing N N 295 
SER CB  HB3  sing N N 296 
SER OG  HG   sing N N 297 
SER OXT HXT  sing N N 298 
THR N   CA   sing N N 299 
THR N   H    sing N N 300 
THR N   H2   sing N N 301 
THR CA  C    sing N N 302 
THR CA  CB   sing N N 303 
THR CA  HA   sing N N 304 
THR C   O    doub N N 305 
THR C   OXT  sing N N 306 
THR CB  OG1  sing N N 307 
THR CB  CG2  sing N N 308 
THR CB  HB   sing N N 309 
THR OG1 HG1  sing N N 310 
THR CG2 HG21 sing N N 311 
THR CG2 HG22 sing N N 312 
THR CG2 HG23 sing N N 313 
THR OXT HXT  sing N N 314 
TRP N   CA   sing N N 315 
TRP N   H    sing N N 316 
TRP N   H2   sing N N 317 
TRP CA  C    sing N N 318 
TRP CA  CB   sing N N 319 
TRP CA  HA   sing N N 320 
TRP C   O    doub N N 321 
TRP C   OXT  sing N N 322 
TRP CB  CG   sing N N 323 
TRP CB  HB2  sing N N 324 
TRP CB  HB3  sing N N 325 
TRP CG  CD1  doub Y N 326 
TRP CG  CD2  sing Y N 327 
TRP CD1 NE1  sing Y N 328 
TRP CD1 HD1  sing N N 329 
TRP CD2 CE2  doub Y N 330 
TRP CD2 CE3  sing Y N 331 
TRP NE1 CE2  sing Y N 332 
TRP NE1 HE1  sing N N 333 
TRP CE2 CZ2  sing Y N 334 
TRP CE3 CZ3  doub Y N 335 
TRP CE3 HE3  sing N N 336 
TRP CZ2 CH2  doub Y N 337 
TRP CZ2 HZ2  sing N N 338 
TRP CZ3 CH2  sing Y N 339 
TRP CZ3 HZ3  sing N N 340 
TRP CH2 HH2  sing N N 341 
TRP OXT HXT  sing N N 342 
TRS C   C1   sing N N 343 
TRS C   C2   sing N N 344 
TRS C   C3   sing N N 345 
TRS C   N    sing N N 346 
TRS C1  O1   sing N N 347 
TRS C1  H11  sing N N 348 
TRS C1  H12  sing N N 349 
TRS C2  O2   sing N N 350 
TRS C2  H21  sing N N 351 
TRS C2  H22  sing N N 352 
TRS C3  O3   sing N N 353 
TRS C3  H31  sing N N 354 
TRS C3  H32  sing N N 355 
TRS N   HN1  sing N N 356 
TRS N   HN2  sing N N 357 
TRS N   HN3  sing N N 358 
TRS O1  HO1  sing N N 359 
TRS O2  HO2  sing N N 360 
TRS O3  HO3  sing N N 361 
TYR N   CA   sing N N 362 
TYR N   H    sing N N 363 
TYR N   H2   sing N N 364 
TYR CA  C    sing N N 365 
TYR CA  CB   sing N N 366 
TYR CA  HA   sing N N 367 
TYR C   O    doub N N 368 
TYR C   OXT  sing N N 369 
TYR CB  CG   sing N N 370 
TYR CB  HB2  sing N N 371 
TYR CB  HB3  sing N N 372 
TYR CG  CD1  doub Y N 373 
TYR CG  CD2  sing Y N 374 
TYR CD1 CE1  sing Y N 375 
TYR CD1 HD1  sing N N 376 
TYR CD2 CE2  doub Y N 377 
TYR CD2 HD2  sing N N 378 
TYR CE1 CZ   doub Y N 379 
TYR CE1 HE1  sing N N 380 
TYR CE2 CZ   sing Y N 381 
TYR CE2 HE2  sing N N 382 
TYR CZ  OH   sing N N 383 
TYR OH  HH   sing N N 384 
TYR OXT HXT  sing N N 385 
VAL N   CA   sing N N 386 
VAL N   H    sing N N 387 
VAL N   H2   sing N N 388 
VAL CA  C    sing N N 389 
VAL CA  CB   sing N N 390 
VAL CA  HA   sing N N 391 
VAL C   O    doub N N 392 
VAL C   OXT  sing N N 393 
VAL CB  CG1  sing N N 394 
VAL CB  CG2  sing N N 395 
VAL CB  HB   sing N N 396 
VAL CG1 HG11 sing N N 397 
VAL CG1 HG12 sing N N 398 
VAL CG1 HG13 sing N N 399 
VAL CG2 HG21 sing N N 400 
VAL CG2 HG22 sing N N 401 
VAL CG2 HG23 sing N N 402 
VAL OXT HXT  sing N N 403 
YGS C09 C08  doub Y N 404 
YGS C09 C10  sing Y N 405 
YGS C08 C07  sing Y N 406 
YGS C10 C05  doub Y N 407 
YGS C07 C06  doub Y N 408 
YGS C05 C06  sing Y N 409 
YGS C05 C04  sing N N 410 
YGS C04 C02  sing N N 411 
YGS C01 C02  doub N N 412 
YGS C02 C03  sing N N 413 
YGS C10 H1   sing N N 414 
YGS C01 H2   sing N N 415 
YGS C01 H3   sing N N 416 
YGS C03 H4   sing N N 417 
YGS C03 H5   sing N N 418 
YGS C03 H6   sing N N 419 
YGS C04 H7   sing N N 420 
YGS C04 H8   sing N N 421 
YGS C06 H9   sing N N 422 
YGS C07 H10  sing N N 423 
YGS C08 H11  sing N N 424 
YGS C09 H12  sing N N 425 
# 
_pdbx_audit_support.funding_organization   
'National Institutes of Health/National Institute of General Medical Sciences (NIH/NIGMS)' 
_pdbx_audit_support.country                'United States' 
_pdbx_audit_support.grant_number           ? 
_pdbx_audit_support.ordinal                1 
# 
_pdbx_entity_instance_feature.ordinal        1 
_pdbx_entity_instance_feature.comp_id        YGS 
_pdbx_entity_instance_feature.asym_id        ? 
_pdbx_entity_instance_feature.seq_num        ? 
_pdbx_entity_instance_feature.auth_comp_id   YGS 
_pdbx_entity_instance_feature.auth_asym_id   ? 
_pdbx_entity_instance_feature.auth_seq_num   ? 
_pdbx_entity_instance_feature.feature_type   'SUBJECT OF INVESTIGATION' 
_pdbx_entity_instance_feature.details        ? 
# 
loop_
_pdbx_entity_nonpoly.entity_id 
_pdbx_entity_nonpoly.name 
_pdbx_entity_nonpoly.comp_id 
2 '(2-methylprop-2-en-1-yl)benzene'        YGS 
3 BETA-MERCAPTOETHANOL                     BME 
4 2-AMINO-2-HYDROXYMETHYL-PROPANE-1,3-DIOL TRS 
5 water                                    HOH 
# 
_pdbx_initial_refinement_model.id               1 
_pdbx_initial_refinement_model.entity_id_list   ? 
_pdbx_initial_refinement_model.type             'experimental model' 
_pdbx_initial_refinement_model.source_name      PDB 
_pdbx_initial_refinement_model.accession_code   4W57 
_pdbx_initial_refinement_model.details          ? 
# 
_pdbx_struct_assembly_auth_evidence.id                     1 
_pdbx_struct_assembly_auth_evidence.assembly_id            1 
_pdbx_struct_assembly_auth_evidence.experimental_support   none 
_pdbx_struct_assembly_auth_evidence.details                ? 
# 
